data_5T3L
# 
_entry.id   5T3L 
# 
_audit_conform.dict_name       mmcif_pdbx.dic 
_audit_conform.dict_version    5.387 
_audit_conform.dict_location   http://mmcif.pdb.org/dictionaries/ascii/mmcif_pdbx.dic 
# 
loop_
_database_2.database_id 
_database_2.database_code 
_database_2.pdbx_database_accession 
_database_2.pdbx_DOI 
PDB   5T3L         pdb_00005t3l 10.2210/pdb5t3l/pdb 
WWPDB D_1000223624 ?            ?                   
# 
loop_
_pdbx_audit_revision_history.ordinal 
_pdbx_audit_revision_history.data_content_type 
_pdbx_audit_revision_history.major_revision 
_pdbx_audit_revision_history.minor_revision 
_pdbx_audit_revision_history.revision_date 
1 'Structure model' 1 0 2016-11-30 
2 'Structure model' 1 1 2017-09-27 
3 'Structure model' 1 2 2019-12-04 
4 'Structure model' 1 3 2024-03-06 
# 
_pdbx_audit_revision_details.ordinal             1 
_pdbx_audit_revision_details.revision_ordinal    1 
_pdbx_audit_revision_details.data_content_type   'Structure model' 
_pdbx_audit_revision_details.provider            repository 
_pdbx_audit_revision_details.type                'Initial release' 
_pdbx_audit_revision_details.description         ? 
_pdbx_audit_revision_details.details             ? 
# 
loop_
_pdbx_audit_revision_group.ordinal 
_pdbx_audit_revision_group.revision_ordinal 
_pdbx_audit_revision_group.data_content_type 
_pdbx_audit_revision_group.group 
1 2 'Structure model' 'Author supporting evidence' 
2 3 'Structure model' 'Author supporting evidence' 
3 4 'Structure model' 'Data collection'            
4 4 'Structure model' 'Database references'        
# 
loop_
_pdbx_audit_revision_category.ordinal 
_pdbx_audit_revision_category.revision_ordinal 
_pdbx_audit_revision_category.data_content_type 
_pdbx_audit_revision_category.category 
1 2 'Structure model' pdbx_audit_support 
2 3 'Structure model' pdbx_audit_support 
3 4 'Structure model' chem_comp_atom     
4 4 'Structure model' chem_comp_bond     
5 4 'Structure model' database_2         
# 
loop_
_pdbx_audit_revision_item.ordinal 
_pdbx_audit_revision_item.revision_ordinal 
_pdbx_audit_revision_item.data_content_type 
_pdbx_audit_revision_item.item 
1 2 'Structure model' '_pdbx_audit_support.funding_organization' 
2 3 'Structure model' '_pdbx_audit_support.funding_organization' 
3 4 'Structure model' '_database_2.pdbx_DOI'                     
4 4 'Structure model' '_database_2.pdbx_database_accession'      
# 
_pdbx_database_status.status_code                     REL 
_pdbx_database_status.status_code_sf                  REL 
_pdbx_database_status.status_code_mr                  ? 
_pdbx_database_status.entry_id                        5T3L 
_pdbx_database_status.recvd_initial_deposition_date   2016-08-25 
_pdbx_database_status.SG_entry                        N 
_pdbx_database_status.deposit_site                    RCSB 
_pdbx_database_status.process_site                    RCSB 
_pdbx_database_status.status_code_cs                  ? 
_pdbx_database_status.methods_development_category    ? 
_pdbx_database_status.pdb_format_compatible           Y 
_pdbx_database_status.status_code_nmr_data            ? 
# 
loop_
_audit_author.name 
_audit_author.pdbx_ordinal 
_audit_author.identifier_ORCID 
'Luo, Z.'    1 ? 
'Dauter, Z.' 2 ? 
# 
_citation.abstract                  ? 
_citation.abstract_id_CAS           ? 
_citation.book_id_ISBN              ? 
_citation.book_publisher            ? 
_citation.book_publisher_city       ? 
_citation.book_title                ? 
_citation.coordinate_linkage        ? 
_citation.country                   UK 
_citation.database_id_Medline       ? 
_citation.details                   ? 
_citation.id                        primary 
_citation.journal_abbrev            'Sci Rep' 
_citation.journal_id_ASTM           ? 
_citation.journal_id_CSD            ? 
_citation.journal_id_ISSN           2045-2322 
_citation.journal_full              ? 
_citation.journal_issue             ? 
_citation.journal_volume            6 
_citation.language                  ? 
_citation.page_first                37123 
_citation.page_last                 37123 
_citation.title                     'Selenourea: a convenient phasing vehicle for macromolecular X-ray crystal structures.' 
_citation.year                      2016 
_citation.database_id_CSD           ? 
_citation.pdbx_database_id_DOI      10.1038/srep37123 
_citation.pdbx_database_id_PubMed   27841370 
_citation.unpublished_flag          ? 
# 
_citation_author.citation_id        primary 
_citation_author.name               'Luo, Z.' 
_citation_author.ordinal            1 
_citation_author.identifier_ORCID   ? 
# 
loop_
_entity.id 
_entity.type 
_entity.src_method 
_entity.pdbx_description 
_entity.formula_weight 
_entity.pdbx_number_of_molecules 
_entity.pdbx_ec 
_entity.pdbx_mutation 
_entity.pdbx_fragment 
_entity.details 
1 polymer     syn 
;DNA (5'-D(*CP*GP*CP*GP*AP*AP*TP*TP*CP*GP*CP*G)-3')
;
3663.392 2   ? ? ? ? 
2 non-polymer syn selenourea                                           123.016  2   ? ? ? ? 
3 water       nat water                                                18.015   111 ? ? ? ? 
# 
_entity_poly.entity_id                      1 
_entity_poly.type                           polydeoxyribonucleotide 
_entity_poly.nstd_linkage                   no 
_entity_poly.nstd_monomer                   no 
_entity_poly.pdbx_seq_one_letter_code       '(DC)(DG)(DC)(DG)(DA)(DA)(DT)(DT)(DC)(DG)(DC)(DG)' 
_entity_poly.pdbx_seq_one_letter_code_can   CGCGAATTCGCG 
_entity_poly.pdbx_strand_id                 A,B 
_entity_poly.pdbx_target_identifier         ? 
# 
loop_
_pdbx_entity_nonpoly.entity_id 
_pdbx_entity_nonpoly.name 
_pdbx_entity_nonpoly.comp_id 
2 selenourea SEY 
3 water      HOH 
# 
loop_
_entity_poly_seq.entity_id 
_entity_poly_seq.num 
_entity_poly_seq.mon_id 
_entity_poly_seq.hetero 
1 1  DC n 
1 2  DG n 
1 3  DC n 
1 4  DG n 
1 5  DA n 
1 6  DA n 
1 7  DT n 
1 8  DT n 
1 9  DC n 
1 10 DG n 
1 11 DC n 
1 12 DG n 
# 
_pdbx_entity_src_syn.entity_id              1 
_pdbx_entity_src_syn.pdbx_src_id            1 
_pdbx_entity_src_syn.pdbx_alt_source_flag   sample 
_pdbx_entity_src_syn.pdbx_beg_seq_num       1 
_pdbx_entity_src_syn.pdbx_end_seq_num       12 
_pdbx_entity_src_syn.organism_scientific    'synthetic construct' 
_pdbx_entity_src_syn.organism_common_name   ? 
_pdbx_entity_src_syn.ncbi_taxonomy_id       32630 
_pdbx_entity_src_syn.details                ? 
# 
loop_
_chem_comp.id 
_chem_comp.type 
_chem_comp.mon_nstd_flag 
_chem_comp.name 
_chem_comp.pdbx_synonyms 
_chem_comp.formula 
_chem_comp.formula_weight 
DA  'DNA linking' y "2'-DEOXYADENOSINE-5'-MONOPHOSPHATE" ? 'C10 H14 N5 O6 P' 331.222 
DC  'DNA linking' y "2'-DEOXYCYTIDINE-5'-MONOPHOSPHATE"  ? 'C9 H14 N3 O7 P'  307.197 
DG  'DNA linking' y "2'-DEOXYGUANOSINE-5'-MONOPHOSPHATE" ? 'C10 H14 N5 O7 P' 347.221 
DT  'DNA linking' y "THYMIDINE-5'-MONOPHOSPHATE"         ? 'C10 H15 N2 O8 P' 322.208 
HOH non-polymer   . WATER                                ? 'H2 O'            18.015  
SEY non-polymer   . selenourea                           ? 'C H4 N2 Se'      123.016 
# 
loop_
_pdbx_poly_seq_scheme.asym_id 
_pdbx_poly_seq_scheme.entity_id 
_pdbx_poly_seq_scheme.seq_id 
_pdbx_poly_seq_scheme.mon_id 
_pdbx_poly_seq_scheme.ndb_seq_num 
_pdbx_poly_seq_scheme.pdb_seq_num 
_pdbx_poly_seq_scheme.auth_seq_num 
_pdbx_poly_seq_scheme.pdb_mon_id 
_pdbx_poly_seq_scheme.auth_mon_id 
_pdbx_poly_seq_scheme.pdb_strand_id 
_pdbx_poly_seq_scheme.pdb_ins_code 
_pdbx_poly_seq_scheme.hetero 
A 1 1  DC 1  1  1  DC DC A . n 
A 1 2  DG 2  2  2  DG DG A . n 
A 1 3  DC 3  3  3  DC DC A . n 
A 1 4  DG 4  4  4  DG DG A . n 
A 1 5  DA 5  5  5  DA DA A . n 
A 1 6  DA 6  6  6  DA DA A . n 
A 1 7  DT 7  7  7  DT DT A . n 
A 1 8  DT 8  8  8  DT DT A . n 
A 1 9  DC 9  9  9  DC DC A . n 
A 1 10 DG 10 10 10 DG DG A . n 
A 1 11 DC 11 11 11 DC DC A . n 
A 1 12 DG 12 12 12 DG DG A . n 
B 1 1  DC 1  13 13 DC DC B . n 
B 1 2  DG 2  14 14 DG DG B . n 
B 1 3  DC 3  15 15 DC DC B . n 
B 1 4  DG 4  16 16 DG DG B . n 
B 1 5  DA 5  17 17 DA DA B . n 
B 1 6  DA 6  18 18 DA DA B . n 
B 1 7  DT 7  19 19 DT DT B . n 
B 1 8  DT 8  20 20 DT DT B . n 
B 1 9  DC 9  21 21 DC DC B . n 
B 1 10 DG 10 22 22 DG DG B . n 
B 1 11 DC 11 23 23 DC DC B . n 
B 1 12 DG 12 24 24 DG DG B . n 
# 
loop_
_pdbx_nonpoly_scheme.asym_id 
_pdbx_nonpoly_scheme.entity_id 
_pdbx_nonpoly_scheme.mon_id 
_pdbx_nonpoly_scheme.ndb_seq_num 
_pdbx_nonpoly_scheme.pdb_seq_num 
_pdbx_nonpoly_scheme.auth_seq_num 
_pdbx_nonpoly_scheme.pdb_mon_id 
_pdbx_nonpoly_scheme.auth_mon_id 
_pdbx_nonpoly_scheme.pdb_strand_id 
_pdbx_nonpoly_scheme.pdb_ins_code 
C 2 SEY 1  101 101 SEY SEY B . 
D 2 SEY 1  102 102 SEY SEY B . 
E 3 HOH 1  101 101 HOH HOH A . 
E 3 HOH 2  102 102 HOH HOH A . 
E 3 HOH 3  103 103 HOH HOH A . 
E 3 HOH 4  104 104 HOH HOH A . 
E 3 HOH 5  105 105 HOH HOH A . 
E 3 HOH 6  106 106 HOH HOH A . 
E 3 HOH 7  107 107 HOH HOH A . 
E 3 HOH 8  108 108 HOH HOH A . 
E 3 HOH 9  109 109 HOH HOH A . 
E 3 HOH 10 110 110 HOH HOH A . 
E 3 HOH 11 111 111 HOH HOH A . 
E 3 HOH 12 112 112 HOH HOH A . 
E 3 HOH 13 113 113 HOH HOH A . 
E 3 HOH 14 114 114 HOH HOH A . 
E 3 HOH 15 115 115 HOH HOH A . 
E 3 HOH 16 116 116 HOH HOH A . 
E 3 HOH 17 117 117 HOH HOH A . 
E 3 HOH 18 118 118 HOH HOH A . 
E 3 HOH 19 119 119 HOH HOH A . 
E 3 HOH 20 120 120 HOH HOH A . 
E 3 HOH 21 121 121 HOH HOH A . 
E 3 HOH 22 122 122 HOH HOH A . 
E 3 HOH 23 123 123 HOH HOH A . 
E 3 HOH 24 124 124 HOH HOH A . 
E 3 HOH 25 125 125 HOH HOH A . 
E 3 HOH 26 126 126 HOH HOH A . 
E 3 HOH 27 127 127 HOH HOH A . 
E 3 HOH 28 128 128 HOH HOH A . 
E 3 HOH 29 129 129 HOH HOH A . 
E 3 HOH 30 130 130 HOH HOH A . 
E 3 HOH 31 131 131 HOH HOH A . 
E 3 HOH 32 132 132 HOH HOH A . 
E 3 HOH 33 133 133 HOH HOH A . 
E 3 HOH 34 134 134 HOH HOH A . 
E 3 HOH 35 135 135 HOH HOH A . 
E 3 HOH 36 136 136 HOH HOH A . 
E 3 HOH 37 137 137 HOH HOH A . 
E 3 HOH 38 138 138 HOH HOH A . 
E 3 HOH 39 139 139 HOH HOH A . 
E 3 HOH 40 140 140 HOH HOH A . 
E 3 HOH 41 141 141 HOH HOH A . 
E 3 HOH 42 142 142 HOH HOH A . 
E 3 HOH 43 143 143 HOH HOH A . 
E 3 HOH 44 144 144 HOH HOH A . 
E 3 HOH 45 145 145 HOH HOH A . 
E 3 HOH 46 146 146 HOH HOH A . 
E 3 HOH 47 147 147 HOH HOH A . 
E 3 HOH 48 148 148 HOH HOH A . 
E 3 HOH 49 149 149 HOH HOH A . 
E 3 HOH 50 150 150 HOH HOH A . 
E 3 HOH 51 151 151 HOH HOH A . 
E 3 HOH 52 152 152 HOH HOH A . 
E 3 HOH 53 153 153 HOH HOH A . 
E 3 HOH 54 154 154 HOH HOH A . 
E 3 HOH 55 155 155 HOH HOH A . 
F 3 HOH 1  201 201 HOH HOH B . 
F 3 HOH 2  202 202 HOH HOH B . 
F 3 HOH 3  203 203 HOH HOH B . 
F 3 HOH 4  204 204 HOH HOH B . 
F 3 HOH 5  205 205 HOH HOH B . 
F 3 HOH 6  206 206 HOH HOH B . 
F 3 HOH 7  207 207 HOH HOH B . 
F 3 HOH 8  208 208 HOH HOH B . 
F 3 HOH 9  209 209 HOH HOH B . 
F 3 HOH 10 210 210 HOH HOH B . 
F 3 HOH 11 211 211 HOH HOH B . 
F 3 HOH 12 212 212 HOH HOH B . 
F 3 HOH 13 213 213 HOH HOH B . 
F 3 HOH 14 214 214 HOH HOH B . 
F 3 HOH 15 215 215 HOH HOH B . 
F 3 HOH 16 216 216 HOH HOH B . 
F 3 HOH 17 217 217 HOH HOH B . 
F 3 HOH 18 218 218 HOH HOH B . 
F 3 HOH 19 219 219 HOH HOH B . 
F 3 HOH 20 220 220 HOH HOH B . 
F 3 HOH 21 221 221 HOH HOH B . 
F 3 HOH 22 222 222 HOH HOH B . 
F 3 HOH 23 223 223 HOH HOH B . 
F 3 HOH 24 224 224 HOH HOH B . 
F 3 HOH 25 225 225 HOH HOH B . 
F 3 HOH 26 226 226 HOH HOH B . 
F 3 HOH 27 227 227 HOH HOH B . 
F 3 HOH 28 228 228 HOH HOH B . 
F 3 HOH 29 229 229 HOH HOH B . 
F 3 HOH 30 230 230 HOH HOH B . 
F 3 HOH 31 231 231 HOH HOH B . 
F 3 HOH 32 232 232 HOH HOH B . 
F 3 HOH 33 233 233 HOH HOH B . 
F 3 HOH 34 234 234 HOH HOH B . 
F 3 HOH 35 235 235 HOH HOH B . 
F 3 HOH 36 236 236 HOH HOH B . 
F 3 HOH 37 237 237 HOH HOH B . 
F 3 HOH 38 238 238 HOH HOH B . 
F 3 HOH 39 239 239 HOH HOH B . 
F 3 HOH 40 240 240 HOH HOH B . 
F 3 HOH 41 241 241 HOH HOH B . 
F 3 HOH 42 242 242 HOH HOH B . 
F 3 HOH 43 243 243 HOH HOH B . 
F 3 HOH 44 244 244 HOH HOH B . 
F 3 HOH 45 245 256 HOH HOH B . 
F 3 HOH 46 246 245 HOH HOH B . 
F 3 HOH 47 247 246 HOH HOH B . 
F 3 HOH 48 248 247 HOH HOH B . 
F 3 HOH 49 249 248 HOH HOH B . 
F 3 HOH 50 250 249 HOH HOH B . 
F 3 HOH 51 251 250 HOH HOH B . 
F 3 HOH 52 252 251 HOH HOH B . 
F 3 HOH 53 253 252 HOH HOH B . 
F 3 HOH 54 254 253 HOH HOH B . 
F 3 HOH 55 255 254 HOH HOH B . 
F 3 HOH 56 256 255 HOH HOH B . 
# 
loop_
_software.citation_id 
_software.classification 
_software.compiler_name 
_software.compiler_version 
_software.contact_author 
_software.contact_author_email 
_software.date 
_software.description 
_software.dependencies 
_software.hardware 
_software.language 
_software.location 
_software.mods 
_software.name 
_software.os 
_software.os_version 
_software.type 
_software.version 
_software.pdbx_ordinal 
? refinement       ? ? ? ? ? ? ? ? ? ? ? REFMAC   ? ? ? 5.8.0135 1 
? 'data reduction' ? ? ? ? ? ? ? ? ? ? ? HKL-3000 ? ? ? .        2 
? 'data scaling'   ? ? ? ? ? ? ? ? ? ? ? HKL-3000 ? ? ? .        3 
? phasing          ? ? ? ? ? ? ? ? ? ? ? SHELXD   ? ? ? .        4 
# 
_cell.entry_id           5T3L 
_cell.length_a           24.384 
_cell.length_b           41.479 
_cell.length_c           65.996 
_cell.angle_alpha        90.00 
_cell.angle_beta         90.00 
_cell.angle_gamma        90.00 
_cell.Z_PDB              8 
_cell.pdbx_unique_axis   ? 
# 
_symmetry.entry_id                         5T3L 
_symmetry.space_group_name_H-M             'P 21 21 21' 
_symmetry.pdbx_full_space_group_name_H-M   ? 
_symmetry.cell_setting                     ? 
_symmetry.Int_Tables_number                19 
# 
_exptl.absorpt_coefficient_mu     ? 
_exptl.absorpt_correction_T_max   ? 
_exptl.absorpt_correction_T_min   ? 
_exptl.absorpt_correction_type    ? 
_exptl.absorpt_process_details    ? 
_exptl.entry_id                   5T3L 
_exptl.crystals_number            1 
_exptl.details                    ? 
_exptl.method                     'X-RAY DIFFRACTION' 
_exptl.method_details             ? 
# 
_exptl_crystal.colour                      ? 
_exptl_crystal.density_diffrn              ? 
_exptl_crystal.density_Matthews            2.28 
_exptl_crystal.density_method              ? 
_exptl_crystal.density_percent_sol         46.00 
_exptl_crystal.description                 ? 
_exptl_crystal.F_000                       ? 
_exptl_crystal.id                          1 
_exptl_crystal.preparation                 ? 
_exptl_crystal.size_max                    ? 
_exptl_crystal.size_mid                    ? 
_exptl_crystal.size_min                    ? 
_exptl_crystal.size_rad                    ? 
_exptl_crystal.colour_lustre               ? 
_exptl_crystal.colour_modifier             ? 
_exptl_crystal.colour_primary              ? 
_exptl_crystal.density_meas                ? 
_exptl_crystal.density_meas_esd            ? 
_exptl_crystal.density_meas_gt             ? 
_exptl_crystal.density_meas_lt             ? 
_exptl_crystal.density_meas_temp           ? 
_exptl_crystal.density_meas_temp_esd       ? 
_exptl_crystal.density_meas_temp_gt        ? 
_exptl_crystal.density_meas_temp_lt        ? 
_exptl_crystal.pdbx_crystal_image_url      ? 
_exptl_crystal.pdbx_crystal_image_format   ? 
_exptl_crystal.pdbx_mosaicity              ? 
_exptl_crystal.pdbx_mosaicity_esd          ? 
# 
_exptl_crystal_grow.apparatus       ? 
_exptl_crystal_grow.atmosphere      ? 
_exptl_crystal_grow.crystal_id      1 
_exptl_crystal_grow.details         ? 
_exptl_crystal_grow.method          'VAPOR DIFFUSION, SITTING DROP' 
_exptl_crystal_grow.method_ref      ? 
_exptl_crystal_grow.pH              7.0 
_exptl_crystal_grow.pressure        ? 
_exptl_crystal_grow.pressure_esd    ? 
_exptl_crystal_grow.seeding         ? 
_exptl_crystal_grow.seeding_ref     ? 
_exptl_crystal_grow.temp            293 
_exptl_crystal_grow.temp_details    ? 
_exptl_crystal_grow.temp_esd        ? 
_exptl_crystal_grow.time            ? 
_exptl_crystal_grow.pdbx_details    
'Precipitant: 40 mM sodium cacodylate pH 7.0, 12 mM spermine tetrachloride, 80 mM NaCl, 10%(v/v) MPD; Well solution: 35% (v/v) MPD' 
_exptl_crystal_grow.pdbx_pH_range   ? 
# 
_diffrn.ambient_environment    ? 
_diffrn.ambient_temp           100 
_diffrn.ambient_temp_details   ? 
_diffrn.ambient_temp_esd       ? 
_diffrn.crystal_id             1 
_diffrn.crystal_support        ? 
_diffrn.crystal_treatment      ? 
_diffrn.details                ? 
_diffrn.id                     1 
_diffrn.ambient_pressure       ? 
_diffrn.ambient_pressure_esd   ? 
_diffrn.ambient_pressure_gt    ? 
_diffrn.ambient_pressure_lt    ? 
_diffrn.ambient_temp_gt        ? 
_diffrn.ambient_temp_lt        ? 
# 
_diffrn_detector.details                      ? 
_diffrn_detector.detector                     CCD 
_diffrn_detector.diffrn_id                    1 
_diffrn_detector.type                         'RAYONIX MX300-HS' 
_diffrn_detector.area_resol_mean              ? 
_diffrn_detector.dtime                        ? 
_diffrn_detector.pdbx_frames_total            ? 
_diffrn_detector.pdbx_collection_time_total   ? 
_diffrn_detector.pdbx_collection_date         2016-04-10 
# 
_diffrn_radiation.collimation                      ? 
_diffrn_radiation.diffrn_id                        1 
_diffrn_radiation.filter_edge                      ? 
_diffrn_radiation.inhomogeneity                    ? 
_diffrn_radiation.monochromator                    ? 
_diffrn_radiation.polarisn_norm                    ? 
_diffrn_radiation.polarisn_ratio                   ? 
_diffrn_radiation.probe                            ? 
_diffrn_radiation.type                             ? 
_diffrn_radiation.xray_symbol                      ? 
_diffrn_radiation.wavelength_id                    1 
_diffrn_radiation.pdbx_monochromatic_or_laue_m_l   M 
_diffrn_radiation.pdbx_wavelength_list             ? 
_diffrn_radiation.pdbx_wavelength                  ? 
_diffrn_radiation.pdbx_diffrn_protocol             'SINGLE WAVELENGTH' 
_diffrn_radiation.pdbx_analyzer                    ? 
_diffrn_radiation.pdbx_scattering_type             x-ray 
# 
_diffrn_radiation_wavelength.id           1 
_diffrn_radiation_wavelength.wavelength   0.979 
_diffrn_radiation_wavelength.wt           1.0 
# 
_diffrn_source.current                     ? 
_diffrn_source.details                     ? 
_diffrn_source.diffrn_id                   1 
_diffrn_source.power                       ? 
_diffrn_source.size                        ? 
_diffrn_source.source                      SYNCHROTRON 
_diffrn_source.target                      ? 
_diffrn_source.type                        'APS BEAMLINE 22-ID' 
_diffrn_source.voltage                     ? 
_diffrn_source.take-off_angle              ? 
_diffrn_source.pdbx_wavelength_list        0.979 
_diffrn_source.pdbx_wavelength             ? 
_diffrn_source.pdbx_synchrotron_beamline   22-ID 
_diffrn_source.pdbx_synchrotron_site       APS 
# 
_reflns.pdbx_diffrn_id               1 
_reflns.pdbx_ordinal                 1 
_reflns.entry_id                     5T3L 
_reflns.observed_criterion_sigma_I   ? 
_reflns.observed_criterion_sigma_F   ? 
_reflns.d_resolution_low             50.000 
_reflns.d_resolution_high            1.580 
_reflns.number_obs                   8220 
_reflns.number_all                   ? 
_reflns.percent_possible_obs         100.0 
_reflns.pdbx_Rmerge_I_obs            0.13800 
_reflns.pdbx_Rsym_value              ? 
_reflns.pdbx_netI_over_sigmaI        21.9000 
_reflns.B_iso_Wilson_estimate        ? 
_reflns.pdbx_redundancy              13.20 
# 
_reflns_shell.pdbx_diffrn_id         1 
_reflns_shell.pdbx_ordinal           1 
_reflns_shell.d_res_high             1.58 
_reflns_shell.d_res_low              1.64 
_reflns_shell.percent_possible_all   100.0 
_reflns_shell.Rmerge_I_obs           1.30700 
_reflns_shell.pdbx_Rsym_value        ? 
_reflns_shell.meanI_over_sigI_obs    2.100 
_reflns_shell.pdbx_redundancy        10.60 
_reflns_shell.number_measured_obs    ? 
_reflns_shell.number_unique_all      ? 
# 
_refine.pdbx_refine_id                           'X-RAY DIFFRACTION' 
_refine.entry_id                                 5T3L 
_refine.pdbx_diffrn_id                           1 
_refine.pdbx_TLS_residual_ADP_flag               ? 
_refine.ls_number_reflns_obs                     7793 
_refine.ls_number_reflns_all                     ? 
_refine.pdbx_ls_sigma_I                          ? 
_refine.pdbx_ls_sigma_F                          ? 
_refine.pdbx_data_cutoff_high_absF               ? 
_refine.pdbx_data_cutoff_low_absF                ? 
_refine.pdbx_data_cutoff_high_rms_absF           ? 
_refine.ls_d_res_low                             25.82 
_refine.ls_d_res_high                            1.58 
_refine.ls_percent_reflns_obs                    84.7 
_refine.ls_R_factor_obs                          0.150 
_refine.ls_R_factor_all                          ? 
_refine.ls_R_factor_R_work                       0.148 
_refine.ls_R_factor_R_free                       0.186 
_refine.ls_R_factor_R_free_error                 ? 
_refine.ls_R_factor_R_free_error_details         ? 
_refine.ls_percent_reflns_R_free                 5.200 
_refine.ls_number_reflns_R_free                  427 
_refine.ls_number_parameters                     ? 
_refine.ls_number_restraints                     ? 
_refine.occupancy_min                            ? 
_refine.occupancy_max                            ? 
_refine.correlation_coeff_Fo_to_Fc               0.966 
_refine.correlation_coeff_Fo_to_Fc_free          0.958 
_refine.B_iso_mean                               16.34 
_refine.aniso_B[1][1]                            -0.48000 
_refine.aniso_B[2][2]                            -0.37000 
_refine.aniso_B[3][3]                            0.85000 
_refine.aniso_B[1][2]                            0.00000 
_refine.aniso_B[1][3]                            0.00000 
_refine.aniso_B[2][3]                            0.00000 
_refine.solvent_model_details                    ? 
_refine.solvent_model_param_ksol                 ? 
_refine.solvent_model_param_bsol                 ? 
_refine.pdbx_solvent_vdw_probe_radii             1.20 
_refine.pdbx_solvent_ion_probe_radii             0.80 
_refine.pdbx_solvent_shrinkage_radii             0.80 
_refine.pdbx_ls_cross_valid_method               THROUGHOUT 
_refine.details                                  
;HYDROGENS HAVE BEEN ADDED IN THE RIDING
 POSITIONS
;
_refine.pdbx_starting_model                      ? 
_refine.pdbx_method_to_determine_struct          SAD 
_refine.pdbx_isotropic_thermal_model             ? 
_refine.pdbx_stereochemistry_target_values       ? 
_refine.pdbx_stereochem_target_val_spec_case     ? 
_refine.pdbx_R_Free_selection_details            RANDOM 
_refine.pdbx_overall_ESU_R                       0.128 
_refine.pdbx_overall_ESU_R_Free                  0.088 
_refine.overall_SU_ML                            0.049 
_refine.pdbx_overall_phase_error                 ? 
_refine.overall_SU_B                             3.135 
_refine.overall_SU_R_Cruickshank_DPI             ? 
_refine.pdbx_overall_SU_R_free_Cruickshank_DPI   ? 
_refine.pdbx_overall_SU_R_Blow_DPI               ? 
_refine.pdbx_overall_SU_R_free_Blow_DPI          ? 
# 
_refine_hist.pdbx_refine_id                   'X-RAY DIFFRACTION' 
_refine_hist.cycle_id                         LAST 
_refine_hist.pdbx_number_atoms_protein        0 
_refine_hist.pdbx_number_atoms_nucleic_acid   486 
_refine_hist.pdbx_number_atoms_ligand         8 
_refine_hist.number_atoms_solvent             111 
_refine_hist.number_atoms_total               605 
_refine_hist.d_res_high                       1.58 
_refine_hist.d_res_low                        25.82 
# 
loop_
_refine_ls_restr.type 
_refine_ls_restr.dev_ideal 
_refine_ls_restr.dev_ideal_target 
_refine_ls_restr.weight 
_refine_ls_restr.number 
_refine_ls_restr.pdbx_refine_id 
_refine_ls_restr.pdbx_restraint_function 
r_bond_refined_d             0.010  0.011  ? 550 'X-RAY DIFFRACTION' ? 
r_bond_other_d               0.004  0.020  ? 278 'X-RAY DIFFRACTION' ? 
r_angle_refined_deg          1.665  1.163  ? 842 'X-RAY DIFFRACTION' ? 
r_angle_other_deg            1.737  2.963  ? 650 'X-RAY DIFFRACTION' ? 
r_dihedral_angle_1_deg       ?      ?      ? ?   'X-RAY DIFFRACTION' ? 
r_dihedral_angle_2_deg       ?      ?      ? ?   'X-RAY DIFFRACTION' ? 
r_dihedral_angle_3_deg       ?      ?      ? ?   'X-RAY DIFFRACTION' ? 
r_dihedral_angle_4_deg       ?      ?      ? ?   'X-RAY DIFFRACTION' ? 
r_chiral_restr               0.090  0.200  ? 72  'X-RAY DIFFRACTION' ? 
r_gen_planes_refined         0.030  0.020  ? 304 'X-RAY DIFFRACTION' ? 
r_gen_planes_other           0.004  0.020  ? 140 'X-RAY DIFFRACTION' ? 
r_nbd_refined                ?      ?      ? ?   'X-RAY DIFFRACTION' ? 
r_nbd_other                  ?      ?      ? ?   'X-RAY DIFFRACTION' ? 
r_nbtor_refined              ?      ?      ? ?   'X-RAY DIFFRACTION' ? 
r_nbtor_other                ?      ?      ? ?   'X-RAY DIFFRACTION' ? 
r_xyhbond_nbd_refined        ?      ?      ? ?   'X-RAY DIFFRACTION' ? 
r_xyhbond_nbd_other          ?      ?      ? ?   'X-RAY DIFFRACTION' ? 
r_metal_ion_refined          ?      ?      ? ?   'X-RAY DIFFRACTION' ? 
r_metal_ion_other            ?      ?      ? ?   'X-RAY DIFFRACTION' ? 
r_symmetry_vdw_refined       ?      ?      ? ?   'X-RAY DIFFRACTION' ? 
r_symmetry_vdw_other         ?      ?      ? ?   'X-RAY DIFFRACTION' ? 
r_symmetry_hbond_refined     ?      ?      ? ?   'X-RAY DIFFRACTION' ? 
r_symmetry_hbond_other       ?      ?      ? ?   'X-RAY DIFFRACTION' ? 
r_symmetry_metal_ion_refined ?      ?      ? ?   'X-RAY DIFFRACTION' ? 
r_symmetry_metal_ion_other   ?      ?      ? ?   'X-RAY DIFFRACTION' ? 
r_mcbond_it                  ?      ?      ? ?   'X-RAY DIFFRACTION' ? 
r_mcbond_other               ?      ?      ? ?   'X-RAY DIFFRACTION' ? 
r_mcangle_it                 ?      ?      ? ?   'X-RAY DIFFRACTION' ? 
r_mcangle_other              ?      ?      ? ?   'X-RAY DIFFRACTION' ? 
r_scbond_it                  3.429  2.827  ? 550 'X-RAY DIFFRACTION' ? 
r_scbond_other               3.426  2.825  ? 551 'X-RAY DIFFRACTION' ? 
r_scangle_it                 ?      ?      ? ?   'X-RAY DIFFRACTION' ? 
r_scangle_other              4.432  5.365  ? 843 'X-RAY DIFFRACTION' ? 
r_long_range_B_refined       4.938  12.788 ? 857 'X-RAY DIFFRACTION' ? 
r_long_range_B_other         4.141  11.670 ? 789 'X-RAY DIFFRACTION' ? 
r_rigid_bond_restr           3.254  3.000  ? 828 'X-RAY DIFFRACTION' ? 
r_sphericity_free            36.809 5.000  ? 37  'X-RAY DIFFRACTION' ? 
r_sphericity_bonded          13.061 5.000  ? 846 'X-RAY DIFFRACTION' ? 
# 
_refine_ls_shell.pdbx_refine_id                   'X-RAY DIFFRACTION' 
_refine_ls_shell.pdbx_total_number_of_bins_used   20 
_refine_ls_shell.d_res_high                       1.58 
_refine_ls_shell.d_res_low                        1.62 
_refine_ls_shell.number_reflns_R_work             199 
_refine_ls_shell.R_factor_R_work                  0.1500 
_refine_ls_shell.percent_reflns_obs               30.04 
_refine_ls_shell.R_factor_R_free                  0.2350 
_refine_ls_shell.R_factor_R_free_error            ? 
_refine_ls_shell.percent_reflns_R_free            ? 
_refine_ls_shell.number_reflns_R_free             14 
_refine_ls_shell.number_reflns_all                ? 
_refine_ls_shell.R_factor_all                     ? 
_refine_ls_shell.R_factor_obs                     ? 
_refine_ls_shell.number_reflns_obs                ? 
# 
_struct.entry_id                     5T3L 
_struct.title                        'B-DNA (CGCGAATTCGCG)2 soaked with selenourea for 1 min' 
_struct.pdbx_model_details           ? 
_struct.pdbx_formula_weight          ? 
_struct.pdbx_formula_weight_method   ? 
_struct.pdbx_model_type_details      ? 
_struct.pdbx_CASP_flag               N 
# 
_struct_keywords.entry_id        5T3L 
_struct_keywords.text            'B-DNA, selenourea, DNA' 
_struct_keywords.pdbx_keywords   DNA 
# 
loop_
_struct_asym.id 
_struct_asym.pdbx_blank_PDB_chainid_flag 
_struct_asym.pdbx_modified 
_struct_asym.entity_id 
_struct_asym.details 
A N N 1 ? 
B N N 1 ? 
C N N 2 ? 
D N N 2 ? 
E N N 3 ? 
F N N 3 ? 
# 
_struct_ref.id                         1 
_struct_ref.db_name                    PDB 
_struct_ref.db_code                    5T3L 
_struct_ref.pdbx_db_accession          5T3L 
_struct_ref.pdbx_db_isoform            ? 
_struct_ref.entity_id                  1 
_struct_ref.pdbx_seq_one_letter_code   ? 
_struct_ref.pdbx_align_begin           1 
# 
loop_
_struct_ref_seq.align_id 
_struct_ref_seq.ref_id 
_struct_ref_seq.pdbx_PDB_id_code 
_struct_ref_seq.pdbx_strand_id 
_struct_ref_seq.seq_align_beg 
_struct_ref_seq.pdbx_seq_align_beg_ins_code 
_struct_ref_seq.seq_align_end 
_struct_ref_seq.pdbx_seq_align_end_ins_code 
_struct_ref_seq.pdbx_db_accession 
_struct_ref_seq.db_align_beg 
_struct_ref_seq.pdbx_db_align_beg_ins_code 
_struct_ref_seq.db_align_end 
_struct_ref_seq.pdbx_db_align_end_ins_code 
_struct_ref_seq.pdbx_auth_seq_align_beg 
_struct_ref_seq.pdbx_auth_seq_align_end 
1 1 5T3L A 1 ? 12 ? 5T3L 1  ? 12 ? 1  12 
2 1 5T3L B 1 ? 12 ? 5T3L 13 ? 24 ? 13 24 
# 
_pdbx_struct_assembly.id                   1 
_pdbx_struct_assembly.details              author_and_software_defined_assembly 
_pdbx_struct_assembly.method_details       PISA 
_pdbx_struct_assembly.oligomeric_details   dimeric 
_pdbx_struct_assembly.oligomeric_count     2 
# 
loop_
_pdbx_struct_assembly_prop.biol_id 
_pdbx_struct_assembly_prop.type 
_pdbx_struct_assembly_prop.value 
_pdbx_struct_assembly_prop.details 
1 'ABSA (A^2)' 1250 ? 
1 MORE         -4   ? 
1 'SSA (A^2)'  4500 ? 
# 
_pdbx_struct_assembly_gen.assembly_id       1 
_pdbx_struct_assembly_gen.oper_expression   1 
_pdbx_struct_assembly_gen.asym_id_list      A,B,C,D,E,F 
# 
_pdbx_struct_oper_list.id                   1 
_pdbx_struct_oper_list.type                 'identity operation' 
_pdbx_struct_oper_list.name                 1_555 
_pdbx_struct_oper_list.symmetry_operation   x,y,z 
_pdbx_struct_oper_list.matrix[1][1]         1.0000000000 
_pdbx_struct_oper_list.matrix[1][2]         0.0000000000 
_pdbx_struct_oper_list.matrix[1][3]         0.0000000000 
_pdbx_struct_oper_list.vector[1]            0.0000000000 
_pdbx_struct_oper_list.matrix[2][1]         0.0000000000 
_pdbx_struct_oper_list.matrix[2][2]         1.0000000000 
_pdbx_struct_oper_list.matrix[2][3]         0.0000000000 
_pdbx_struct_oper_list.vector[2]            0.0000000000 
_pdbx_struct_oper_list.matrix[3][1]         0.0000000000 
_pdbx_struct_oper_list.matrix[3][2]         0.0000000000 
_pdbx_struct_oper_list.matrix[3][3]         1.0000000000 
_pdbx_struct_oper_list.vector[3]            0.0000000000 
# 
loop_
_struct_conn.id 
_struct_conn.conn_type_id 
_struct_conn.pdbx_leaving_atom_flag 
_struct_conn.pdbx_PDB_id 
_struct_conn.ptnr1_label_asym_id 
_struct_conn.ptnr1_label_comp_id 
_struct_conn.ptnr1_label_seq_id 
_struct_conn.ptnr1_label_atom_id 
_struct_conn.pdbx_ptnr1_label_alt_id 
_struct_conn.pdbx_ptnr1_PDB_ins_code 
_struct_conn.pdbx_ptnr1_standard_comp_id 
_struct_conn.ptnr1_symmetry 
_struct_conn.ptnr2_label_asym_id 
_struct_conn.ptnr2_label_comp_id 
_struct_conn.ptnr2_label_seq_id 
_struct_conn.ptnr2_label_atom_id 
_struct_conn.pdbx_ptnr2_label_alt_id 
_struct_conn.pdbx_ptnr2_PDB_ins_code 
_struct_conn.ptnr1_auth_asym_id 
_struct_conn.ptnr1_auth_comp_id 
_struct_conn.ptnr1_auth_seq_id 
_struct_conn.ptnr2_auth_asym_id 
_struct_conn.ptnr2_auth_comp_id 
_struct_conn.ptnr2_auth_seq_id 
_struct_conn.ptnr2_symmetry 
_struct_conn.pdbx_ptnr3_label_atom_id 
_struct_conn.pdbx_ptnr3_label_seq_id 
_struct_conn.pdbx_ptnr3_label_comp_id 
_struct_conn.pdbx_ptnr3_label_asym_id 
_struct_conn.pdbx_ptnr3_label_alt_id 
_struct_conn.pdbx_ptnr3_PDB_ins_code 
_struct_conn.details 
_struct_conn.pdbx_dist_value 
_struct_conn.pdbx_value_order 
_struct_conn.pdbx_role 
hydrog1  hydrog ? ? A DC 1  N3 ? ? ? 1_555 B DG 12 N1 ? ? A DC 1  B DG 24 1_555 ? ? ? ? ? ? WATSON-CRICK ? ? ? 
hydrog2  hydrog ? ? A DC 1  N4 ? ? ? 1_555 B DG 12 O6 ? ? A DC 1  B DG 24 1_555 ? ? ? ? ? ? WATSON-CRICK ? ? ? 
hydrog3  hydrog ? ? A DC 1  O2 ? ? ? 1_555 B DG 12 N2 ? ? A DC 1  B DG 24 1_555 ? ? ? ? ? ? WATSON-CRICK ? ? ? 
hydrog4  hydrog ? ? A DG 2  N1 ? ? ? 1_555 B DC 11 N3 ? ? A DG 2  B DC 23 1_555 ? ? ? ? ? ? WATSON-CRICK ? ? ? 
hydrog5  hydrog ? ? A DG 2  N2 ? ? ? 1_555 B DC 11 O2 ? ? A DG 2  B DC 23 1_555 ? ? ? ? ? ? WATSON-CRICK ? ? ? 
hydrog6  hydrog ? ? A DG 2  O6 ? ? ? 1_555 B DC 11 N4 ? ? A DG 2  B DC 23 1_555 ? ? ? ? ? ? WATSON-CRICK ? ? ? 
hydrog7  hydrog ? ? A DC 3  N3 ? ? ? 1_555 B DG 10 N1 ? ? A DC 3  B DG 22 1_555 ? ? ? ? ? ? WATSON-CRICK ? ? ? 
hydrog8  hydrog ? ? A DC 3  N4 ? ? ? 1_555 B DG 10 O6 ? ? A DC 3  B DG 22 1_555 ? ? ? ? ? ? WATSON-CRICK ? ? ? 
hydrog9  hydrog ? ? A DC 3  O2 ? ? ? 1_555 B DG 10 N2 ? ? A DC 3  B DG 22 1_555 ? ? ? ? ? ? WATSON-CRICK ? ? ? 
hydrog10 hydrog ? ? A DG 4  N1 ? ? ? 1_555 B DC 9  N3 ? ? A DG 4  B DC 21 1_555 ? ? ? ? ? ? WATSON-CRICK ? ? ? 
hydrog11 hydrog ? ? A DG 4  N2 ? ? ? 1_555 B DC 9  O2 ? ? A DG 4  B DC 21 1_555 ? ? ? ? ? ? WATSON-CRICK ? ? ? 
hydrog12 hydrog ? ? A DG 4  O6 ? ? ? 1_555 B DC 9  N4 ? ? A DG 4  B DC 21 1_555 ? ? ? ? ? ? WATSON-CRICK ? ? ? 
hydrog13 hydrog ? ? A DA 5  N1 ? ? ? 1_555 B DT 8  N3 ? ? A DA 5  B DT 20 1_555 ? ? ? ? ? ? WATSON-CRICK ? ? ? 
hydrog14 hydrog ? ? A DA 5  N6 ? ? ? 1_555 B DT 8  O4 ? ? A DA 5  B DT 20 1_555 ? ? ? ? ? ? WATSON-CRICK ? ? ? 
hydrog15 hydrog ? ? A DA 6  N1 ? ? ? 1_555 B DT 7  N3 ? ? A DA 6  B DT 19 1_555 ? ? ? ? ? ? WATSON-CRICK ? ? ? 
hydrog16 hydrog ? ? A DA 6  N6 ? ? ? 1_555 B DT 7  O4 ? ? A DA 6  B DT 19 1_555 ? ? ? ? ? ? WATSON-CRICK ? ? ? 
hydrog17 hydrog ? ? A DT 7  N3 ? ? ? 1_555 B DA 6  N1 ? ? A DT 7  B DA 18 1_555 ? ? ? ? ? ? WATSON-CRICK ? ? ? 
hydrog18 hydrog ? ? A DT 7  O4 ? ? ? 1_555 B DA 6  N6 ? ? A DT 7  B DA 18 1_555 ? ? ? ? ? ? WATSON-CRICK ? ? ? 
hydrog19 hydrog ? ? A DT 8  N3 ? ? ? 1_555 B DA 5  N1 ? ? A DT 8  B DA 17 1_555 ? ? ? ? ? ? WATSON-CRICK ? ? ? 
hydrog20 hydrog ? ? A DT 8  O4 ? ? ? 1_555 B DA 5  N6 ? ? A DT 8  B DA 17 1_555 ? ? ? ? ? ? WATSON-CRICK ? ? ? 
hydrog21 hydrog ? ? A DC 9  N3 ? ? ? 1_555 B DG 4  N1 ? ? A DC 9  B DG 16 1_555 ? ? ? ? ? ? WATSON-CRICK ? ? ? 
hydrog22 hydrog ? ? A DC 9  N4 ? ? ? 1_555 B DG 4  O6 ? ? A DC 9  B DG 16 1_555 ? ? ? ? ? ? WATSON-CRICK ? ? ? 
hydrog23 hydrog ? ? A DC 9  O2 ? ? ? 1_555 B DG 4  N2 ? ? A DC 9  B DG 16 1_555 ? ? ? ? ? ? WATSON-CRICK ? ? ? 
hydrog24 hydrog ? ? A DG 10 N1 ? ? ? 1_555 B DC 3  N3 ? ? A DG 10 B DC 15 1_555 ? ? ? ? ? ? WATSON-CRICK ? ? ? 
hydrog25 hydrog ? ? A DG 10 N2 ? ? ? 1_555 B DC 3  O2 ? ? A DG 10 B DC 15 1_555 ? ? ? ? ? ? WATSON-CRICK ? ? ? 
hydrog26 hydrog ? ? A DG 10 O6 ? ? ? 1_555 B DC 3  N4 ? ? A DG 10 B DC 15 1_555 ? ? ? ? ? ? WATSON-CRICK ? ? ? 
hydrog27 hydrog ? ? A DC 11 N3 ? ? ? 1_555 B DG 2  N1 ? ? A DC 11 B DG 14 1_555 ? ? ? ? ? ? WATSON-CRICK ? ? ? 
hydrog28 hydrog ? ? A DC 11 N4 ? ? ? 1_555 B DG 2  O6 ? ? A DC 11 B DG 14 1_555 ? ? ? ? ? ? WATSON-CRICK ? ? ? 
hydrog29 hydrog ? ? A DC 11 O2 ? ? ? 1_555 B DG 2  N2 ? ? A DC 11 B DG 14 1_555 ? ? ? ? ? ? WATSON-CRICK ? ? ? 
hydrog30 hydrog ? ? A DG 12 N1 ? ? ? 1_555 B DC 1  N3 ? ? A DG 12 B DC 13 1_555 ? ? ? ? ? ? WATSON-CRICK ? ? ? 
hydrog31 hydrog ? ? A DG 12 N2 ? ? ? 1_555 B DC 1  O2 ? ? A DG 12 B DC 13 1_555 ? ? ? ? ? ? WATSON-CRICK ? ? ? 
hydrog32 hydrog ? ? A DG 12 O6 ? ? ? 1_555 B DC 1  N4 ? ? A DG 12 B DC 13 1_555 ? ? ? ? ? ? WATSON-CRICK ? ? ? 
# 
_struct_conn_type.id          hydrog 
_struct_conn_type.criteria    ? 
_struct_conn_type.reference   ? 
# 
loop_
_struct_site.id 
_struct_site.pdbx_evidence_code 
_struct_site.pdbx_auth_asym_id 
_struct_site.pdbx_auth_comp_id 
_struct_site.pdbx_auth_seq_id 
_struct_site.pdbx_auth_ins_code 
_struct_site.pdbx_num_residues 
_struct_site.details 
AC1 Software B SEY 101 ? 6 'binding site for residue SEY B 101' 
AC2 Software B SEY 102 ? 6 'binding site for residue SEY B 102' 
# 
loop_
_struct_site_gen.id 
_struct_site_gen.site_id 
_struct_site_gen.pdbx_num_res 
_struct_site_gen.label_comp_id 
_struct_site_gen.label_asym_id 
_struct_site_gen.label_seq_id 
_struct_site_gen.pdbx_auth_ins_code 
_struct_site_gen.auth_comp_id 
_struct_site_gen.auth_asym_id 
_struct_site_gen.auth_seq_id 
_struct_site_gen.label_atom_id 
_struct_site_gen.label_alt_id 
_struct_site_gen.symmetry 
_struct_site_gen.details 
1  AC1 6 DG  A 4  ? DG  A 4   . ? 1_555 ? 
2  AC1 6 DG  A 12 ? DG  A 12  . ? 2_555 ? 
3  AC1 6 DC  B 9  ? DC  B 21  . ? 1_555 ? 
4  AC1 6 DG  B 10 ? DG  B 22  . ? 1_555 ? 
5  AC1 6 DC  B 11 ? DC  B 23  . ? 1_555 ? 
6  AC1 6 SEY D .  ? SEY B 102 . ? 1_555 ? 
7  AC2 6 DA  A 5  ? DA  A 5   . ? 1_555 ? 
8  AC2 6 DA  A 6  ? DA  A 6   . ? 1_555 ? 
9  AC2 6 DC  B 9  ? DC  B 21  . ? 1_555 ? 
10 AC2 6 SEY C .  ? SEY B 101 . ? 1_555 ? 
11 AC2 6 HOH F .  ? HOH B 211 . ? 1_555 ? 
12 AC2 6 HOH F .  ? HOH B 219 . ? 1_555 ? 
# 
_pdbx_validate_symm_contact.id                1 
_pdbx_validate_symm_contact.PDB_model_num     1 
_pdbx_validate_symm_contact.auth_atom_id_1    O 
_pdbx_validate_symm_contact.auth_asym_id_1    A 
_pdbx_validate_symm_contact.auth_comp_id_1    HOH 
_pdbx_validate_symm_contact.auth_seq_id_1     137 
_pdbx_validate_symm_contact.PDB_ins_code_1    ? 
_pdbx_validate_symm_contact.label_alt_id_1    ? 
_pdbx_validate_symm_contact.site_symmetry_1   1_555 
_pdbx_validate_symm_contact.auth_atom_id_2    O 
_pdbx_validate_symm_contact.auth_asym_id_2    B 
_pdbx_validate_symm_contact.auth_comp_id_2    HOH 
_pdbx_validate_symm_contact.auth_seq_id_2     218 
_pdbx_validate_symm_contact.PDB_ins_code_2    ? 
_pdbx_validate_symm_contact.label_alt_id_2    ? 
_pdbx_validate_symm_contact.site_symmetry_2   1_455 
_pdbx_validate_symm_contact.dist              2.15 
# 
_pdbx_validate_planes.id              1 
_pdbx_validate_planes.PDB_model_num   1 
_pdbx_validate_planes.auth_comp_id    DG 
_pdbx_validate_planes.auth_asym_id    A 
_pdbx_validate_planes.auth_seq_id     2 
_pdbx_validate_planes.PDB_ins_code    ? 
_pdbx_validate_planes.label_alt_id    ? 
_pdbx_validate_planes.rmsd            0.069 
_pdbx_validate_planes.type            'SIDE CHAIN' 
# 
loop_
_pdbx_distant_solvent_atoms.id 
_pdbx_distant_solvent_atoms.PDB_model_num 
_pdbx_distant_solvent_atoms.auth_atom_id 
_pdbx_distant_solvent_atoms.label_alt_id 
_pdbx_distant_solvent_atoms.auth_asym_id 
_pdbx_distant_solvent_atoms.auth_comp_id 
_pdbx_distant_solvent_atoms.auth_seq_id 
_pdbx_distant_solvent_atoms.PDB_ins_code 
_pdbx_distant_solvent_atoms.neighbor_macromolecule_distance 
_pdbx_distant_solvent_atoms.neighbor_ligand_distance 
_pdbx_distant_solvent_atoms.label_comp_id 
_pdbx_distant_solvent_atoms.label_asym_id 
_pdbx_distant_solvent_atoms.label_seq_id 
_pdbx_distant_solvent_atoms.label_atom_id 
1 1 O ? A HOH 154 ? 6.57 . ? ? ? ? 
2 1 O ? A HOH 155 ? 8.06 . ? ? ? ? 
3 1 O ? B HOH 256 ? 5.98 . ? ? ? ? 
# 
loop_
_chem_comp_atom.comp_id 
_chem_comp_atom.atom_id 
_chem_comp_atom.type_symbol 
_chem_comp_atom.pdbx_aromatic_flag 
_chem_comp_atom.pdbx_stereo_config 
_chem_comp_atom.pdbx_ordinal 
DA  OP3    O  N N 1   
DA  P      P  N N 2   
DA  OP1    O  N N 3   
DA  OP2    O  N N 4   
DA  "O5'"  O  N N 5   
DA  "C5'"  C  N N 6   
DA  "C4'"  C  N R 7   
DA  "O4'"  O  N N 8   
DA  "C3'"  C  N S 9   
DA  "O3'"  O  N N 10  
DA  "C2'"  C  N N 11  
DA  "C1'"  C  N R 12  
DA  N9     N  Y N 13  
DA  C8     C  Y N 14  
DA  N7     N  Y N 15  
DA  C5     C  Y N 16  
DA  C6     C  Y N 17  
DA  N6     N  N N 18  
DA  N1     N  Y N 19  
DA  C2     C  Y N 20  
DA  N3     N  Y N 21  
DA  C4     C  Y N 22  
DA  HOP3   H  N N 23  
DA  HOP2   H  N N 24  
DA  "H5'"  H  N N 25  
DA  "H5''" H  N N 26  
DA  "H4'"  H  N N 27  
DA  "H3'"  H  N N 28  
DA  "HO3'" H  N N 29  
DA  "H2'"  H  N N 30  
DA  "H2''" H  N N 31  
DA  "H1'"  H  N N 32  
DA  H8     H  N N 33  
DA  H61    H  N N 34  
DA  H62    H  N N 35  
DA  H2     H  N N 36  
DC  OP3    O  N N 37  
DC  P      P  N N 38  
DC  OP1    O  N N 39  
DC  OP2    O  N N 40  
DC  "O5'"  O  N N 41  
DC  "C5'"  C  N N 42  
DC  "C4'"  C  N R 43  
DC  "O4'"  O  N N 44  
DC  "C3'"  C  N S 45  
DC  "O3'"  O  N N 46  
DC  "C2'"  C  N N 47  
DC  "C1'"  C  N R 48  
DC  N1     N  N N 49  
DC  C2     C  N N 50  
DC  O2     O  N N 51  
DC  N3     N  N N 52  
DC  C4     C  N N 53  
DC  N4     N  N N 54  
DC  C5     C  N N 55  
DC  C6     C  N N 56  
DC  HOP3   H  N N 57  
DC  HOP2   H  N N 58  
DC  "H5'"  H  N N 59  
DC  "H5''" H  N N 60  
DC  "H4'"  H  N N 61  
DC  "H3'"  H  N N 62  
DC  "HO3'" H  N N 63  
DC  "H2'"  H  N N 64  
DC  "H2''" H  N N 65  
DC  "H1'"  H  N N 66  
DC  H41    H  N N 67  
DC  H42    H  N N 68  
DC  H5     H  N N 69  
DC  H6     H  N N 70  
DG  OP3    O  N N 71  
DG  P      P  N N 72  
DG  OP1    O  N N 73  
DG  OP2    O  N N 74  
DG  "O5'"  O  N N 75  
DG  "C5'"  C  N N 76  
DG  "C4'"  C  N R 77  
DG  "O4'"  O  N N 78  
DG  "C3'"  C  N S 79  
DG  "O3'"  O  N N 80  
DG  "C2'"  C  N N 81  
DG  "C1'"  C  N R 82  
DG  N9     N  Y N 83  
DG  C8     C  Y N 84  
DG  N7     N  Y N 85  
DG  C5     C  Y N 86  
DG  C6     C  N N 87  
DG  O6     O  N N 88  
DG  N1     N  N N 89  
DG  C2     C  N N 90  
DG  N2     N  N N 91  
DG  N3     N  N N 92  
DG  C4     C  Y N 93  
DG  HOP3   H  N N 94  
DG  HOP2   H  N N 95  
DG  "H5'"  H  N N 96  
DG  "H5''" H  N N 97  
DG  "H4'"  H  N N 98  
DG  "H3'"  H  N N 99  
DG  "HO3'" H  N N 100 
DG  "H2'"  H  N N 101 
DG  "H2''" H  N N 102 
DG  "H1'"  H  N N 103 
DG  H8     H  N N 104 
DG  H1     H  N N 105 
DG  H21    H  N N 106 
DG  H22    H  N N 107 
DT  OP3    O  N N 108 
DT  P      P  N N 109 
DT  OP1    O  N N 110 
DT  OP2    O  N N 111 
DT  "O5'"  O  N N 112 
DT  "C5'"  C  N N 113 
DT  "C4'"  C  N R 114 
DT  "O4'"  O  N N 115 
DT  "C3'"  C  N S 116 
DT  "O3'"  O  N N 117 
DT  "C2'"  C  N N 118 
DT  "C1'"  C  N R 119 
DT  N1     N  N N 120 
DT  C2     C  N N 121 
DT  O2     O  N N 122 
DT  N3     N  N N 123 
DT  C4     C  N N 124 
DT  O4     O  N N 125 
DT  C5     C  N N 126 
DT  C7     C  N N 127 
DT  C6     C  N N 128 
DT  HOP3   H  N N 129 
DT  HOP2   H  N N 130 
DT  "H5'"  H  N N 131 
DT  "H5''" H  N N 132 
DT  "H4'"  H  N N 133 
DT  "H3'"  H  N N 134 
DT  "HO3'" H  N N 135 
DT  "H2'"  H  N N 136 
DT  "H2''" H  N N 137 
DT  "H1'"  H  N N 138 
DT  H3     H  N N 139 
DT  H71    H  N N 140 
DT  H72    H  N N 141 
DT  H73    H  N N 142 
DT  H6     H  N N 143 
HOH O      O  N N 144 
HOH H1     H  N N 145 
HOH H2     H  N N 146 
SEY SE     SE N N 147 
SEY C      C  N N 148 
SEY N2     N  N N 149 
SEY N1     N  N N 150 
SEY H2     H  N N 151 
SEY H3     H  N N 152 
SEY H4     H  N N 153 
SEY H1     H  N N 154 
# 
loop_
_chem_comp_bond.comp_id 
_chem_comp_bond.atom_id_1 
_chem_comp_bond.atom_id_2 
_chem_comp_bond.value_order 
_chem_comp_bond.pdbx_aromatic_flag 
_chem_comp_bond.pdbx_stereo_config 
_chem_comp_bond.pdbx_ordinal 
DA  OP3   P      sing N N 1   
DA  OP3   HOP3   sing N N 2   
DA  P     OP1    doub N N 3   
DA  P     OP2    sing N N 4   
DA  P     "O5'"  sing N N 5   
DA  OP2   HOP2   sing N N 6   
DA  "O5'" "C5'"  sing N N 7   
DA  "C5'" "C4'"  sing N N 8   
DA  "C5'" "H5'"  sing N N 9   
DA  "C5'" "H5''" sing N N 10  
DA  "C4'" "O4'"  sing N N 11  
DA  "C4'" "C3'"  sing N N 12  
DA  "C4'" "H4'"  sing N N 13  
DA  "O4'" "C1'"  sing N N 14  
DA  "C3'" "O3'"  sing N N 15  
DA  "C3'" "C2'"  sing N N 16  
DA  "C3'" "H3'"  sing N N 17  
DA  "O3'" "HO3'" sing N N 18  
DA  "C2'" "C1'"  sing N N 19  
DA  "C2'" "H2'"  sing N N 20  
DA  "C2'" "H2''" sing N N 21  
DA  "C1'" N9     sing N N 22  
DA  "C1'" "H1'"  sing N N 23  
DA  N9    C8     sing Y N 24  
DA  N9    C4     sing Y N 25  
DA  C8    N7     doub Y N 26  
DA  C8    H8     sing N N 27  
DA  N7    C5     sing Y N 28  
DA  C5    C6     sing Y N 29  
DA  C5    C4     doub Y N 30  
DA  C6    N6     sing N N 31  
DA  C6    N1     doub Y N 32  
DA  N6    H61    sing N N 33  
DA  N6    H62    sing N N 34  
DA  N1    C2     sing Y N 35  
DA  C2    N3     doub Y N 36  
DA  C2    H2     sing N N 37  
DA  N3    C4     sing Y N 38  
DC  OP3   P      sing N N 39  
DC  OP3   HOP3   sing N N 40  
DC  P     OP1    doub N N 41  
DC  P     OP2    sing N N 42  
DC  P     "O5'"  sing N N 43  
DC  OP2   HOP2   sing N N 44  
DC  "O5'" "C5'"  sing N N 45  
DC  "C5'" "C4'"  sing N N 46  
DC  "C5'" "H5'"  sing N N 47  
DC  "C5'" "H5''" sing N N 48  
DC  "C4'" "O4'"  sing N N 49  
DC  "C4'" "C3'"  sing N N 50  
DC  "C4'" "H4'"  sing N N 51  
DC  "O4'" "C1'"  sing N N 52  
DC  "C3'" "O3'"  sing N N 53  
DC  "C3'" "C2'"  sing N N 54  
DC  "C3'" "H3'"  sing N N 55  
DC  "O3'" "HO3'" sing N N 56  
DC  "C2'" "C1'"  sing N N 57  
DC  "C2'" "H2'"  sing N N 58  
DC  "C2'" "H2''" sing N N 59  
DC  "C1'" N1     sing N N 60  
DC  "C1'" "H1'"  sing N N 61  
DC  N1    C2     sing N N 62  
DC  N1    C6     sing N N 63  
DC  C2    O2     doub N N 64  
DC  C2    N3     sing N N 65  
DC  N3    C4     doub N N 66  
DC  C4    N4     sing N N 67  
DC  C4    C5     sing N N 68  
DC  N4    H41    sing N N 69  
DC  N4    H42    sing N N 70  
DC  C5    C6     doub N N 71  
DC  C5    H5     sing N N 72  
DC  C6    H6     sing N N 73  
DG  OP3   P      sing N N 74  
DG  OP3   HOP3   sing N N 75  
DG  P     OP1    doub N N 76  
DG  P     OP2    sing N N 77  
DG  P     "O5'"  sing N N 78  
DG  OP2   HOP2   sing N N 79  
DG  "O5'" "C5'"  sing N N 80  
DG  "C5'" "C4'"  sing N N 81  
DG  "C5'" "H5'"  sing N N 82  
DG  "C5'" "H5''" sing N N 83  
DG  "C4'" "O4'"  sing N N 84  
DG  "C4'" "C3'"  sing N N 85  
DG  "C4'" "H4'"  sing N N 86  
DG  "O4'" "C1'"  sing N N 87  
DG  "C3'" "O3'"  sing N N 88  
DG  "C3'" "C2'"  sing N N 89  
DG  "C3'" "H3'"  sing N N 90  
DG  "O3'" "HO3'" sing N N 91  
DG  "C2'" "C1'"  sing N N 92  
DG  "C2'" "H2'"  sing N N 93  
DG  "C2'" "H2''" sing N N 94  
DG  "C1'" N9     sing N N 95  
DG  "C1'" "H1'"  sing N N 96  
DG  N9    C8     sing Y N 97  
DG  N9    C4     sing Y N 98  
DG  C8    N7     doub Y N 99  
DG  C8    H8     sing N N 100 
DG  N7    C5     sing Y N 101 
DG  C5    C6     sing N N 102 
DG  C5    C4     doub Y N 103 
DG  C6    O6     doub N N 104 
DG  C6    N1     sing N N 105 
DG  N1    C2     sing N N 106 
DG  N1    H1     sing N N 107 
DG  C2    N2     sing N N 108 
DG  C2    N3     doub N N 109 
DG  N2    H21    sing N N 110 
DG  N2    H22    sing N N 111 
DG  N3    C4     sing N N 112 
DT  OP3   P      sing N N 113 
DT  OP3   HOP3   sing N N 114 
DT  P     OP1    doub N N 115 
DT  P     OP2    sing N N 116 
DT  P     "O5'"  sing N N 117 
DT  OP2   HOP2   sing N N 118 
DT  "O5'" "C5'"  sing N N 119 
DT  "C5'" "C4'"  sing N N 120 
DT  "C5'" "H5'"  sing N N 121 
DT  "C5'" "H5''" sing N N 122 
DT  "C4'" "O4'"  sing N N 123 
DT  "C4'" "C3'"  sing N N 124 
DT  "C4'" "H4'"  sing N N 125 
DT  "O4'" "C1'"  sing N N 126 
DT  "C3'" "O3'"  sing N N 127 
DT  "C3'" "C2'"  sing N N 128 
DT  "C3'" "H3'"  sing N N 129 
DT  "O3'" "HO3'" sing N N 130 
DT  "C2'" "C1'"  sing N N 131 
DT  "C2'" "H2'"  sing N N 132 
DT  "C2'" "H2''" sing N N 133 
DT  "C1'" N1     sing N N 134 
DT  "C1'" "H1'"  sing N N 135 
DT  N1    C2     sing N N 136 
DT  N1    C6     sing N N 137 
DT  C2    O2     doub N N 138 
DT  C2    N3     sing N N 139 
DT  N3    C4     sing N N 140 
DT  N3    H3     sing N N 141 
DT  C4    O4     doub N N 142 
DT  C4    C5     sing N N 143 
DT  C5    C7     sing N N 144 
DT  C5    C6     doub N N 145 
DT  C7    H71    sing N N 146 
DT  C7    H72    sing N N 147 
DT  C7    H73    sing N N 148 
DT  C6    H6     sing N N 149 
HOH O     H1     sing N N 150 
HOH O     H2     sing N N 151 
SEY SE    C      doub N N 152 
SEY N2    C      sing N N 153 
SEY C     N1     sing N N 154 
SEY N2    H2     sing N N 155 
SEY N1    H3     sing N N 156 
SEY N1    H4     sing N N 157 
SEY N2    H1     sing N N 158 
# 
loop_
_ndb_struct_conf_na.entry_id 
_ndb_struct_conf_na.feature 
5T3L 'double helix'        
5T3L 'b-form double helix' 
# 
loop_
_ndb_struct_na_base_pair.model_number 
_ndb_struct_na_base_pair.i_label_asym_id 
_ndb_struct_na_base_pair.i_label_comp_id 
_ndb_struct_na_base_pair.i_label_seq_id 
_ndb_struct_na_base_pair.i_symmetry 
_ndb_struct_na_base_pair.j_label_asym_id 
_ndb_struct_na_base_pair.j_label_comp_id 
_ndb_struct_na_base_pair.j_label_seq_id 
_ndb_struct_na_base_pair.j_symmetry 
_ndb_struct_na_base_pair.shear 
_ndb_struct_na_base_pair.stretch 
_ndb_struct_na_base_pair.stagger 
_ndb_struct_na_base_pair.buckle 
_ndb_struct_na_base_pair.propeller 
_ndb_struct_na_base_pair.opening 
_ndb_struct_na_base_pair.pair_number 
_ndb_struct_na_base_pair.pair_name 
_ndb_struct_na_base_pair.i_auth_asym_id 
_ndb_struct_na_base_pair.i_auth_seq_id 
_ndb_struct_na_base_pair.i_PDB_ins_code 
_ndb_struct_na_base_pair.j_auth_asym_id 
_ndb_struct_na_base_pair.j_auth_seq_id 
_ndb_struct_na_base_pair.j_PDB_ins_code 
_ndb_struct_na_base_pair.hbond_type_28 
_ndb_struct_na_base_pair.hbond_type_12 
1 A DC 1  1_555 B DG 12 1_555 0.244  -0.209 -0.648 7.711  12.131  -0.006 1  A_DC1:DG24_B  A 1  ? B 24 ? 19 1 
1 A DG 2  1_555 B DC 11 1_555 -0.169 -0.189 0.367  -6.191 -10.133 -6.130 2  A_DG2:DC23_B  A 2  ? B 23 ? 19 1 
1 A DC 3  1_555 B DG 10 1_555 0.093  -0.114 0.224  -5.063 -6.759  1.982  3  A_DC3:DG22_B  A 3  ? B 22 ? 19 1 
1 A DG 4  1_555 B DC 9  1_555 -0.130 -0.071 0.043  10.573 -5.122  -0.446 4  A_DG4:DC21_B  A 4  ? B 21 ? 19 1 
1 A DA 5  1_555 B DT 8  1_555 0.008  -0.154 -0.130 5.348  -13.284 0.862  5  A_DA5:DT20_B  A 5  ? B 20 ? 20 1 
1 A DA 6  1_555 B DT 7  1_555 -0.097 -0.169 0.085  0.393  -14.117 2.915  6  A_DA6:DT19_B  A 6  ? B 19 ? 20 1 
1 A DT 7  1_555 B DA 6  1_555 0.028  -0.108 0.104  -0.307 -12.901 1.742  7  A_DT7:DA18_B  A 7  ? B 18 ? 20 1 
1 A DT 8  1_555 B DA 5  1_555 -0.054 -0.159 -0.151 1.203  -13.645 3.505  8  A_DT8:DA17_B  A 8  ? B 17 ? 20 1 
1 A DC 9  1_555 B DG 4  1_555 0.331  -0.157 0.036  -9.465 -9.745  -0.065 9  A_DC9:DG16_B  A 9  ? B 16 ? 19 1 
1 A DG 10 1_555 B DC 3  1_555 -0.226 -0.148 0.211  2.432  -4.434  0.992  10 A_DG10:DC15_B A 10 ? B 15 ? 19 1 
1 A DC 11 1_555 B DG 2  1_555 0.075  -0.176 0.130  2.921  -10.775 -2.497 11 A_DC11:DG14_B A 11 ? B 14 ? 19 1 
1 A DG 12 1_555 B DC 1  1_555 -0.254 -0.129 0.329  17.348 -4.424  0.893  12 A_DG12:DC13_B A 12 ? B 13 ? 19 1 
# 
loop_
_ndb_struct_na_base_pair_step.model_number 
_ndb_struct_na_base_pair_step.i_label_asym_id_1 
_ndb_struct_na_base_pair_step.i_label_comp_id_1 
_ndb_struct_na_base_pair_step.i_label_seq_id_1 
_ndb_struct_na_base_pair_step.i_symmetry_1 
_ndb_struct_na_base_pair_step.j_label_asym_id_1 
_ndb_struct_na_base_pair_step.j_label_comp_id_1 
_ndb_struct_na_base_pair_step.j_label_seq_id_1 
_ndb_struct_na_base_pair_step.j_symmetry_1 
_ndb_struct_na_base_pair_step.i_label_asym_id_2 
_ndb_struct_na_base_pair_step.i_label_comp_id_2 
_ndb_struct_na_base_pair_step.i_label_seq_id_2 
_ndb_struct_na_base_pair_step.i_symmetry_2 
_ndb_struct_na_base_pair_step.j_label_asym_id_2 
_ndb_struct_na_base_pair_step.j_label_comp_id_2 
_ndb_struct_na_base_pair_step.j_label_seq_id_2 
_ndb_struct_na_base_pair_step.j_symmetry_2 
_ndb_struct_na_base_pair_step.shift 
_ndb_struct_na_base_pair_step.slide 
_ndb_struct_na_base_pair_step.rise 
_ndb_struct_na_base_pair_step.tilt 
_ndb_struct_na_base_pair_step.roll 
_ndb_struct_na_base_pair_step.twist 
_ndb_struct_na_base_pair_step.x_displacement 
_ndb_struct_na_base_pair_step.y_displacement 
_ndb_struct_na_base_pair_step.helical_rise 
_ndb_struct_na_base_pair_step.inclination 
_ndb_struct_na_base_pair_step.tip 
_ndb_struct_na_base_pair_step.helical_twist 
_ndb_struct_na_base_pair_step.step_number 
_ndb_struct_na_base_pair_step.step_name 
_ndb_struct_na_base_pair_step.i_auth_asym_id_1 
_ndb_struct_na_base_pair_step.i_auth_seq_id_1 
_ndb_struct_na_base_pair_step.i_PDB_ins_code_1 
_ndb_struct_na_base_pair_step.j_auth_asym_id_1 
_ndb_struct_na_base_pair_step.j_auth_seq_id_1 
_ndb_struct_na_base_pair_step.j_PDB_ins_code_1 
_ndb_struct_na_base_pair_step.i_auth_asym_id_2 
_ndb_struct_na_base_pair_step.i_auth_seq_id_2 
_ndb_struct_na_base_pair_step.i_PDB_ins_code_2 
_ndb_struct_na_base_pair_step.j_auth_asym_id_2 
_ndb_struct_na_base_pair_step.j_auth_seq_id_2 
_ndb_struct_na_base_pair_step.j_PDB_ins_code_2 
1 A DC 1  1_555 B DG 12 1_555 A DG 2  1_555 B DC 11 1_555 -1.488 -0.515 3.910 -7.918 -13.145 32.911 1.538  0.967  4.061 -21.788 
13.125 36.223 1  AA_DC1DG2:DC23DG24_BB   A 1  ? B 24 ? A 2  ? B 23 ? 
1 A DG 2  1_555 B DC 11 1_555 A DC 3  1_555 B DG 10 1_555 1.136  0.132  3.304 4.112  3.477   41.641 -0.187 -1.146 3.396 4.867   
-5.756 41.972 2  AA_DG2DC3:DG22DC23_BB   A 2  ? B 23 ? A 3  ? B 22 ? 
1 A DC 3  1_555 B DG 10 1_555 A DG 4  1_555 B DC 9  1_555 -0.993 1.019  3.034 2.821  9.049   24.727 -0.098 2.894  3.078 20.208  
-6.299 26.455 3  AA_DC3DG4:DC21DG22_BB   A 3  ? B 22 ? A 4  ? B 21 ? 
1 A DG 4  1_555 B DC 9  1_555 A DA 5  1_555 B DT 8  1_555 0.129  0.380  3.447 1.813  3.034   38.373 0.177  0.042  3.469 4.604   
-2.751 38.529 4  AA_DG4DA5:DT20DC21_BB   A 4  ? B 21 ? A 5  ? B 20 ? 
1 A DA 5  1_555 B DT 8  1_555 A DA 6  1_555 B DT 7  1_555 0.138  -0.298 3.262 -2.761 0.042   38.562 -0.455 -0.546 3.244 0.064   
4.174  38.657 5  AA_DA5DA6:DT19DT20_BB   A 5  ? B 20 ? A 6  ? B 19 ? 
1 A DA 6  1_555 B DT 7  1_555 A DT 7  1_555 B DA 6  1_555 0.044  -0.679 3.241 -0.140 -2.004  32.725 -0.859 -0.102 3.276 -3.553  
0.249  32.785 6  AA_DA6DT7:DA18DT19_BB   A 6  ? B 19 ? A 7  ? B 18 ? 
1 A DT 7  1_555 B DA 6  1_555 A DT 8  1_555 B DA 5  1_555 -0.132 -0.311 3.142 2.588  -1.234  34.871 -0.338 0.594  3.133 -2.055  
-4.310 34.985 7  AA_DT7DT8:DA17DA18_BB   A 7  ? B 18 ? A 8  ? B 17 ? 
1 A DT 8  1_555 B DA 5  1_555 A DC 9  1_555 B DG 4  1_555 -0.015 -0.109 3.466 -0.060 -1.536  43.396 0.011  0.014  3.468 -2.076  
0.081  43.422 8  AA_DT8DC9:DG16DA17_BB   A 8  ? B 17 ? A 9  ? B 16 ? 
1 A DC 9  1_555 B DG 4  1_555 A DG 10 1_555 B DC 3  1_555 0.665  0.666  3.096 -1.964 2.721   27.550 0.766  -1.836 3.092 5.687   
4.106  27.750 9  AA_DC9DG10:DC15DG16_BB  A 9  ? B 16 ? A 10 ? B 15 ? 
1 A DG 10 1_555 B DC 3  1_555 A DC 11 1_555 B DG 2  1_555 -1.466 0.528  3.305 -1.087 -4.093  41.869 1.163  1.929  3.277 -5.711  
1.516  42.073 10 AA_DG10DC11:DG14DC15_BB A 10 ? B 15 ? A 11 ? B 14 ? 
1 A DC 11 1_555 B DG 2  1_555 A DG 12 1_555 B DC 1  1_555 1.404  0.661  3.098 -1.512 -2.436  32.704 1.559  -2.725 2.977 -4.315  
2.679  32.826 11 AA_DC11DG12:DC13DG14_BB A 11 ? B 14 ? A 12 ? B 13 ? 
# 
_pdbx_audit_support.funding_organization   'National Institutes of Health/National Cancer Institute (NIH/NCI)' 
_pdbx_audit_support.country                'United States' 
_pdbx_audit_support.grant_number           ? 
_pdbx_audit_support.ordinal                1 
# 
_atom_sites.entry_id                    5T3L 
_atom_sites.fract_transf_matrix[1][1]   -0.02016520 
_atom_sites.fract_transf_matrix[1][2]   -0.02422432 
_atom_sites.fract_transf_matrix[1][3]   0.02623675 
_atom_sites.fract_transf_matrix[2][1]   0.01919404 
_atom_sites.fract_transf_matrix[2][2]   -0.01452718 
_atom_sites.fract_transf_matrix[2][3]   0.00133936 
_atom_sites.fract_transf_matrix[3][1]   0.00534385 
_atom_sites.fract_transf_matrix[3][2]   0.00813142 
_atom_sites.fract_transf_matrix[3][3]   0.01161492 
_atom_sites.fract_transf_vector[1]      0.401446 
_atom_sites.fract_transf_vector[2]      -0.007217 
_atom_sites.fract_transf_vector[3]      0.153701 
# 
loop_
_atom_type.symbol 
C  
N  
O  
P  
SE 
# 
loop_
_atom_site.group_PDB 
_atom_site.id 
_atom_site.type_symbol 
_atom_site.label_atom_id 
_atom_site.label_alt_id 
_atom_site.label_comp_id 
_atom_site.label_asym_id 
_atom_site.label_entity_id 
_atom_site.label_seq_id 
_atom_site.pdbx_PDB_ins_code 
_atom_site.Cartn_x 
_atom_site.Cartn_y 
_atom_site.Cartn_z 
_atom_site.occupancy 
_atom_site.B_iso_or_equiv 
_atom_site.pdbx_formal_charge 
_atom_site.auth_seq_id 
_atom_site.auth_comp_id 
_atom_site.auth_asym_id 
_atom_site.auth_atom_id 
_atom_site.pdbx_PDB_model_num 
ATOM   1   O  "O5'" . DC  A 1 1  ? -3.542  17.970  8.160   1.00 39.73 ? 1   DC  A "O5'" 1 
ATOM   2   C  "C5'" . DC  A 1 1  ? -3.676  16.875  7.245   1.00 18.25 ? 1   DC  A "C5'" 1 
ATOM   3   C  "C4'" . DC  A 1 1  ? -2.298  16.308  6.996   1.00 13.62 ? 1   DC  A "C4'" 1 
ATOM   4   O  "O4'" . DC  A 1 1  ? -1.621  16.135  8.270   1.00 15.45 ? 1   DC  A "O4'" 1 
ATOM   5   C  "C3'" . DC  A 1 1  ? -2.282  14.945  6.328   1.00 14.42 ? 1   DC  A "C3'" 1 
ATOM   6   O  "O3'" . DC  A 1 1  ? -1.127  14.870  5.502   1.00 18.09 ? 1   DC  A "O3'" 1 
ATOM   7   C  "C2'" . DC  A 1 1  ? -2.006  14.004  7.473   1.00 16.56 ? 1   DC  A "C2'" 1 
ATOM   8   C  "C1'" . DC  A 1 1  ? -1.052  14.845  8.282   1.00 16.08 ? 1   DC  A "C1'" 1 
ATOM   9   N  N1    . DC  A 1 1  ? -0.925  14.394  9.661   1.00 20.06 ? 1   DC  A N1    1 
ATOM   10  C  C2    . DC  A 1 1  ? 0.343   14.040  10.156  1.00 16.61 ? 1   DC  A C2    1 
ATOM   11  O  O2    . DC  A 1 1  ? 1.344   14.239  9.445   1.00 14.12 ? 1   DC  A O2    1 
ATOM   12  N  N3    . DC  A 1 1  ? 0.446   13.545  11.414  1.00 20.03 ? 1   DC  A N3    1 
ATOM   13  C  C4    . DC  A 1 1  ? -0.653  13.401  12.165  1.00 30.04 ? 1   DC  A C4    1 
ATOM   14  N  N4    . DC  A 1 1  ? -0.509  12.920  13.406  1.00 38.07 ? 1   DC  A N4    1 
ATOM   15  C  C5    . DC  A 1 1  ? -1.953  13.709  11.668  1.00 26.80 ? 1   DC  A C5    1 
ATOM   16  C  C6    . DC  A 1 1  ? -2.042  14.198  10.423  1.00 18.71 ? 1   DC  A C6    1 
ATOM   17  P  P     . DG  A 1 2  ? -1.236  14.499  3.980   1.00 15.35 ? 2   DG  A P     1 
ATOM   18  O  OP1   . DG  A 1 2  ? -1.961  15.609  3.298   1.00 18.19 ? 2   DG  A OP1   1 
ATOM   19  O  OP2   . DG  A 1 2  ? -1.741  13.097  3.869   1.00 17.14 ? 2   DG  A OP2   1 
ATOM   20  O  "O5'" . DG  A 1 2  ? 0.311   14.467  3.577   1.00 14.10 ? 2   DG  A "O5'" 1 
ATOM   21  C  "C5'" . DG  A 1 2  ? 1.098   15.668  3.610   1.00 12.49 ? 2   DG  A "C5'" 1 
ATOM   22  C  "C4'" . DG  A 1 2  ? 2.466   15.377  4.189   1.00 13.91 ? 2   DG  A "C4'" 1 
ATOM   23  O  "O4'" . DG  A 1 2  ? 2.369   15.047  5.574   1.00 15.31 ? 2   DG  A "O4'" 1 
ATOM   24  C  "C3'" . DG  A 1 2  ? 3.185   14.180  3.585   1.00 14.60 ? 2   DG  A "C3'" 1 
ATOM   25  O  "O3'" . DG  A 1 2  ? 3.933   14.627  2.461   1.00 15.00 ? 2   DG  A "O3'" 1 
ATOM   26  C  "C2'" . DG  A 1 2  ? 4.138   13.748  4.673   1.00 14.71 ? 2   DG  A "C2'" 1 
ATOM   27  C  "C1'" . DG  A 1 2  ? 3.346   14.038  5.892   1.00 13.70 ? 2   DG  A "C1'" 1 
ATOM   28  N  N9    . DG  A 1 2  ? 2.662   12.934  6.545   1.00 11.36 ? 2   DG  A N9    1 
ATOM   29  C  C8    . DG  A 1 2  ? 1.311   12.729  6.637   1.00 14.27 ? 2   DG  A C8    1 
ATOM   30  N  N7    . DG  A 1 2  ? 0.993   11.750  7.436   1.00 11.58 ? 2   DG  A N7    1 
ATOM   31  C  C5    . DG  A 1 2  ? 2.204   11.317  7.940   1.00 9.50  ? 2   DG  A C5    1 
ATOM   32  C  C6    . DG  A 1 2  ? 2.475   10.337  8.900   1.00 8.39  ? 2   DG  A C6    1 
ATOM   33  O  O6    . DG  A 1 2  ? 1.662   9.667   9.559   1.00 11.76 ? 2   DG  A O6    1 
ATOM   34  N  N1    . DG  A 1 2  ? 3.843   10.194  9.114   1.00 9.47  ? 2   DG  A N1    1 
ATOM   35  C  C2    . DG  A 1 2  ? 4.821   10.919  8.474   1.00 6.44  ? 2   DG  A C2    1 
ATOM   36  N  N2    . DG  A 1 2  ? 6.072   10.631  8.801   1.00 9.27  ? 2   DG  A N2    1 
ATOM   37  N  N3    . DG  A 1 2  ? 4.571   11.876  7.583   1.00 9.49  ? 2   DG  A N3    1 
ATOM   38  C  C4    . DG  A 1 2  ? 3.249   12.022  7.378   1.00 9.70  ? 2   DG  A C4    1 
ATOM   39  P  P     . DC  A 1 3  ? 4.166   13.623  1.216   1.00 19.10 ? 3   DC  A P     1 
ATOM   40  O  OP1   . DC  A 1 3  ? 4.846   14.418  0.198   1.00 21.84 ? 3   DC  A OP1   1 
ATOM   41  O  OP2   . DC  A 1 3  ? 2.877   12.910  0.898   1.00 24.84 ? 3   DC  A OP2   1 
ATOM   42  O  "O5'" . DC  A 1 3  ? 5.180   12.529  1.758   1.00 13.42 ? 3   DC  A "O5'" 1 
ATOM   43  C  "C5'" . DC  A 1 3  ? 6.490   12.895  2.215   1.00 12.07 ? 3   DC  A "C5'" 1 
ATOM   44  C  "C4'" . DC  A 1 3  ? 7.039   11.725  3.005   1.00 8.63  ? 3   DC  A "C4'" 1 
ATOM   45  O  "O4'" . DC  A 1 3  ? 6.155   11.464  4.117   1.00 10.19 ? 3   DC  A "O4'" 1 
ATOM   46  C  "C3'" . DC  A 1 3  ? 7.082   10.412  2.242   1.00 10.49 ? 3   DC  A "C3'" 1 
ATOM   47  O  "O3'" . DC  A 1 3  ? 8.388   10.329  1.700   1.00 12.52 ? 3   DC  A "O3'" 1 
ATOM   48  C  "C2'" . DC  A 1 3  ? 6.973   9.364   3.338   1.00 12.85 ? 3   DC  A "C2'" 1 
ATOM   49  C  "C1'" . DC  A 1 3  ? 6.172   10.054  4.412   1.00 11.08 ? 3   DC  A "C1'" 1 
ATOM   50  N  N1    . DC  A 1 3  ? 4.781   9.632   4.594   1.00 10.53 ? 3   DC  A N1    1 
ATOM   51  C  C2    . DC  A 1 3  ? 4.496   8.762   5.637   1.00 7.13  ? 3   DC  A C2    1 
ATOM   52  O  O2    . DC  A 1 3  ? 5.432   8.260   6.246   1.00 10.09 ? 3   DC  A O2    1 
ATOM   53  N  N3    . DC  A 1 3  ? 3.203   8.498   5.960   1.00 6.29  ? 3   DC  A N3    1 
ATOM   54  C  C4    . DC  A 1 3  ? 2.217   9.082   5.263   1.00 9.12  ? 3   DC  A C4    1 
ATOM   55  N  N4    . DC  A 1 3  ? 0.951   8.788   5.580   1.00 11.25 ? 3   DC  A N4    1 
ATOM   56  C  C5    . DC  A 1 3  ? 2.487   9.969   4.182   1.00 13.17 ? 3   DC  A C5    1 
ATOM   57  C  C6    . DC  A 1 3  ? 3.767   10.228  3.898   1.00 11.89 ? 3   DC  A C6    1 
ATOM   58  P  P     . DG  A 1 4  ? 8.723   9.354   0.459   1.00 14.93 ? 4   DG  A P     1 
ATOM   59  O  OP1   . DG  A 1 4  ? 9.972   9.859   -0.189  1.00 20.41 ? 4   DG  A OP1   1 
ATOM   60  O  OP2   . DG  A 1 4  ? 7.492   9.111   -0.353  1.00 18.31 ? 4   DG  A OP2   1 
ATOM   61  O  "O5'" . DG  A 1 4  ? 9.089   7.960   1.158   1.00 14.13 ? 4   DG  A "O5'" 1 
ATOM   62  C  "C5'" . DG  A 1 4  ? 10.141  7.878   2.135   1.00 14.85 ? 4   DG  A "C5'" 1 
ATOM   63  C  "C4'" . DG  A 1 4  ? 10.285  6.440   2.566   1.00 17.97 ? 4   DG  A "C4'" 1 
ATOM   64  O  "O4'" . DG  A 1 4  ? 9.103   6.050   3.313   1.00 17.79 ? 4   DG  A "O4'" 1 
ATOM   65  C  "C3'" . DG  A 1 4  ? 10.387  5.454   1.407   1.00 23.15 ? 4   DG  A "C3'" 1 
ATOM   66  O  "O3'" . DG  A 1 4  ? 11.205  4.396   1.897   1.00 27.23 ? 4   DG  A "O3'" 1 
ATOM   67  C  "C2'" . DG  A 1 4  ? 8.940   5.109   1.129   1.00 18.90 ? 4   DG  A "C2'" 1 
ATOM   68  C  "C1'" . DG  A 1 4  ? 8.312   5.157   2.540   1.00 15.46 ? 4   DG  A "C1'" 1 
ATOM   69  N  N9    . DG  A 1 4  ? 6.917   5.591   2.635   1.00 13.74 ? 4   DG  A N9    1 
ATOM   70  C  C8    . DG  A 1 4  ? 6.227   6.388   1.759   1.00 12.25 ? 4   DG  A C8    1 
ATOM   71  N  N7    . DG  A 1 4  ? 4.985   6.590   2.113   1.00 13.47 ? 4   DG  A N7    1 
ATOM   72  C  C5    . DG  A 1 4  ? 4.822   5.820   3.261   1.00 10.82 ? 4   DG  A C5    1 
ATOM   73  C  C6    . DG  A 1 4  ? 3.680   5.628   4.087   1.00 9.48  ? 4   DG  A C6    1 
ATOM   74  O  O6    . DG  A 1 4  ? 2.532   6.076   3.941   1.00 10.12 ? 4   DG  A O6    1 
ATOM   75  N  N1    . DG  A 1 4  ? 3.955   4.766   5.146   1.00 9.63  ? 4   DG  A N1    1 
ATOM   76  C  C2    . DG  A 1 4  ? 5.178   4.197   5.405   1.00 11.61 ? 4   DG  A C2    1 
ATOM   77  N  N2    . DG  A 1 4  ? 5.239   3.387   6.487   1.00 10.70 ? 4   DG  A N2    1 
ATOM   78  N  N3    . DG  A 1 4  ? 6.259   4.392   4.657   1.00 14.42 ? 4   DG  A N3    1 
ATOM   79  C  C4    . DG  A 1 4  ? 6.002   5.187   3.594   1.00 13.24 ? 4   DG  A C4    1 
ATOM   80  P  P     . DA  A 1 5  ? 11.469  3.053   1.056   1.00 29.92 ? 5   DA  A P     1 
ATOM   81  O  OP1   . DA  A 1 5  ? 12.882  2.711   1.243   1.00 37.26 ? 5   DA  A OP1   1 
ATOM   82  O  OP2   . DA  A 1 5  ? 10.851  3.171   -0.282  1.00 40.88 ? 5   DA  A OP2   1 
ATOM   83  O  "O5'" . DA  A 1 5  ? 10.684  1.944   1.882   1.00 21.85 ? 5   DA  A "O5'" 1 
ATOM   84  C  "C5'" . DA  A 1 5  ? 10.921  1.841   3.278   1.00 18.69 ? 5   DA  A "C5'" 1 
ATOM   85  C  "C4'" . DA  A 1 5  ? 9.980   0.835   3.889   1.00 15.91 ? 5   DA  A "C4'" 1 
ATOM   86  O  "O4'" . DA  A 1 5  ? 8.637   1.362   3.829   1.00 15.12 ? 5   DA  A "O4'" 1 
ATOM   87  C  "C3'" . DA  A 1 5  ? 9.933   -0.537  3.223   1.00 17.59 ? 5   DA  A "C3'" 1 
ATOM   88  O  "O3'" . DA  A 1 5  ? 9.867   -1.505  4.283   1.00 19.35 ? 5   DA  A "O3'" 1 
ATOM   89  C  "C2'" . DA  A 1 5  ? 8.697   -0.446  2.343   1.00 16.51 ? 5   DA  A "C2'" 1 
ATOM   90  C  "C1'" . DA  A 1 5  ? 7.786   0.458   3.156   1.00 13.29 ? 5   DA  A "C1'" 1 
ATOM   91  N  N9    . DA  A 1 5  ? 6.790   1.257   2.445   1.00 11.18 ? 5   DA  A N9    1 
ATOM   92  C  C8    . DA  A 1 5  ? 6.961   2.003   1.308   1.00 15.31 ? 5   DA  A C8    1 
ATOM   93  N  N7    . DA  A 1 5  ? 5.903   2.706   0.973   1.00 13.73 ? 5   DA  A N7    1 
ATOM   94  C  C5    . DA  A 1 5  ? 4.960   2.368   1.936   1.00 10.26 ? 5   DA  A C5    1 
ATOM   95  C  C6    . DA  A 1 5  ? 3.628   2.772   2.133   1.00 8.15  ? 5   DA  A C6    1 
ATOM   96  N  N6    . DA  A 1 5  ? 2.988   3.610   1.309   1.00 10.78 ? 5   DA  A N6    1 
ATOM   97  N  N1    . DA  A 1 5  ? 2.949   2.234   3.176   1.00 8.60  ? 5   DA  A N1    1 
ATOM   98  C  C2    . DA  A 1 5  ? 3.612   1.419   4.012   1.00 10.52 ? 5   DA  A C2    1 
ATOM   99  N  N3    . DA  A 1 5  ? 4.887   1.001   3.957   1.00 10.60 ? 5   DA  A N3    1 
ATOM   100 C  C4    . DA  A 1 5  ? 5.495   1.484   2.855   1.00 9.77  ? 5   DA  A C4    1 
ATOM   101 P  P     . DA  A 1 6  ? 9.601   -3.056  3.973   1.00 18.46 ? 6   DA  A P     1 
ATOM   102 O  OP1   . DA  A 1 6  ? 10.276  -3.848  5.064   1.00 25.93 ? 6   DA  A OP1   1 
ATOM   103 O  OP2   . DA  A 1 6  ? 9.858   -3.324  2.539   1.00 21.92 ? 6   DA  A OP2   1 
ATOM   104 O  "O5'" . DA  A 1 6  ? 8.043   -3.207  4.254   1.00 14.34 ? 6   DA  A "O5'" 1 
ATOM   105 C  "C5'" . DA  A 1 6  ? 7.542   -2.840  5.530   1.00 13.33 ? 6   DA  A "C5'" 1 
ATOM   106 C  "C4'" . DA  A 1 6  ? 6.086   -3.220  5.618   1.00 12.24 ? 6   DA  A "C4'" 1 
ATOM   107 O  "O4'" . DA  A 1 6  ? 5.318   -2.333  4.789   1.00 11.89 ? 6   DA  A "O4'" 1 
ATOM   108 C  "C3'" . DA  A 1 6  ? 5.736   -4.641  5.169   1.00 11.35 ? 6   DA  A "C3'" 1 
ATOM   109 O  "O3'" . DA  A 1 6  ? 4.877   -5.131  6.184   1.00 13.57 ? 6   DA  A "O3'" 1 
ATOM   110 C  "C2'" . DA  A 1 6  ? 5.059   -4.436  3.824   1.00 10.78 ? 6   DA  A "C2'" 1 
ATOM   111 C  "C1'" . DA  A 1 6  ? 4.449   -3.054  3.937   1.00 10.15 ? 6   DA  A "C1'" 1 
ATOM   112 N  N9    . DA  A 1 6  ? 4.293   -2.245  2.727   1.00 9.44  ? 6   DA  A N9    1 
ATOM   113 C  C8    . DA  A 1 6  ? 5.260   -1.936  1.801   1.00 10.43 ? 6   DA  A C8    1 
ATOM   114 N  N7    . DA  A 1 6  ? 4.859   -1.102  0.871   1.00 8.67  ? 6   DA  A N7    1 
ATOM   115 C  C5    . DA  A 1 6  ? 3.544   -0.819  1.223   1.00 7.24  ? 6   DA  A C5    1 
ATOM   116 C  C6    . DA  A 1 6  ? 2.555   -0.034  0.615   1.00 7.94  ? 6   DA  A C6    1 
ATOM   117 N  N6    . DA  A 1 6  ? 2.766   0.699   -0.478  1.00 9.14  ? 6   DA  A N6    1 
ATOM   118 N  N1    . DA  A 1 6  ? 1.337   0.002   1.190   1.00 8.86  ? 6   DA  A N1    1 
ATOM   119 C  C2    . DA  A 1 6  ? 1.128   -0.719  2.306   1.00 9.27  ? 6   DA  A C2    1 
ATOM   120 N  N3    . DA  A 1 6  ? 1.978   -1.508  2.969   1.00 10.02 ? 6   DA  A N3    1 
ATOM   121 C  C4    . DA  A 1 6  ? 3.178   -1.525  2.360   1.00 6.75  ? 6   DA  A C4    1 
ATOM   122 P  P     . DT  A 1 7  ? 4.262   -6.647  6.150   1.00 16.74 ? 7   DT  A P     1 
ATOM   123 O  OP1   . DT  A 1 7  ? 3.933   -6.969  7.607   1.00 19.80 ? 7   DT  A OP1   1 
ATOM   124 O  OP2   . DT  A 1 7  ? 5.155   -7.499  5.380   1.00 18.37 ? 7   DT  A OP2   1 
ATOM   125 O  "O5'" . DT  A 1 7  ? 2.935   -6.478  5.294   1.00 13.10 ? 7   DT  A "O5'" 1 
ATOM   126 C  "C5'" . DT  A 1 7  ? 1.834   -5.809  5.920   1.00 14.12 ? 7   DT  A "C5'" 1 
ATOM   127 C  "C4'" . DT  A 1 7  ? 0.745   -5.540  4.912   1.00 10.54 ? 7   DT  A "C4'" 1 
ATOM   128 O  "O4'" . DT  A 1 7  ? 1.195   -4.718  3.824   1.00 8.71  ? 7   DT  A "O4'" 1 
ATOM   129 C  "C3'" . DT  A 1 7  ? 0.188   -6.807  4.268   1.00 13.45 ? 7   DT  A "C3'" 1 
ATOM   130 O  "O3'" . DT  A 1 7  ? -1.052  -7.078  4.946   1.00 15.45 ? 7   DT  A "O3'" 1 
ATOM   131 C  "C2'" . DT  A 1 7  ? 0.137   -6.483  2.788   1.00 13.35 ? 7   DT  A "C2'" 1 
ATOM   132 C  "C1'" . DT  A 1 7  ? 0.327   -4.980  2.751   1.00 10.76 ? 7   DT  A "C1'" 1 
ATOM   133 N  N1    . DT  A 1 7  ? 0.932   -4.420  1.532   1.00 9.14  ? 7   DT  A N1    1 
ATOM   134 C  C2    . DT  A 1 7  ? 0.208   -3.511  0.797   1.00 7.65  ? 7   DT  A C2    1 
ATOM   135 O  O2    . DT  A 1 7  ? -0.942  -3.223  1.047   1.00 9.71  ? 7   DT  A O2    1 
ATOM   136 N  N3    . DT  A 1 7  ? 0.862   -3.013  -0.300  1.00 6.50  ? 7   DT  A N3    1 
ATOM   137 C  C4    . DT  A 1 7  ? 2.158   -3.279  -0.694  1.00 8.68  ? 7   DT  A C4    1 
ATOM   138 O  O4    . DT  A 1 7  ? 2.625   -2.722  -1.696  1.00 10.07 ? 7   DT  A O4    1 
ATOM   139 C  C5    . DT  A 1 7  ? 2.852   -4.249  0.114   1.00 7.91  ? 7   DT  A C5    1 
ATOM   140 C  C7    . DT  A 1 7  ? 4.265   -4.609  -0.230  1.00 11.72 ? 7   DT  A C7    1 
ATOM   141 C  C6    . DT  A 1 7  ? 2.213   -4.764  1.173   1.00 8.60  ? 7   DT  A C6    1 
ATOM   142 P  P     . DT  A 1 8  ? -2.022  -8.239  4.433   1.00 21.49 ? 8   DT  A P     1 
ATOM   143 O  OP1   . DT  A 1 8  ? -2.767  -8.685  5.614   1.00 25.84 ? 8   DT  A OP1   1 
ATOM   144 O  OP2   . DT  A 1 8  ? -1.265  -9.241  3.613   1.00 27.14 ? 8   DT  A OP2   1 
ATOM   145 O  "O5'" . DT  A 1 8  ? -2.960  -7.506  3.376   1.00 18.49 ? 8   DT  A "O5'" 1 
ATOM   146 C  "C5'" . DT  A 1 8  ? -3.789  -6.457  3.838   1.00 14.81 ? 8   DT  A "C5'" 1 
ATOM   147 C  "C4'" . DT  A 1 8  ? -4.457  -5.785  2.669   1.00 13.64 ? 8   DT  A "C4'" 1 
ATOM   148 O  "O4'" . DT  A 1 8  ? -3.525  -5.256  1.682   1.00 15.10 ? 8   DT  A "O4'" 1 
ATOM   149 C  "C3'" . DT  A 1 8  ? -5.383  -6.732  1.918   1.00 14.48 ? 8   DT  A "C3'" 1 
ATOM   150 O  "O3'" . DT  A 1 8  ? -6.640  -6.103  1.906   1.00 17.67 ? 8   DT  A "O3'" 1 
ATOM   151 C  "C2'" . DT  A 1 8  ? -4.697  -6.947  0.580   1.00 17.07 ? 8   DT  A "C2'" 1 
ATOM   152 C  "C1'" . DT  A 1 8  ? -4.008  -5.626  0.372   1.00 13.36 ? 8   DT  A "C1'" 1 
ATOM   153 N  N1    . DT  A 1 8  ? -2.851  -5.647  -0.526  1.00 10.67 ? 8   DT  A N1    1 
ATOM   154 C  C2    . DT  A 1 8  ? -2.769  -4.693  -1.522  1.00 10.34 ? 8   DT  A C2    1 
ATOM   155 O  O2    . DT  A 1 8  ? -3.686  -3.926  -1.799  1.00 12.31 ? 8   DT  A O2    1 
ATOM   156 N  N3    . DT  A 1 8  ? -1.598  -4.707  -2.225  1.00 8.05  ? 8   DT  A N3    1 
ATOM   157 C  C4    . DT  A 1 8  ? -0.506  -5.549  -2.024  1.00 7.04  ? 8   DT  A C4    1 
ATOM   158 O  O4    . DT  A 1 8  ? 0.486   -5.443  -2.746  1.00 9.55  ? 8   DT  A O4    1 
ATOM   159 C  C5    . DT  A 1 8  ? -0.666  -6.528  -0.974  1.00 7.92  ? 8   DT  A C5    1 
ATOM   160 C  C7    . DT  A 1 8  ? 0.423   -7.529  -0.739  1.00 9.94  ? 8   DT  A C7    1 
ATOM   161 C  C6    . DT  A 1 8  ? -1.804  -6.513  -0.270  1.00 10.03 ? 8   DT  A C6    1 
ATOM   162 P  P     . DC  A 1 9  ? -7.888  -6.762  1.148   1.00 22.89 ? 9   DC  A P     1 
ATOM   163 O  OP1   . DC  A 1 9  ? -9.101  -6.356  1.894   1.00 25.52 ? 9   DC  A OP1   1 
ATOM   164 O  OP2   . DC  A 1 9  ? -7.624  -8.188  0.813   1.00 21.24 ? 9   DC  A OP2   1 
ATOM   165 O  "O5'" . DC  A 1 9  ? -7.905  -5.992  -0.239  1.00 18.49 ? 9   DC  A "O5'" 1 
ATOM   166 C  "C5'" . DC  A 1 9  ? -7.992  -4.570  -0.262  1.00 19.02 ? 9   DC  A "C5'" 1 
ATOM   167 C  "C4'" . DC  A 1 9  ? -8.007  -4.113  -1.701  1.00 14.13 ? 9   DC  A "C4'" 1 
ATOM   168 O  "O4'" . DC  A 1 9  ? -6.742  -4.393  -2.315  1.00 17.90 ? 9   DC  A "O4'" 1 
ATOM   169 C  "C3'" . DC  A 1 9  ? -9.048  -4.836  -2.563  1.00 18.80 ? 9   DC  A "C3'" 1 
ATOM   170 O  "O3'" . DC  A 1 9  ? -9.760  -3.805  -3.209  1.00 21.28 ? 9   DC  A "O3'" 1 
ATOM   171 C  "C2'" . DC  A 1 9  ? -8.240  -5.737  -3.485  1.00 15.51 ? 9   DC  A "C2'" 1 
ATOM   172 C  "C1'" . DC  A 1 9  ? -6.944  -4.986  -3.613  1.00 14.82 ? 9   DC  A "C1'" 1 
ATOM   173 N  N1    . DC  A 1 9  ? -5.732  -5.784  -3.892  1.00 8.79  ? 9   DC  A N1    1 
ATOM   174 C  C2    . DC  A 1 9  ? -4.829  -5.362  -4.877  1.00 10.58 ? 9   DC  A C2    1 
ATOM   175 O  O2    . DC  A 1 9  ? -5.167  -4.450  -5.658  1.00 11.75 ? 9   DC  A O2    1 
ATOM   176 N  N3    . DC  A 1 9  ? -3.655  -6.031  -5.018  1.00 12.02 ? 9   DC  A N3    1 
ATOM   177 C  C4    . DC  A 1 9  ? -3.341  -7.011  -4.166  1.00 9.05  ? 9   DC  A C4    1 
ATOM   178 N  N4    . DC  A 1 9  ? -2.164  -7.618  -4.312  1.00 10.44 ? 9   DC  A N4    1 
ATOM   179 C  C5    . DC  A 1 9  ? -4.256  -7.474  -3.177  1.00 10.98 ? 9   DC  A C5    1 
ATOM   180 C  C6    . DC  A 1 9  ? -5.409  -6.816  -3.053  1.00 10.36 ? 9   DC  A C6    1 
ATOM   181 P  P     . DG  A 1 10 ? -11.170 -4.042  -3.915  1.00 22.65 ? 10  DG  A P     1 
ATOM   182 O  OP1   . DG  A 1 10 ? -11.876 -2.745  -3.888  1.00 33.48 ? 10  DG  A OP1   1 
ATOM   183 O  OP2   . DG  A 1 10 ? -11.821 -5.303  -3.429  1.00 27.04 ? 10  DG  A OP2   1 
ATOM   184 O  "O5'" . DG  A 1 10 ? -10.728 -4.382  -5.401  1.00 17.88 ? 10  DG  A "O5'" 1 
ATOM   185 C  "C5'" . DG  A 1 10 ? -10.118 -3.402  -6.227  1.00 16.53 ? 10  DG  A "C5'" 1 
ATOM   186 C  "C4'" . DG  A 1 10 ? -9.582  -4.087  -7.465  1.00 12.01 ? 10  DG  A "C4'" 1 
ATOM   187 O  "O4'" . DG  A 1 10 ? -8.440  -4.902  -7.092  1.00 13.47 ? 10  DG  A "O4'" 1 
ATOM   188 C  "C3'" . DG  A 1 10 ? -10.557 -5.039  -8.173  1.00 15.71 ? 10  DG  A "C3'" 1 
ATOM   189 O  "O3'" . DG  A 1 10 ? -10.346 -4.971  -9.575  1.00 16.46 ? 10  DG  A "O3'" 1 
ATOM   190 C  "C2'" . DG  A 1 10 ? -10.026 -6.417  -7.819  1.00 14.89 ? 10  DG  A "C2'" 1 
ATOM   191 C  "C1'" . DG  A 1 10 ? -8.547  -6.105  -7.820  1.00 12.54 ? 10  DG  A "C1'" 1 
ATOM   192 N  N9    . DG  A 1 10 ? -7.628  -7.063  -7.226  1.00 10.54 ? 10  DG  A N9    1 
ATOM   193 C  C8    . DG  A 1 10 ? -7.809  -7.951  -6.194  1.00 12.46 ? 10  DG  A C8    1 
ATOM   194 N  N7    . DG  A 1 10 ? -6.742  -8.665  -5.939  1.00 10.61 ? 10  DG  A N7    1 
ATOM   195 C  C5    . DG  A 1 10 ? -5.792  -8.190  -6.841  1.00 8.65  ? 10  DG  A C5    1 
ATOM   196 C  C6    . DG  A 1 10 ? -4.453  -8.602  -7.076  1.00 8.68  ? 10  DG  A C6    1 
ATOM   197 O  O6    . DG  A 1 10 ? -3.788  -9.451  -6.462  1.00 12.63 ? 10  DG  A O6    1 
ATOM   198 N  N1    . DG  A 1 10 ? -3.867  -7.877  -8.113  1.00 10.05 ? 10  DG  A N1    1 
ATOM   199 C  C2    . DG  A 1 10 ? -4.510  -6.917  -8.861  1.00 9.61  ? 10  DG  A C2    1 
ATOM   200 N  N2    . DG  A 1 10 ? -3.803  -6.337  -9.836  1.00 7.64  ? 10  DG  A N2    1 
ATOM   201 N  N3    . DG  A 1 10 ? -5.753  -6.542  -8.658  1.00 10.57 ? 10  DG  A N3    1 
ATOM   202 C  C4    . DG  A 1 10 ? -6.337  -7.229  -7.661  1.00 8.09  ? 10  DG  A C4    1 
ATOM   203 P  P     . DC  A 1 11 ? -11.389 -4.294  -10.568 1.00 17.59 ? 11  DC  A P     1 
ATOM   204 O  OP1   . DC  A 1 11 ? -11.852 -3.016  -9.990  1.00 24.45 ? 11  DC  A OP1   1 
ATOM   205 O  OP2   . DC  A 1 11 ? -12.372 -5.309  -11.003 1.00 20.84 ? 11  DC  A OP2   1 
ATOM   206 O  "O5'" . DC  A 1 11 ? -10.483 -4.017  -11.845 1.00 18.85 ? 11  DC  A "O5'" 1 
ATOM   207 C  "C5'" . DC  A 1 11 ? -9.501  -2.988  -11.798 1.00 15.27 ? 11  DC  A "C5'" 1 
ATOM   208 C  "C4'" . DC  A 1 11 ? -8.475  -3.215  -12.880 1.00 15.24 ? 11  DC  A "C4'" 1 
ATOM   209 O  "O4'" . DC  A 1 11 ? -7.539  -4.257  -12.484 1.00 12.80 ? 11  DC  A "O4'" 1 
ATOM   210 C  "C3'" . DC  A 1 11 ? -9.065  -3.649  -14.219 1.00 14.96 ? 11  DC  A "C3'" 1 
ATOM   211 O  "O3'" . DC  A 1 11 ? -8.330  -2.933  -15.239 1.00 16.24 ? 11  DC  A "O3'" 1 
ATOM   212 C  "C2'" . DC  A 1 11 ? -8.895  -5.160  -14.213 1.00 14.24 ? 11  DC  A "C2'" 1 
ATOM   213 C  "C1'" . DC  A 1 11 ? -7.613  -5.367  -13.400 1.00 12.28 ? 11  DC  A "C1'" 1 
ATOM   214 N  N1    . DC  A 1 11 ? -7.517  -6.593  -12.582 1.00 9.81  ? 11  DC  A N1    1 
ATOM   215 C  C2    . DC  A 1 11 ? -6.260  -7.229  -12.422 1.00 11.38 ? 11  DC  A C2    1 
ATOM   216 O  O2    . DC  A 1 11 ? -5.279  -6.818  -13.064 1.00 13.52 ? 11  DC  A O2    1 
ATOM   217 N  N3    . DC  A 1 11 ? -6.158  -8.276  -11.574 1.00 9.49  ? 11  DC  A N3    1 
ATOM   218 C  C4    . DC  A 1 11 ? -7.213  -8.651  -10.844 1.00 8.30  ? 11  DC  A C4    1 
ATOM   219 N  N4    . DC  A 1 11 ? -7.059  -9.680  -10.007 1.00 10.57 ? 11  DC  A N4    1 
ATOM   220 C  C5    . DC  A 1 11 ? -8.489  -8.030  -10.989 1.00 11.58 ? 11  DC  A C5    1 
ATOM   221 C  C6    . DC  A 1 11 ? -8.581  -6.982  -11.816 1.00 10.47 ? 11  DC  A C6    1 
ATOM   222 P  P     . DG  A 1 12 ? -8.883  -2.855  -16.760 1.00 19.01 ? 12  DG  A P     1 
ATOM   223 O  OP1   . DG  A 1 12 ? -8.184  -1.731  -17.476 1.00 23.04 ? 12  DG  A OP1   1 
ATOM   224 O  OP2   . DG  A 1 12 ? -10.346 -2.986  -16.745 1.00 19.76 ? 12  DG  A OP2   1 
ATOM   225 O  "O5'" . DG  A 1 12 ? -8.331  -4.207  -17.380 1.00 15.63 ? 12  DG  A "O5'" 1 
ATOM   226 C  "C5'" . DG  A 1 12 ? -6.936  -4.344  -17.626 1.00 15.45 ? 12  DG  A "C5'" 1 
ATOM   227 C  "C4'" . DG  A 1 12 ? -6.640  -5.808  -17.854 1.00 13.40 ? 12  DG  A "C4'" 1 
ATOM   228 O  "O4'" . DG  A 1 12 ? -6.852  -6.542  -16.628 1.00 11.78 ? 12  DG  A "O4'" 1 
ATOM   229 C  "C3'" . DG  A 1 12 ? -7.527  -6.523  -18.875 1.00 10.71 ? 12  DG  A "C3'" 1 
ATOM   230 O  "O3'" . DG  A 1 12 ? -6.986  -6.399  -20.188 1.00 10.88 ? 12  DG  A "O3'" 1 
ATOM   231 C  "C2'" . DG  A 1 12 ? -7.547  -7.959  -18.362 1.00 10.74 ? 12  DG  A "C2'" 1 
ATOM   232 C  "C1'" . DG  A 1 12 ? -6.875  -7.898  -16.990 1.00 11.40 ? 12  DG  A "C1'" 1 
ATOM   233 N  N9    . DG  A 1 12 ? -7.568  -8.624  -15.930 1.00 9.97  ? 12  DG  A N9    1 
ATOM   234 C  C8    . DG  A 1 12 ? -8.902  -8.542  -15.604 1.00 10.64 ? 12  DG  A C8    1 
ATOM   235 N  N7    . DG  A 1 12 ? -9.226  -9.282  -14.576 1.00 10.97 ? 12  DG  A N7    1 
ATOM   236 C  C5    . DG  A 1 12 ? -8.049  -9.953  -14.257 1.00 10.38 ? 12  DG  A C5    1 
ATOM   237 C  C6    . DG  A 1 12 ? -7.770  -10.863 -13.208 1.00 9.67  ? 12  DG  A C6    1 
ATOM   238 O  O6    . DG  A 1 12 ? -8.565  -11.372 -12.398 1.00 11.68 ? 12  DG  A O6    1 
ATOM   239 N  N1    . DG  A 1 12 ? -6.435  -11.288 -13.239 1.00 10.32 ? 12  DG  A N1    1 
ATOM   240 C  C2    . DG  A 1 12 ? -5.471  -10.806 -14.102 1.00 7.68  ? 12  DG  A C2    1 
ATOM   241 N  N2    . DG  A 1 12 ? -4.226  -11.319 -13.977 1.00 7.67  ? 12  DG  A N2    1 
ATOM   242 N  N3    . DG  A 1 12 ? -5.710  -9.895  -15.034 1.00 7.37  ? 12  DG  A N3    1 
ATOM   243 C  C4    . DG  A 1 12 ? -7.009  -9.523  -15.060 1.00 8.65  ? 12  DG  A C4    1 
ATOM   244 O  "O5'" . DC  B 1 1  ? -3.684  -18.873 -8.976  1.00 75.25 ? 13  DC  B "O5'" 1 
ATOM   245 C  "C5'" . DC  B 1 1  ? -2.513  -18.030 -8.920  1.00 62.31 ? 13  DC  B "C5'" 1 
ATOM   246 C  "C4'" . DC  B 1 1  ? -2.024  -17.711 -10.314 1.00 44.14 ? 13  DC  B "C4'" 1 
ATOM   247 O  "O4'" . DC  B 1 1  ? -3.131  -17.235 -11.110 1.00 30.99 ? 13  DC  B "O4'" 1 
ATOM   248 C  "C3'" . DC  B 1 1  ? -0.994  -16.596 -10.375 1.00 27.36 ? 13  DC  B "C3'" 1 
ATOM   249 O  "O3'" . DC  B 1 1  ? -0.199  -16.739 -11.543 1.00 27.93 ? 13  DC  B "O3'" 1 
ATOM   250 C  "C2'" . DC  B 1 1  ? -1.849  -15.359 -10.520 1.00 35.41 ? 13  DC  B "C2'" 1 
ATOM   251 C  "C1'" . DC  B 1 1  ? -3.001  -15.856 -11.352 1.00 23.07 ? 13  DC  B "C1'" 1 
ATOM   252 N  N1    . DC  B 1 1  ? -4.292  -15.226 -11.053 1.00 19.85 ? 13  DC  B N1    1 
ATOM   253 C  C2    . DC  B 1 1  ? -4.605  -14.041 -11.706 1.00 13.60 ? 13  DC  B C2    1 
ATOM   254 O  O2    . DC  B 1 1  ? -3.769  -13.553 -12.501 1.00 15.93 ? 13  DC  B O2    1 
ATOM   255 N  N3    . DC  B 1 1  ? -5.808  -13.457 -11.476 1.00 12.98 ? 13  DC  B N3    1 
ATOM   256 C  C4    . DC  B 1 1  ? -6.671  -14.022 -10.628 1.00 15.74 ? 13  DC  B C4    1 
ATOM   257 N  N4    . DC  B 1 1  ? -7.834  -13.406 -10.420 1.00 20.50 ? 13  DC  B N4    1 
ATOM   258 C  C5    . DC  B 1 1  ? -6.375  -15.240 -9.952  1.00 24.89 ? 13  DC  B C5    1 
ATOM   259 C  C6    . DC  B 1 1  ? -5.186  -15.799 -10.185 1.00 21.84 ? 13  DC  B C6    1 
ATOM   260 P  P     . DG  B 1 2  ? 1.412   -16.865 -11.401 1.00 30.83 ? 14  DG  B P     1 
ATOM   261 O  OP1   . DG  B 1 2  ? 1.911   -17.784 -12.478 1.00 46.91 ? 14  DG  B OP1   1 
ATOM   262 O  OP2   . DG  B 1 2  ? 1.748   -17.102 -9.981  1.00 43.52 ? 14  DG  B OP2   1 
ATOM   263 O  "O5'" . DG  B 1 2  ? 1.904   -15.384 -11.707 1.00 25.77 ? 14  DG  B "O5'" 1 
ATOM   264 C  "C5'" . DG  B 1 2  ? 1.851   -14.932 -13.060 1.00 18.22 ? 14  DG  B "C5'" 1 
ATOM   265 C  "C4'" . DG  B 1 2  ? 1.961   -13.429 -13.115 1.00 14.71 ? 14  DG  B "C4'" 1 
ATOM   266 O  "O4'" . DG  B 1 2  ? 0.690   -12.849 -12.738 1.00 14.38 ? 14  DG  B "O4'" 1 
ATOM   267 C  "C3'" . DG  B 1 2  ? 3.016   -12.796 -12.206 1.00 14.91 ? 14  DG  B "C3'" 1 
ATOM   268 O  "O3'" . DG  B 1 2  ? 3.764   -11.943 -13.083 1.00 18.78 ? 14  DG  B "O3'" 1 
ATOM   269 C  "C2'" . DG  B 1 2  ? 2.200   -12.063 -11.142 1.00 15.80 ? 14  DG  B "C2'" 1 
ATOM   270 C  "C1'" . DG  B 1 2  ? 0.885   -11.767 -11.856 1.00 11.61 ? 14  DG  B "C1'" 1 
ATOM   271 N  N9    . DG  B 1 2  ? -0.305  -11.694 -11.019 1.00 11.47 ? 14  DG  B N9    1 
ATOM   272 C  C8    . DG  B 1 2  ? -0.635  -12.491 -9.945  1.00 15.73 ? 14  DG  B C8    1 
ATOM   273 N  N7    . DG  B 1 2  ? -1.816  -12.226 -9.454  1.00 15.76 ? 14  DG  B N7    1 
ATOM   274 C  C5    . DG  B 1 2  ? -2.328  -11.255 -10.307 1.00 9.83  ? 14  DG  B C5    1 
ATOM   275 C  C6    . DG  B 1 2  ? -3.556  -10.576 -10.273 1.00 7.90  ? 14  DG  B C6    1 
ATOM   276 O  O6    . DG  B 1 2  ? -4.484  -10.706 -9.458  1.00 11.90 ? 14  DG  B O6    1 
ATOM   277 N  N1    . DG  B 1 2  ? -3.639  -9.622  -11.285 1.00 10.21 ? 14  DG  B N1    1 
ATOM   278 C  C2    . DG  B 1 2  ? -2.666  -9.365  -12.213 1.00 6.64  ? 14  DG  B C2    1 
ATOM   279 N  N2    . DG  B 1 2  ? -2.934  -8.414  -13.120 1.00 9.66  ? 14  DG  B N2    1 
ATOM   280 N  N3    . DG  B 1 2  ? -1.517  -10.018 -12.269 1.00 9.13  ? 14  DG  B N3    1 
ATOM   281 C  C4    . DG  B 1 2  ? -1.404  -10.916 -11.276 1.00 9.30  ? 14  DG  B C4    1 
ATOM   282 P  P     . DC  B 1 3  ? 4.980   -11.050 -12.543 1.00 22.33 ? 15  DC  B P     1 
ATOM   283 O  OP1   . DC  B 1 3  ? 5.940   -10.905 -13.672 1.00 28.48 ? 15  DC  B OP1   1 
ATOM   284 O  OP2   . DC  B 1 3  ? 5.367   -11.580 -11.239 1.00 24.50 ? 15  DC  B OP2   1 
ATOM   285 O  "O5'" . DC  B 1 3  ? 4.369   -9.598  -12.306 1.00 18.20 ? 15  DC  B "O5'" 1 
ATOM   286 C  "C5'" . DC  B 1 3  ? 3.801   -8.941  -13.432 1.00 21.90 ? 15  DC  B "C5'" 1 
ATOM   287 C  "C4'" . DC  B 1 3  ? 2.809   -7.924  -12.936 1.00 16.27 ? 15  DC  B "C4'" 1 
ATOM   288 O  "O4'" . DC  B 1 3  ? 1.866   -8.574  -12.080 1.00 13.54 ? 15  DC  B "O4'" 1 
ATOM   289 C  "C3'" . DC  B 1 3  ? 3.428   -6.872  -12.033 1.00 14.73 ? 15  DC  B "C3'" 1 
ATOM   290 O  "O3'" . DC  B 1 3  ? 3.873   -5.858  -12.895 1.00 18.11 ? 15  DC  B "O3'" 1 
ATOM   291 C  "C2'" . DC  B 1 3  ? 2.230   -6.395  -11.251 1.00 20.03 ? 15  DC  B "C2'" 1 
ATOM   292 C  "C1'" . DC  B 1 3  ? 1.235   -7.547  -11.367 1.00 15.77 ? 15  DC  B "C1'" 1 
ATOM   293 N  N1    . DC  B 1 3  ? 0.737   -8.135  -10.112 1.00 12.31 ? 15  DC  B N1    1 
ATOM   294 C  C2    . DC  B 1 3  ? -0.567  -7.850  -9.739  1.00 9.37  ? 15  DC  B C2    1 
ATOM   295 O  O2    . DC  B 1 3  ? -1.207  -7.025  -10.404 1.00 11.18 ? 15  DC  B O2    1 
ATOM   296 N  N3    . DC  B 1 3  ? -1.101  -8.461  -8.648  1.00 9.01  ? 15  DC  B N3    1 
ATOM   297 C  C4    . DC  B 1 3  ? -0.370  -9.321  -7.947  1.00 12.06 ? 15  DC  B C4    1 
ATOM   298 N  N4    . DC  B 1 3  ? -0.925  -9.860  -6.856  1.00 13.59 ? 15  DC  B N4    1 
ATOM   299 C  C5    . DC  B 1 3  ? 0.973   -9.648  -8.316  1.00 12.43 ? 15  DC  B C5    1 
ATOM   300 C  C6    . DC  B 1 3  ? 1.485   -9.025  -9.383  1.00 13.70 ? 15  DC  B C6    1 
ATOM   301 P  P     . DG  B 1 4  ? 4.568   -4.559  -12.364 1.00 18.91 ? 16  DG  B P     1 
ATOM   302 O  OP1   . DG  B 1 4  ? 5.425   -4.104  -13.475 1.00 21.31 ? 16  DG  B OP1   1 
ATOM   303 O  OP2   . DG  B 1 4  ? 5.171   -4.841  -11.070 1.00 19.02 ? 16  DG  B OP2   1 
ATOM   304 O  "O5'" . DG  B 1 4  ? 3.384   -3.508  -12.188 1.00 17.03 ? 16  DG  B "O5'" 1 
ATOM   305 C  "C5'" . DG  B 1 4  ? 2.632   -3.055  -13.319 1.00 14.35 ? 16  DG  B "C5'" 1 
ATOM   306 C  "C4'" . DG  B 1 4  ? 1.405   -2.308  -12.859 1.00 15.02 ? 16  DG  B "C4'" 1 
ATOM   307 O  "O4'" . DG  B 1 4  ? 0.657   -3.100  -11.897 1.00 14.81 ? 16  DG  B "O4'" 1 
ATOM   308 C  "C3'" . DG  B 1 4  ? 1.698   -0.990  -12.142 1.00 17.40 ? 16  DG  B "C3'" 1 
ATOM   309 O  "O3'" . DG  B 1 4  ? 0.611   -0.144  -12.493 1.00 18.10 ? 16  DG  B "O3'" 1 
ATOM   310 C  "C2'" . DG  B 1 4  ? 1.737   -1.404  -10.685 1.00 14.71 ? 16  DG  B "C2'" 1 
ATOM   311 C  "C1'" . DG  B 1 4  ? 0.625   -2.435  -10.646 1.00 14.29 ? 16  DG  B "C1'" 1 
ATOM   312 N  N9    . DG  B 1 4  ? 0.715   -3.435  -9.590  1.00 11.02 ? 16  DG  B N9    1 
ATOM   313 C  C8    . DG  B 1 4  ? 1.830   -4.114  -9.155  1.00 11.99 ? 16  DG  B C8    1 
ATOM   314 N  N7    . DG  B 1 4  ? 1.567   -4.967  -8.199  1.00 12.85 ? 16  DG  B N7    1 
ATOM   315 C  C5    . DG  B 1 4  ? 0.203   -4.821  -7.971  1.00 9.49  ? 16  DG  B C5    1 
ATOM   316 C  C6    . DG  B 1 4  ? -0.649  -5.455  -7.022  1.00 7.90  ? 16  DG  B C6    1 
ATOM   317 O  O6    . DG  B 1 4  ? -0.356  -6.304  -6.166  1.00 10.24 ? 16  DG  B O6    1 
ATOM   318 N  N1    . DG  B 1 4  ? -1.967  -5.003  -7.133  1.00 8.57  ? 16  DG  B N1    1 
ATOM   319 C  C2    . DG  B 1 4  ? -2.401  -4.044  -8.019  1.00 7.59  ? 16  DG  B C2    1 
ATOM   320 N  N2    . DG  B 1 4  ? -3.716  -3.741  -7.987  1.00 8.90  ? 16  DG  B N2    1 
ATOM   321 N  N3    . DG  B 1 4  ? -1.617  -3.448  -8.904  1.00 9.78  ? 16  DG  B N3    1 
ATOM   322 C  C4    . DG  B 1 4  ? -0.341  -3.894  -8.834  1.00 10.13 ? 16  DG  B C4    1 
ATOM   323 P  P     . DA  B 1 5  ? 0.370   1.274   -11.781 1.00 19.77 ? 17  DA  B P     1 
ATOM   324 O  OP1   . DA  B 1 5  ? -0.109  2.215   -12.816 1.00 21.73 ? 17  DA  B OP1   1 
ATOM   325 O  OP2   . DA  B 1 5  ? 1.533   1.630   -10.873 1.00 17.49 ? 17  DA  B OP2   1 
ATOM   326 O  "O5'" . DA  B 1 5  ? -0.866  0.908   -10.847 1.00 17.13 ? 17  DA  B "O5'" 1 
ATOM   327 C  "C5'" . DA  B 1 5  ? -2.117  0.507   -11.452 1.00 14.32 ? 17  DA  B "C5'" 1 
ATOM   328 C  "C4'" . DA  B 1 5  ? -3.181  0.655   -10.394 1.00 15.03 ? 17  DA  B "C4'" 1 
ATOM   329 O  "O4'" . DA  B 1 5  ? -2.945  -0.306  -9.343  1.00 14.52 ? 17  DA  B "O4'" 1 
ATOM   330 C  "C3'" . DA  B 1 5  ? -3.217  2.018   -9.712  1.00 15.63 ? 17  DA  B "C3'" 1 
ATOM   331 O  "O3'" . DA  B 1 5  ? -4.595  2.296   -9.552  1.00 17.46 ? 17  DA  B "O3'" 1 
ATOM   332 C  "C2'" . DA  B 1 5  ? -2.433  1.803   -8.421  1.00 17.64 ? 17  DA  B "C2'" 1 
ATOM   333 C  "C1'" . DA  B 1 5  ? -2.729  0.366   -8.093  1.00 13.10 ? 17  DA  B "C1'" 1 
ATOM   334 N  N9    . DA  B 1 5  ? -1.661  -0.349  -7.411  1.00 10.96 ? 17  DA  B N9    1 
ATOM   335 C  C8    . DA  B 1 5  ? -0.336  -0.384  -7.764  1.00 11.38 ? 17  DA  B C8    1 
ATOM   336 N  N7    . DA  B 1 5  ? 0.388   -1.182  -7.022  1.00 8.59  ? 17  DA  B N7    1 
ATOM   337 C  C5    . DA  B 1 5  ? -0.526  -1.746  -6.146  1.00 6.86  ? 17  DA  B C5    1 
ATOM   338 C  C6    . DA  B 1 5  ? -0.386  -2.686  -5.113  1.00 6.61  ? 17  DA  B C6    1 
ATOM   339 N  N6    . DA  B 1 5  ? 0.781   -3.266  -4.790  1.00 8.28  ? 17  DA  B N6    1 
ATOM   340 N  N1    . DA  B 1 5  ? -1.498  -3.044  -4.437  1.00 10.59 ? 17  DA  B N1    1 
ATOM   341 C  C2    . DA  B 1 5  ? -2.672  -2.470  -4.770  1.00 8.62  ? 17  DA  B C2    1 
ATOM   342 N  N3    . DA  B 1 5  ? -2.928  -1.571  -5.730  1.00 8.82  ? 17  DA  B N3    1 
ATOM   343 C  C4    . DA  B 1 5  ? -1.798  -1.240  -6.375  1.00 7.54  ? 17  DA  B C4    1 
ATOM   344 P  P     . DA  B 1 6  ? -5.083  3.623   -8.785  1.00 18.51 ? 18  DA  B P     1 
ATOM   345 O  OP1   . DA  B 1 6  ? -6.462  3.973   -9.326  1.00 17.63 ? 18  DA  B OP1   1 
ATOM   346 O  OP2   . DA  B 1 6  ? -3.974  4.589   -8.761  1.00 21.49 ? 18  DA  B OP2   1 
ATOM   347 O  "O5'" . DA  B 1 6  ? -5.271  3.108   -7.288  1.00 16.94 ? 18  DA  B "O5'" 1 
ATOM   348 C  "C5'" . DA  B 1 6  ? -6.299  2.184   -6.948  1.00 18.47 ? 18  DA  B "C5'" 1 
ATOM   349 C  "C4'" . DA  B 1 6  ? -6.183  1.853   -5.477  1.00 17.41 ? 18  DA  B "C4'" 1 
ATOM   350 O  "O4'" . DA  B 1 6  ? -4.916  1.221   -5.235  1.00 14.27 ? 18  DA  B "O4'" 1 
ATOM   351 C  "C3'" . DA  B 1 6  ? -6.245  3.055   -4.523  1.00 17.77 ? 18  DA  B "C3'" 1 
ATOM   352 O  "O3'" . DA  B 1 6  ? -7.411  2.828   -3.750  1.00 22.13 ? 18  DA  B "O3'" 1 
ATOM   353 C  "C2'" . DA  B 1 6  ? -4.917  3.038   -3.777  1.00 14.27 ? 18  DA  B "C2'" 1 
ATOM   354 C  "C1'" . DA  B 1 6  ? -4.447  1.619   -3.943  1.00 13.24 ? 18  DA  B "C1'" 1 
ATOM   355 N  N9    . DA  B 1 6  ? -3.005  1.364   -3.895  1.00 10.65 ? 18  DA  B N9    1 
ATOM   356 C  C8    . DA  B 1 6  ? -2.026  1.908   -4.681  1.00 13.40 ? 18  DA  B C8    1 
ATOM   357 N  N7    . DA  B 1 6  ? -0.833  1.414   -4.460  1.00 12.05 ? 18  DA  B N7    1 
ATOM   358 C  C5    . DA  B 1 6  ? -1.047  0.462   -3.479  1.00 8.88  ? 18  DA  B C5    1 
ATOM   359 C  C6    . DA  B 1 6  ? -0.168  -0.363  -2.782  1.00 8.44  ? 18  DA  B C6    1 
ATOM   360 N  N6    . DA  B 1 6  ? 1.129   -0.431  -3.066  1.00 9.58  ? 18  DA  B N6    1 
ATOM   361 N  N1    . DA  B 1 6  ? -0.672  -1.136  -1.789  1.00 8.40  ? 18  DA  B N1    1 
ATOM   362 C  C2    . DA  B 1 6  ? -1.997  -1.119  -1.579  1.00 7.05  ? 18  DA  B C2    1 
ATOM   363 N  N3    . DA  B 1 6  ? -2.928  -0.334  -2.143  1.00 10.98 ? 18  DA  B N3    1 
ATOM   364 C  C4    . DA  B 1 6  ? -2.379  0.423   -3.113  1.00 9.78  ? 18  DA  B C4    1 
ATOM   365 P  P     . DT  B 1 7  ? -7.848  3.814   -2.615  1.00 23.09 ? 19  DT  B P     1 
ATOM   366 O  OP1   . DT  B 1 7  ? -9.332  3.779   -2.583  1.00 25.84 ? 19  DT  B OP1   1 
ATOM   367 O  OP2   . DT  B 1 7  ? -7.108  5.094   -2.750  1.00 24.70 ? 19  DT  B OP2   1 
ATOM   368 O  "O5'" . DT  B 1 7  ? -7.231  3.156   -1.309  1.00 18.38 ? 19  DT  B "O5'" 1 
ATOM   369 C  "C5'" . DT  B 1 7  ? -7.463  1.769   -0.989  1.00 17.96 ? 19  DT  B "C5'" 1 
ATOM   370 C  "C4'" . DT  B 1 7  ? -6.541  1.416   0.147   1.00 17.70 ? 19  DT  B "C4'" 1 
ATOM   371 O  "O4'" . DT  B 1 7  ? -5.175  1.361   -0.318  1.00 16.66 ? 19  DT  B "O4'" 1 
ATOM   372 C  "C3'" . DT  B 1 7  ? -6.556  2.397   1.329   1.00 20.77 ? 19  DT  B "C3'" 1 
ATOM   373 O  "O3'" . DT  B 1 7  ? -7.209  1.684   2.367   1.00 25.20 ? 19  DT  B "O3'" 1 
ATOM   374 C  "C2'" . DT  B 1 7  ? -5.095  2.726   1.567   1.00 17.41 ? 19  DT  B "C2'" 1 
ATOM   375 C  "C1'" . DT  B 1 7  ? -4.367  1.619   0.821   1.00 15.80 ? 19  DT  B "C1'" 1 
ATOM   376 N  N1    . DT  B 1 7  ? -3.027  1.948   0.332   1.00 11.26 ? 19  DT  B N1    1 
ATOM   377 C  C2    . DT  B 1 7  ? -1.955  1.196   0.764   1.00 8.08  ? 19  DT  B C2    1 
ATOM   378 O  O2    . DT  B 1 7  ? -2.056  0.319   1.592   1.00 13.70 ? 19  DT  B O2    1 
ATOM   379 N  N3    . DT  B 1 7  ? -0.756  1.540   0.208   1.00 8.89  ? 19  DT  B N3    1 
ATOM   380 C  C4    . DT  B 1 7  ? -0.532  2.508   -0.743  1.00 7.57  ? 19  DT  B C4    1 
ATOM   381 O  O4    . DT  B 1 7  ? 0.591   2.685   -1.170  1.00 10.41 ? 19  DT  B O4    1 
ATOM   382 C  C5    . DT  B 1 7  ? -1.695  3.268   -1.138  1.00 9.42  ? 19  DT  B C5    1 
ATOM   383 C  C7    . DT  B 1 7  ? -1.539  4.365   -2.143  1.00 14.45 ? 19  DT  B C7    1 
ATOM   384 C  C6    . DT  B 1 7  ? -2.866  2.957   -0.583  1.00 10.37 ? 19  DT  B C6    1 
ATOM   385 P  P     . DT  B 1 8  ? -7.232  2.202   3.867   1.00 34.22 ? 20  DT  B P     1 
ATOM   386 O  OP1   . DT  B 1 8  ? -8.433  1.626   4.443   1.00 45.59 ? 20  DT  B OP1   1 
ATOM   387 O  OP2   . DT  B 1 8  ? -6.961  3.684   3.904   1.00 35.24 ? 20  DT  B OP2   1 
ATOM   388 O  "O5'" . DT  B 1 8  ? -5.927  1.557   4.529   1.00 21.96 ? 20  DT  B "O5'" 1 
ATOM   389 C  "C5'" . DT  B 1 8  ? -5.784  0.152   4.557   1.00 17.89 ? 20  DT  B "C5'" 1 
ATOM   390 C  "C4'" . DT  B 1 8  ? -4.511  -0.173  5.277   1.00 12.13 ? 20  DT  B "C4'" 1 
ATOM   391 O  "O4'" . DT  B 1 8  ? -3.388  0.377   4.543   1.00 12.94 ? 20  DT  B "O4'" 1 
ATOM   392 C  "C3'" . DT  B 1 8  ? -4.428  0.422   6.688   1.00 16.51 ? 20  DT  B "C3'" 1 
ATOM   393 O  "O3'" . DT  B 1 8  ? -4.091  -0.650  7.555   1.00 17.49 ? 20  DT  B "O3'" 1 
ATOM   394 C  "C2'" . DT  B 1 8  ? -3.357  1.499   6.593   1.00 17.21 ? 20  DT  B "C2'" 1 
ATOM   395 C  "C1'" . DT  B 1 8  ? -2.491  1.002   5.458   1.00 13.06 ? 20  DT  B "C1'" 1 
ATOM   396 N  N1    . DT  B 1 8  ? -1.722  1.979   4.673   1.00 9.88  ? 20  DT  B N1    1 
ATOM   397 C  C2    . DT  B 1 8  ? -0.397  1.727   4.419   1.00 9.09  ? 20  DT  B C2    1 
ATOM   398 O  O2    . DT  B 1 8  ? 0.235   0.825   4.958   1.00 12.21 ? 20  DT  B O2    1 
ATOM   399 N  N3    . DT  B 1 8  ? 0.189   2.605   3.541   1.00 9.43  ? 20  DT  B N3    1 
ATOM   400 C  C4    . DT  B 1 8  ? -0.426  3.613   2.827   1.00 8.17  ? 20  DT  B C4    1 
ATOM   401 O  O4    . DT  B 1 8  ? 0.243   4.311   2.051   1.00 11.28 ? 20  DT  B O4    1 
ATOM   402 C  C5    . DT  B 1 8  ? -1.807  3.834   3.154   1.00 11.04 ? 20  DT  B C5    1 
ATOM   403 C  C7    . DT  B 1 8  ? -2.532  4.975   2.516   1.00 13.58 ? 20  DT  B C7    1 
ATOM   404 C  C6    . DT  B 1 8  ? -2.389  3.000   4.028   1.00 11.10 ? 20  DT  B C6    1 
ATOM   405 P  P     . DC  B 1 9  ? -3.977  -0.417  9.127   1.00 19.30 ? 21  DC  B P     1 
ATOM   406 O  OP1   . DC  B 1 9  ? -4.417  -1.670  9.764   1.00 29.05 ? 21  DC  B OP1   1 
ATOM   407 O  OP2   . DC  B 1 9  ? -4.629  0.890   9.459   1.00 20.92 ? 21  DC  B OP2   1 
ATOM   408 O  "O5'" . DC  B 1 9  ? -2.411  -0.245  9.360   1.00 15.09 ? 21  DC  B "O5'" 1 
ATOM   409 C  "C5'" . DC  B 1 9  ? -1.509  -1.312  9.032   1.00 13.75 ? 21  DC  B "C5'" 1 
ATOM   410 C  "C4'" . DC  B 1 9  ? -0.104  -0.879  9.361   1.00 14.18 ? 21  DC  B "C4'" 1 
ATOM   411 O  "O4'" . DC  B 1 9  ? 0.311   0.177   8.450   1.00 13.60 ? 21  DC  B "O4'" 1 
ATOM   412 C  "C3'" . DC  B 1 9  ? 0.086   -0.329  10.772  1.00 13.12 ? 21  DC  B "C3'" 1 
ATOM   413 O  "O3'" . DC  B 1 9  ? 1.223   -1.003  11.357  1.00 12.00 ? 21  DC  B "O3'" 1 
ATOM   414 C  "C2'" . DC  B 1 9  ? 0.311   1.158   10.554  1.00 13.38 ? 21  DC  B "C2'" 1 
ATOM   415 C  "C1'" . DC  B 1 9  ? 0.934   1.223   9.195   1.00 11.21 ? 21  DC  B "C1'" 1 
ATOM   416 N  N1    . DC  B 1 9  ? 0.759   2.437   8.398   1.00 10.16 ? 21  DC  B N1    1 
ATOM   417 C  C2    . DC  B 1 9  ? 1.837   2.877   7.632   1.00 9.47  ? 21  DC  B C2    1 
ATOM   418 O  O2    . DC  B 1 9  ? 2.963   2.367   7.823   1.00 10.90 ? 21  DC  B O2    1 
ATOM   419 N  N3    . DC  B 1 9  ? 1.659   3.894   6.767   1.00 8.74  ? 21  DC  B N3    1 
ATOM   420 C  C4    . DC  B 1 9  ? 0.446   4.419   6.591   1.00 7.05  ? 21  DC  B C4    1 
ATOM   421 N  N4    . DC  B 1 9  ? 0.319   5.412   5.715   1.00 10.44 ? 21  DC  B N4    1 
ATOM   422 C  C5    . DC  B 1 9  ? -0.691  3.956   7.323   1.00 9.85  ? 21  DC  B C5    1 
ATOM   423 C  C6    . DC  B 1 9  ? -0.486  2.977   8.217   1.00 11.15 ? 21  DC  B C6    1 
ATOM   424 P  P     . DG  B 1 10 ? 1.476   -0.971  12.927  1.00 16.05 ? 22  DG  B P     1 
ATOM   425 O  OP1   . DG  B 1 10 ? 2.336   -2.154  13.263  1.00 15.09 ? 22  DG  B OP1   1 
ATOM   426 O  OP2   . DG  B 1 10 ? 0.176   -0.732  13.638  1.00 15.47 ? 22  DG  B OP2   1 
ATOM   427 O  "O5'" . DG  B 1 10 ? 2.361   0.335   13.164  1.00 15.27 ? 22  DG  B "O5'" 1 
ATOM   428 C  "C5'" . DG  B 1 10 ? 3.657   0.433   12.583  1.00 14.71 ? 22  DG  B "C5'" 1 
ATOM   429 C  "C4'" . DG  B 1 10 ? 4.111   1.873   12.679  1.00 12.72 ? 22  DG  B "C4'" 1 
ATOM   430 O  "O4'" . DG  B 1 10 ? 3.382   2.631   11.668  1.00 11.91 ? 22  DG  B "O4'" 1 
ATOM   431 C  "C3'" . DG  B 1 10 ? 3.811   2.563   14.027  1.00 13.96 ? 22  DG  B "C3'" 1 
ATOM   432 O  "O3'" . DG  B 1 10 ? 4.892   3.452   14.336  1.00 17.54 ? 22  DG  B "O3'" 1 
ATOM   433 C  "C2'" . DG  B 1 10 ? 2.600   3.427   13.706  1.00 9.33  ? 22  DG  B "C2'" 1 
ATOM   434 C  "C1'" . DG  B 1 10 ? 2.999   3.840   12.287  1.00 11.97 ? 22  DG  B "C1'" 1 
ATOM   435 N  N9    . DG  B 1 10 ? 2.071   4.554   11.416  1.00 9.81  ? 22  DG  B N9    1 
ATOM   436 C  C8    . DG  B 1 10 ? 0.708   4.686   11.521  1.00 11.50 ? 22  DG  B C8    1 
ATOM   437 N  N7    . DG  B 1 10 ? 0.196   5.481   10.615  1.00 11.33 ? 22  DG  B N7    1 
ATOM   438 C  C5    . DG  B 1 10 ? 1.281   5.848   9.827   1.00 10.58 ? 22  DG  B C5    1 
ATOM   439 C  C6    . DG  B 1 10 ? 1.359   6.714   8.691   1.00 8.06  ? 22  DG  B C6    1 
ATOM   440 O  O6    . DG  B 1 10 ? 0.456   7.349   8.134   1.00 10.69 ? 22  DG  B O6    1 
ATOM   441 N  N1    . DG  B 1 10 ? 2.670   6.848   8.242   1.00 8.43  ? 22  DG  B N1    1 
ATOM   442 C  C2    . DG  B 1 10 ? 3.769   6.229   8.799   1.00 7.20  ? 22  DG  B C2    1 
ATOM   443 N  N2    . DG  B 1 10 ? 4.968   6.480   8.221   1.00 8.06  ? 22  DG  B N2    1 
ATOM   444 N  N3    . DG  B 1 10 ? 3.705   5.419   9.841   1.00 7.54  ? 22  DG  B N3    1 
ATOM   445 C  C4    . DG  B 1 10 ? 2.443   5.278   10.304  1.00 11.07 ? 22  DG  B C4    1 
ATOM   446 P  P     . DC  B 1 11 ? 5.759   3.314   15.645  1.00 18.50 ? 23  DC  B P     1 
ATOM   447 O  OP1   . DC  B 1 11 ? 6.247   1.896   15.751  1.00 19.79 ? 23  DC  B OP1   1 
ATOM   448 O  OP2   . DC  B 1 11 ? 5.026   3.944   16.761  1.00 22.36 ? 23  DC  B OP2   1 
ATOM   449 O  "O5'" . DC  B 1 11 ? 6.995   4.271   15.334  1.00 14.74 ? 23  DC  B "O5'" 1 
ATOM   450 C  "C5'" . DC  B 1 11 ? 7.963   3.900   14.361  1.00 12.77 ? 23  DC  B "C5'" 1 
ATOM   451 C  "C4'" . DC  B 1 11 ? 8.611   5.144   13.797  1.00 14.45 ? 23  DC  B "C4'" 1 
ATOM   452 O  "O4'" . DC  B 1 11 ? 7.680   5.675   12.848  1.00 13.45 ? 23  DC  B "O4'" 1 
ATOM   453 C  "C3'" . DC  B 1 11 ? 8.922   6.256   14.801  1.00 13.01 ? 23  DC  B "C3'" 1 
ATOM   454 O  "O3'" . DC  B 1 11 ? 10.260  6.735   14.555  1.00 15.15 ? 23  DC  B "O3'" 1 
ATOM   455 C  "C2'" . DC  B 1 11 ? 7.857   7.298   14.517  1.00 12.70 ? 23  DC  B "C2'" 1 
ATOM   456 C  "C1'" . DC  B 1 11 ? 7.467   7.048   13.073  1.00 12.04 ? 23  DC  B "C1'" 1 
ATOM   457 N  N1    . DC  B 1 11 ? 6.048   7.347   12.759  1.00 12.88 ? 23  DC  B N1    1 
ATOM   458 C  C2    . DC  B 1 11 ? 5.741   8.191   11.668  1.00 11.36 ? 23  DC  B C2    1 
ATOM   459 O  O2    . DC  B 1 11 ? 6.666   8.638   10.967  1.00 10.22 ? 23  DC  B O2    1 
ATOM   460 N  N3    . DC  B 1 11 ? 4.460   8.548   11.454  1.00 9.41  ? 23  DC  B N3    1 
ATOM   461 C  C4    . DC  B 1 11 ? 3.483   8.005   12.197  1.00 10.82 ? 23  DC  B C4    1 
ATOM   462 N  N4    . DC  B 1 11 ? 2.234   8.337   11.916  1.00 8.12  ? 23  DC  B N4    1 
ATOM   463 C  C5    . DC  B 1 11 ? 3.762   7.129   13.284  1.00 12.24 ? 23  DC  B C5    1 
ATOM   464 C  C6    . DC  B 1 11 ? 5.046   6.850   13.542  1.00 13.25 ? 23  DC  B C6    1 
ATOM   465 P  P     . DG  B 1 12 ? 10.959  7.802   15.565  1.00 17.65 ? 24  DG  B P     1 
ATOM   466 O  OP1   . DG  B 1 12 ? 12.435  7.725   15.352  1.00 24.09 ? 24  DG  B OP1   1 
ATOM   467 O  OP2   . DG  B 1 12 ? 10.366  7.609   16.929  1.00 20.70 ? 24  DG  B OP2   1 
ATOM   468 O  "O5'" . DG  B 1 12 ? 10.437  9.198   14.986  1.00 14.35 ? 24  DG  B "O5'" 1 
ATOM   469 C  "C5'" . DG  B 1 12 ? 10.871  9.600   13.708  1.00 11.36 ? 24  DG  B "C5'" 1 
ATOM   470 C  "C4'" . DG  B 1 12 ? 10.011  10.707  13.147  1.00 10.94 ? 24  DG  B "C4'" 1 
ATOM   471 O  "O4'" . DG  B 1 12 ? 8.677   10.230  12.921  1.00 11.02 ? 24  DG  B "O4'" 1 
ATOM   472 C  "C3'" . DG  B 1 12 ? 9.787   11.950  13.976  1.00 11.77 ? 24  DG  B "C3'" 1 
ATOM   473 O  "O3'" . DG  B 1 12 ? 10.963  12.752  13.979  1.00 19.88 ? 24  DG  B "O3'" 1 
ATOM   474 C  "C2'" . DG  B 1 12 ? 8.615   12.587  13.235  1.00 10.12 ? 24  DG  B "C2'" 1 
ATOM   475 C  "C1'" . DG  B 1 12 ? 7.893   11.388  12.631  1.00 8.94  ? 24  DG  B "C1'" 1 
ATOM   476 N  N9    . DG  B 1 12 ? 6.557   11.197  13.195  1.00 10.18 ? 24  DG  B N9    1 
ATOM   477 C  C8    . DG  B 1 12 ? 6.174   10.450  14.286  1.00 13.44 ? 24  DG  B C8    1 
ATOM   478 N  N7    . DG  B 1 12 ? 4.883   10.474  14.494  1.00 12.86 ? 24  DG  B N7    1 
ATOM   479 C  C5    . DG  B 1 12 ? 4.393   11.293  13.483  1.00 10.01 ? 24  DG  B C5    1 
ATOM   480 C  C6    . DG  B 1 12 ? 3.063   11.620  13.132  1.00 10.67 ? 24  DG  B C6    1 
ATOM   481 O  O6    . DG  B 1 12 ? 2.015   11.369  13.754  1.00 12.75 ? 24  DG  B O6    1 
ATOM   482 N  N1    . DG  B 1 12 ? 3.020   12.460  12.017  1.00 9.85  ? 24  DG  B N1    1 
ATOM   483 C  C2    . DG  B 1 12 ? 4.106   12.869  11.294  1.00 7.65  ? 24  DG  B C2    1 
ATOM   484 N  N2    . DG  B 1 12 ? 3.850   13.646  10.219  1.00 9.75  ? 24  DG  B N2    1 
ATOM   485 N  N3    . DG  B 1 12 ? 5.346   12.488  11.551  1.00 8.68  ? 24  DG  B N3    1 
ATOM   486 C  C4    . DG  B 1 12 ? 5.416   11.710  12.653  1.00 8.68  ? 24  DG  B C4    1 
HETATM 487 SE SE    . SEY C 2 .  ? 8.106   2.129   10.711  0.68 25.69 ? 101 SEY B SE    1 
HETATM 488 C  C     . SEY C 2 .  ? 6.478   2.903   10.313  0.68 10.08 ? 101 SEY B C     1 
HETATM 489 N  N2    . SEY C 2 .  ? 5.622   2.235   9.594   0.68 9.27  ? 101 SEY B N2    1 
HETATM 490 N  N1    . SEY C 2 .  ? 6.169   4.095   10.796  0.68 8.28  ? 101 SEY B N1    1 
HETATM 491 SE SE    . SEY D 2 .  ? 4.829   -1.098  8.989   0.55 27.57 ? 102 SEY B SE    1 
HETATM 492 C  C     . SEY D 2 .  ? 3.474   -1.165  7.687   0.55 17.18 ? 102 SEY B C     1 
HETATM 493 N  N2    . SEY D 2 .  ? 3.271   -0.144  6.936   0.55 21.15 ? 102 SEY B N2    1 
HETATM 494 N  N1    . SEY D 2 .  ? 2.746   -2.270  7.514   0.55 8.24  ? 102 SEY B N1    1 
HETATM 495 O  O     . HOH E 3 .  ? -11.823 -4.720  -15.850 1.00 29.61 ? 101 HOH A O     1 
HETATM 496 O  O     . HOH E 3 .  ? 5.138   -7.783  2.928   1.00 29.16 ? 102 HOH A O     1 
HETATM 497 O  O     . HOH E 3 .  ? 6.037   10.838  -1.467  1.00 33.66 ? 103 HOH A O     1 
HETATM 498 O  O     . HOH E 3 .  ? 6.116   4.058   -1.148  1.00 39.14 ? 104 HOH A O     1 
HETATM 499 O  O     . HOH E 3 .  ? -4.212  12.581  3.427   1.00 40.81 ? 105 HOH A O     1 
HETATM 500 O  O     . HOH E 3 .  ? 3.180   8.049   0.902   1.00 33.32 ? 106 HOH A O     1 
HETATM 501 O  O     . HOH E 3 .  ? -11.662 -9.324  -13.553 1.00 33.30 ? 107 HOH A O     1 
HETATM 502 O  O     . HOH E 3 .  ? 4.766   -2.688  -3.280  1.00 31.34 ? 108 HOH A O     1 
HETATM 503 O  O     . HOH E 3 .  ? 2.853   -6.635  -3.097  1.00 16.07 ? 109 HOH A O     1 
HETATM 504 O  O     . HOH E 3 .  ? 0.972   7.400   2.212   1.00 34.87 ? 110 HOH A O     1 
HETATM 505 O  O     . HOH E 3 .  ? -1.605  10.834  5.359   1.00 29.92 ? 111 HOH A O     1 
HETATM 506 O  O     . HOH E 3 .  ? -5.752  -1.794  -5.722  1.00 14.16 ? 112 HOH A O     1 
HETATM 507 O  O     . HOH E 3 .  ? 11.580  8.110   -1.523  1.00 39.27 ? 113 HOH A O     1 
HETATM 508 O  O     . HOH E 3 .  ? -0.881  10.033  8.443   1.00 23.36 ? 114 HOH A O     1 
HETATM 509 O  O     . HOH E 3 .  ? 7.617   -4.210  1.215   1.00 21.27 ? 115 HOH A O     1 
HETATM 510 O  O     . HOH E 3 .  ? 6.601   -0.839  -1.263  1.00 26.99 ? 116 HOH A O     1 
HETATM 511 O  O     . HOH E 3 .  ? -6.558  -4.174  -9.854  1.00 14.15 ? 117 HOH A O     1 
HETATM 512 O  O     . HOH E 3 .  ? -5.304  -1.702  -1.439  1.00 12.48 ? 118 HOH A O     1 
HETATM 513 O  O     . HOH E 3 .  ? -9.380  -6.732  -21.561 1.00 31.14 ? 119 HOH A O     1 
HETATM 514 O  O     . HOH E 3 .  ? -3.043  -2.170  2.588   1.00 11.79 ? 120 HOH A O     1 
HETATM 515 O  O     . HOH E 3 .  ? -4.749  15.904  3.620   1.00 28.22 ? 121 HOH A O     1 
HETATM 516 O  O     . HOH E 3 .  ? -1.475  -9.894  -2.747  1.00 17.99 ? 122 HOH A O     1 
HETATM 517 O  O     . HOH E 3 .  ? 6.936   14.408  -1.749  1.00 58.86 ? 123 HOH A O     1 
HETATM 518 O  O     . HOH E 3 .  ? -1.745  18.385  3.950   1.00 37.43 ? 124 HOH A O     1 
HETATM 519 O  O     . HOH E 3 .  ? 3.512   10.358  -0.436  1.00 38.56 ? 125 HOH A O     1 
HETATM 520 O  O     . HOH E 3 .  ? -4.181  -10.873 -3.830  1.00 33.83 ? 126 HOH A O     1 
HETATM 521 O  O     . HOH E 3 .  ? -12.286 -1.068  -15.437 1.00 46.37 ? 127 HOH A O     1 
HETATM 522 O  O     . HOH E 3 .  ? -11.967 -8.285  -10.571 1.00 33.68 ? 128 HOH A O     1 
HETATM 523 O  O     . HOH E 3 .  ? 0.212   11.749  1.845   1.00 25.73 ? 129 HOH A O     1 
HETATM 524 O  O     . HOH E 3 .  ? 4.953   1.048   -2.668  1.00 28.24 ? 130 HOH A O     1 
HETATM 525 O  O     . HOH E 3 .  ? -10.632 -8.053  -4.348  1.00 28.69 ? 131 HOH A O     1 
HETATM 526 O  O     . HOH E 3 .  ? 1.345   -9.808  1.965   1.00 31.06 ? 132 HOH A O     1 
HETATM 527 O  O     . HOH E 3 .  ? -9.748  -0.524  -3.239  1.00 28.12 ? 133 HOH A O     1 
HETATM 528 O  O     . HOH E 3 .  ? -9.614  -10.517 -8.368  1.00 13.81 ? 134 HOH A O     1 
HETATM 529 O  O     . HOH E 3 .  ? 3.582   5.696   -1.063  1.00 43.60 ? 135 HOH A O     1 
HETATM 530 O  O     . HOH E 3 .  ? -1.831  8.669   3.633   1.00 27.68 ? 136 HOH A O     1 
HETATM 531 O  O     . HOH E 3 .  ? 9.220   13.239  -0.579  1.00 75.21 ? 137 HOH A O     1 
HETATM 532 O  O     . HOH E 3 .  ? -1.632  9.773   10.756  1.00 39.32 ? 138 HOH A O     1 
HETATM 533 O  O     . HOH E 3 .  ? -7.134  -1.553  -8.038  1.00 32.11 ? 139 HOH A O     1 
HETATM 534 O  O     . HOH E 3 .  ? -10.194 -1.282  -0.443  1.00 43.90 ? 140 HOH A O     1 
HETATM 535 O  O     . HOH E 3 .  ? 9.089   -0.014  -1.318  1.00 43.05 ? 141 HOH A O     1 
HETATM 536 O  O     . HOH E 3 .  ? -7.829  -2.417  2.758   1.00 34.75 ? 142 HOH A O     1 
HETATM 537 O  O     . HOH E 3 .  ? 3.231   -8.067  1.597   1.00 15.82 ? 143 HOH A O     1 
HETATM 538 O  O     . HOH E 3 .  ? -2.985  -10.001 -0.017  1.00 33.45 ? 144 HOH A O     1 
HETATM 539 O  O     . HOH E 3 .  ? -11.570 -7.203  -17.252 1.00 28.42 ? 145 HOH A O     1 
HETATM 540 O  O     . HOH E 3 .  ? -3.905  11.107  6.888   1.00 33.69 ? 146 HOH A O     1 
HETATM 541 O  O     . HOH E 3 .  ? 7.669   -3.431  -1.541  1.00 35.56 ? 147 HOH A O     1 
HETATM 542 O  O     . HOH E 3 .  ? -9.341  0.166   -8.186  1.00 34.52 ? 148 HOH A O     1 
HETATM 543 O  O     . HOH E 3 .  ? 7.188   -6.850  1.351   1.00 26.44 ? 149 HOH A O     1 
HETATM 544 O  O     . HOH E 3 .  ? -1.563  9.412   16.147  1.00 39.19 ? 150 HOH A O     1 
HETATM 545 O  O     . HOH E 3 .  ? 4.025   -8.447  -1.256  1.00 22.21 ? 151 HOH A O     1 
HETATM 546 O  O     . HOH E 3 .  ? -4.863  -14.334 -5.549  1.00 31.88 ? 152 HOH A O     1 
HETATM 547 O  O     . HOH E 3 .  ? 2.630   -10.679 -1.821  1.00 36.43 ? 153 HOH A O     1 
HETATM 548 O  O     . HOH E 3 .  ? 6.709   -7.887  -0.995  1.00 32.71 ? 154 HOH A O     1 
HETATM 549 O  O     . HOH E 3 .  ? 6.941   -10.254 -2.283  1.00 76.75 ? 155 HOH A O     1 
HETATM 550 O  O     . HOH F 3 .  ? 8.303   8.822   17.443  1.00 40.17 ? 201 HOH B O     1 
HETATM 551 O  O     . HOH F 3 .  ? 1.846   4.230   -2.801  1.00 28.25 ? 202 HOH B O     1 
HETATM 552 O  O     . HOH F 3 .  ? 2.958   -1.356  -6.764  1.00 29.05 ? 203 HOH B O     1 
HETATM 553 O  O     . HOH F 3 .  ? 1.010   2.580   -5.854  1.00 22.30 ? 204 HOH B O     1 
HETATM 554 O  O     . HOH F 3 .  ? -0.296  6.337   0.529   1.00 28.20 ? 205 HOH B O     1 
HETATM 555 O  O     . HOH F 3 .  ? 4.544   -3.277  12.492  1.00 51.82 ? 206 HOH B O     1 
HETATM 556 O  O     . HOH F 3 .  ? 7.646   0.128   14.407  1.00 36.14 ? 207 HOH B O     1 
HETATM 557 O  O     . HOH F 3 .  ? -2.407  6.034   10.264  1.00 23.81 ? 208 HOH B O     1 
HETATM 558 O  O     . HOH F 3 .  ? -3.044  2.855   10.512  1.00 29.52 ? 209 HOH B O     1 
HETATM 559 O  O     . HOH F 3 .  ? 14.561  9.351   14.723  1.00 20.85 ? 210 HOH B O     1 
HETATM 560 O  O     . HOH F 3 .  ? 0.681   -1.858  5.446   1.00 12.30 ? 211 HOH B O     1 
HETATM 561 O  O     . HOH F 3 .  ? 13.006  5.344   14.055  1.00 27.93 ? 212 HOH B O     1 
HETATM 562 O  O     . HOH F 3 .  ? -0.486  1.910   14.149  1.00 26.64 ? 213 HOH B O     1 
HETATM 563 O  O     . HOH F 3 .  ? 1.816   -7.844  -5.351  1.00 21.23 ? 214 HOH B O     1 
HETATM 564 O  O     . HOH F 3 .  ? 4.196   -2.383  15.409  1.00 32.11 ? 215 HOH B O     1 
HETATM 565 O  O     . HOH F 3 .  ? 3.713   -6.482  -7.087  1.00 26.67 ? 216 HOH B O     1 
HETATM 566 O  O     . HOH F 3 .  ? 3.951   8.759   16.581  1.00 31.25 ? 217 HOH B O     1 
HETATM 567 O  O     . HOH F 3 .  ? -1.001  -1.947  15.971  1.00 28.69 ? 218 HOH B O     1 
HETATM 568 O  O     . HOH F 3 .  ? 6.092   0.386   6.644   1.00 29.88 ? 219 HOH B O     1 
HETATM 569 O  O     . HOH F 3 .  ? 4.379   -0.101  16.754  1.00 44.77 ? 220 HOH B O     1 
HETATM 570 O  O     . HOH F 3 .  ? -10.899 1.766   -4.072  1.00 38.00 ? 221 HOH B O     1 
HETATM 571 O  O     . HOH F 3 .  ? 3.095   0.869   -4.850  1.00 24.77 ? 222 HOH B O     1 
HETATM 572 O  O     . HOH F 3 .  ? -2.313  6.771   5.568   1.00 18.95 ? 223 HOH B O     1 
HETATM 573 O  O     . HOH F 3 .  ? 12.962  7.866   18.512  1.00 30.85 ? 224 HOH B O     1 
HETATM 574 O  O     . HOH F 3 .  ? -4.996  -12.769 -7.262  1.00 31.33 ? 225 HOH B O     1 
HETATM 575 O  O     . HOH F 3 .  ? 0.058   7.276   13.814  1.00 22.04 ? 226 HOH B O     1 
HETATM 576 O  O     . HOH F 3 .  ? -5.551  -1.785  -10.104 1.00 23.93 ? 227 HOH B O     1 
HETATM 577 O  O     . HOH F 3 .  ? -2.609  7.775   8.101   1.00 26.04 ? 228 HOH B O     1 
HETATM 578 O  O     . HOH F 3 .  ? -2.464  5.035   -6.082  1.00 28.36 ? 229 HOH B O     1 
HETATM 579 O  O     . HOH F 3 .  ? -8.114  5.592   -7.079  1.00 50.84 ? 230 HOH B O     1 
HETATM 580 O  O     . HOH F 3 .  ? 1.484   -10.341 -4.597  1.00 44.45 ? 231 HOH B O     1 
HETATM 581 O  O     . HOH F 3 .  ? -6.029  6.338   2.051   1.00 29.75 ? 232 HOH B O     1 
HETATM 582 O  O     . HOH F 3 .  ? -4.777  5.711   -0.360  1.00 30.06 ? 233 HOH B O     1 
HETATM 583 O  O     . HOH F 3 .  ? -4.375  5.007   5.837   1.00 19.90 ? 234 HOH B O     1 
HETATM 584 O  O     . HOH F 3 .  ? -3.211  -4.009  7.163   1.00 32.47 ? 235 HOH B O     1 
HETATM 585 O  O     . HOH F 3 .  ? -7.099  -0.855  -3.335  1.00 16.41 ? 236 HOH B O     1 
HETATM 586 O  O     . HOH F 3 .  ? -4.211  6.399   -4.537  1.00 43.33 ? 237 HOH B O     1 
HETATM 587 O  O     . HOH F 3 .  ? -2.045  -3.010  5.223   1.00 14.26 ? 238 HOH B O     1 
HETATM 588 O  O     . HOH F 3 .  ? -5.615  -2.016  1.403   1.00 18.34 ? 239 HOH B O     1 
HETATM 589 O  O     . HOH F 3 .  ? 5.180   -8.276  -8.775  1.00 48.94 ? 240 HOH B O     1 
HETATM 590 O  O     . HOH F 3 .  ? 15.281  5.008   15.243  1.00 38.54 ? 241 HOH B O     1 
HETATM 591 O  O     . HOH F 3 .  ? 7.854   -7.517  -12.764 1.00 48.43 ? 242 HOH B O     1 
HETATM 592 O  O     . HOH F 3 .  ? -5.261  4.684   8.186   1.00 41.72 ? 243 HOH B O     1 
HETATM 593 O  O     . HOH F 3 .  ? -0.229  -4.787  8.663   1.00 34.99 ? 244 HOH B O     1 
HETATM 594 O  O     . HOH F 3 .  ? -9.201  6.020   1.389   1.00 57.62 ? 245 HOH B O     1 
HETATM 595 O  O     . HOH F 3 .  ? -2.241  3.265   13.095  1.00 23.75 ? 246 HOH B O     1 
HETATM 596 O  O     . HOH F 3 .  ? -6.242  -3.444  5.249   1.00 35.71 ? 247 HOH B O     1 
HETATM 597 O  O     . HOH F 3 .  ? -11.044 1.190   0.680   1.00 43.77 ? 248 HOH B O     1 
HETATM 598 O  O     . HOH F 3 .  ? 12.217  8.821   20.830  1.00 38.32 ? 249 HOH B O     1 
HETATM 599 O  O     . HOH F 3 .  ? 0.619   2.706   16.897  1.00 25.46 ? 250 HOH B O     1 
HETATM 600 O  O     . HOH F 3 .  ? 2.202   -13.308 -7.331  1.00 36.61 ? 251 HOH B O     1 
HETATM 601 O  O     . HOH F 3 .  ? -1.017  4.470   15.008  1.00 46.97 ? 252 HOH B O     1 
HETATM 602 O  O     . HOH F 3 .  ? 15.324  5.254   18.272  1.00 42.98 ? 253 HOH B O     1 
HETATM 603 O  O     . HOH F 3 .  ? -2.395  7.644   -0.487  1.00 31.90 ? 254 HOH B O     1 
HETATM 604 O  O     . HOH F 3 .  ? 18.079  6.877   15.548  1.00 35.84 ? 255 HOH B O     1 
HETATM 605 O  O     . HOH F 3 .  ? -5.281  8.803   7.256   1.00 39.22 ? 256 HOH B O     1 
# 
loop_
_atom_site_anisotrop.id 
_atom_site_anisotrop.type_symbol 
_atom_site_anisotrop.pdbx_label_atom_id 
_atom_site_anisotrop.pdbx_label_alt_id 
_atom_site_anisotrop.pdbx_label_comp_id 
_atom_site_anisotrop.pdbx_label_asym_id 
_atom_site_anisotrop.pdbx_label_seq_id 
_atom_site_anisotrop.pdbx_PDB_ins_code 
_atom_site_anisotrop.U[1][1] 
_atom_site_anisotrop.U[2][2] 
_atom_site_anisotrop.U[3][3] 
_atom_site_anisotrop.U[1][2] 
_atom_site_anisotrop.U[1][3] 
_atom_site_anisotrop.U[2][3] 
_atom_site_anisotrop.pdbx_auth_seq_id 
_atom_site_anisotrop.pdbx_auth_comp_id 
_atom_site_anisotrop.pdbx_auth_asym_id 
_atom_site_anisotrop.pdbx_auth_atom_id 
1   O  "O5'" . DC  A 1  ? 0.5070 0.4258 0.5766 -0.1546 0.0074  -0.2210 1   DC  A "O5'" 
2   C  "C5'" . DC  A 1  ? 0.1333 0.3024 0.2573 0.0380  0.0518  -0.0491 1   DC  A "C5'" 
3   C  "C4'" . DC  A 1  ? 0.0990 0.1487 0.2694 -0.0160 0.0290  -0.0057 1   DC  A "C4'" 
4   O  "O4'" . DC  A 1  ? 0.1107 0.2318 0.2443 -0.0437 0.0424  -0.0452 1   DC  A "O4'" 
5   C  "C3'" . DC  A 1  ? 0.1337 0.2316 0.1823 0.0098  -0.0213 -0.0683 1   DC  A "C3'" 
6   O  "O3'" . DC  A 1  ? 0.2047 0.3015 0.1810 -0.0022 0.0319  0.0141  1   DC  A "O3'" 
7   C  "C2'" . DC  A 1  ? 0.1563 0.2500 0.2227 -0.0547 0.0008  -0.0152 1   DC  A "C2'" 
8   C  "C1'" . DC  A 1  ? 0.1588 0.2317 0.2202 -0.0309 0.0006  -0.0248 1   DC  A "C1'" 
9   N  N1    . DC  A 1  ? 0.1666 0.3639 0.2317 0.0134  0.0243  0.0364  1   DC  A N1    
10  C  C2    . DC  A 1  ? 0.1561 0.2878 0.1869 0.0013  0.0242  -0.0195 1   DC  A C2    
11  O  O2    . DC  A 1  ? 0.0831 0.2614 0.1919 0.0257  -0.0259 -0.0278 1   DC  A O2    
12  N  N3    . DC  A 1  ? 0.1320 0.3958 0.2330 0.0102  -0.0363 0.0308  1   DC  A N3    
13  C  C4    . DC  A 1  ? 0.1963 0.5756 0.3694 -0.0140 0.0243  0.1607  1   DC  A C4    
14  N  N4    . DC  A 1  ? 0.2785 0.6880 0.4801 0.1118  -0.0452 0.2740  1   DC  A N4    
15  C  C5    . DC  A 1  ? 0.2328 0.4875 0.2979 0.1154  0.0585  0.0460  1   DC  A C5    
16  C  C6    . DC  A 1  ? 0.0660 0.3793 0.2655 -0.0388 -0.0379 -0.0215 1   DC  A C6    
17  P  P     . DG  A 2  ? 0.1723 0.1979 0.2128 -0.0057 -0.0151 0.0258  2   DG  A P     
18  O  OP1   . DG  A 2  ? 0.1953 0.2307 0.2650 -0.0355 -0.0448 0.1219  2   DG  A OP1   
19  O  OP2   . DG  A 2  ? 0.2008 0.2093 0.2411 -0.0407 0.0422  -0.0292 2   DG  A OP2   
20  O  "O5'" . DG  A 2  ? 0.1671 0.1860 0.1825 -0.0285 -0.0091 0.0259  2   DG  A "O5'" 
21  C  "C5'" . DG  A 2  ? 0.1552 0.1619 0.1573 -0.0171 -0.0041 0.0052  2   DG  A "C5'" 
22  C  "C4'" . DG  A 2  ? 0.1237 0.2522 0.1526 -0.0301 0.0248  -0.0111 2   DG  A "C4'" 
23  O  "O4'" . DG  A 2  ? 0.2545 0.1667 0.1602 0.0113  -0.0024 0.0093  2   DG  A "O4'" 
24  C  "C3'" . DG  A 2  ? 0.1249 0.2466 0.1830 -0.0130 -0.0086 -0.0270 2   DG  A "C3'" 
25  O  "O3'" . DG  A 2  ? 0.1574 0.2391 0.1732 0.0539  -0.0028 0.0411  2   DG  A "O3'" 
26  C  "C2'" . DG  A 2  ? 0.1834 0.1972 0.1780 -0.0066 0.0393  0.0681  2   DG  A "C2'" 
27  C  "C1'" . DG  A 2  ? 0.1934 0.1960 0.1308 -0.0100 -0.0021 0.0596  2   DG  A "C1'" 
28  N  N9    . DG  A 2  ? 0.1175 0.1577 0.1563 0.0234  0.0230  0.0385  2   DG  A N9    
29  C  C8    . DG  A 2  ? 0.1181 0.2100 0.2139 0.0014  0.0145  0.0601  2   DG  A C8    
30  N  N7    . DG  A 2  ? 0.1165 0.1658 0.1574 0.0152  0.0169  0.0125  2   DG  A N7    
31  C  C5    . DG  A 2  ? 0.1468 0.0364 0.1776 0.0083  0.0109  -0.0026 2   DG  A C5    
32  C  C6    . DG  A 2  ? 0.1277 0.0283 0.1628 -0.0136 -0.0008 -0.0121 2   DG  A C6    
33  O  O6    . DG  A 2  ? 0.1829 0.0866 0.1771 -0.0084 0.0523  0.0186  2   DG  A O6    
34  N  N1    . DG  A 2  ? 0.1213 0.0540 0.1844 -0.0144 0.0103  -0.0090 2   DG  A N1    
35  C  C2    . DG  A 2  ? 0.0941 0.0585 0.0919 0.0113  -0.0102 -0.0106 2   DG  A C2    
36  N  N2    . DG  A 2  ? 0.0820 0.1214 0.1488 -0.0136 -0.0191 0.0193  2   DG  A N2    
37  N  N3    . DG  A 2  ? 0.1067 0.1154 0.1382 0.0511  0.0315  0.0413  2   DG  A N3    
38  C  C4    . DG  A 2  ? 0.1053 0.1379 0.1253 -0.0110 -0.0221 0.0021  2   DG  A C4    
39  P  P     . DC  A 3  ? 0.2515 0.2853 0.1886 0.0519  -0.0035 0.0202  3   DC  A P     
40  O  OP1   . DC  A 3  ? 0.3869 0.2378 0.2049 0.1322  0.0613  0.0860  3   DC  A OP1   
41  O  OP2   . DC  A 3  ? 0.3348 0.3935 0.2155 -0.0173 -0.1097 0.1503  3   DC  A OP2   
42  O  "O5'" . DC  A 3  ? 0.2031 0.1838 0.1231 -0.0170 0.0528  0.0542  3   DC  A "O5'" 
43  C  "C5'" . DC  A 3  ? 0.2191 0.1009 0.1384 0.0095  0.0325  0.0238  3   DC  A "C5'" 
44  C  "C4'" . DC  A 3  ? 0.1044 0.1814 0.0418 0.0184  -0.0122 0.0042  3   DC  A "C4'" 
45  O  "O4'" . DC  A 3  ? 0.1512 0.1358 0.1002 -0.0043 0.0304  0.0203  3   DC  A "O4'" 
46  C  "C3'" . DC  A 3  ? 0.1915 0.1632 0.0438 0.0391  0.0024  0.0144  3   DC  A "C3'" 
47  O  "O3'" . DC  A 3  ? 0.2064 0.1077 0.1615 -0.0233 0.0476  0.0227  3   DC  A "O3'" 
48  C  "C2'" . DC  A 3  ? 0.1968 0.1229 0.1686 0.0063  0.0624  0.0457  3   DC  A "C2'" 
49  C  "C1'" . DC  A 3  ? 0.1660 0.1302 0.1244 -0.0243 0.0233  0.0244  3   DC  A "C1'" 
50  N  N1    . DC  A 3  ? 0.1307 0.0941 0.1752 0.0187  0.0188  0.0362  3   DC  A N1    
51  C  C2    . DC  A 3  ? 0.0964 0.1071 0.0673 -0.0012 -0.0046 -0.0238 3   DC  A C2    
52  O  O2    . DC  A 3  ? 0.1270 0.0823 0.1738 0.0102  -0.0099 0.0475  3   DC  A O2    
53  N  N3    . DC  A 3  ? 0.0966 0.0420 0.1005 -0.0128 -0.0118 0.0041  3   DC  A N3    
54  C  C4    . DC  A 3  ? 0.0984 0.1368 0.1111 0.0236  -0.0045 0.0157  3   DC  A C4    
55  N  N4    . DC  A 3  ? 0.1170 0.1441 0.1663 -0.0321 -0.0209 0.0477  3   DC  A N4    
56  C  C5    . DC  A 3  ? 0.1710 0.1339 0.1954 -0.0065 0.0249  0.0552  3   DC  A C5    
57  C  C6    . DC  A 3  ? 0.1566 0.1713 0.1239 0.0590  0.0186  0.0057  3   DC  A C6    
58  P  P     . DG  A 4  ? 0.2248 0.1487 0.1934 -0.0126 0.0651  -0.0098 4   DG  A P     
59  O  OP1   . DG  A 4  ? 0.2888 0.1456 0.3409 -0.0761 0.0850  0.0660  4   DG  A OP1   
60  O  OP2   . DG  A 4  ? 0.2662 0.3020 0.1273 0.0287  0.0348  0.0071  4   DG  A OP2   
61  O  "O5'" . DG  A 4  ? 0.2052 0.1764 0.1552 0.0089  0.0750  -0.0022 4   DG  A "O5'" 
62  C  "C5'" . DG  A 4  ? 0.2067 0.1885 0.1690 0.0002  0.0902  0.0699  4   DG  A "C5'" 
63  C  "C4'" . DG  A 4  ? 0.2357 0.1401 0.3068 -0.0386 0.0624  0.0163  4   DG  A "C4'" 
64  O  "O4'" . DG  A 4  ? 0.3056 0.1640 0.2063 -0.0300 0.0873  0.0422  4   DG  A "O4'" 
65  C  "C3'" . DG  A 4  ? 0.3143 0.2680 0.2970 0.0124  0.1341  -0.0142 4   DG  A "C3'" 
66  O  "O3'" . DG  A 4  ? 0.4530 0.2696 0.3119 0.0425  0.1784  0.0370  4   DG  A "O3'" 
67  C  "C2'" . DG  A 4  ? 0.3164 0.2298 0.1717 -0.0445 0.1175  -0.0225 4   DG  A "C2'" 
68  C  "C1'" . DG  A 4  ? 0.2761 0.1850 0.1261 0.0094  0.0637  0.0419  4   DG  A "C1'" 
69  N  N9    . DG  A 4  ? 0.2261 0.1776 0.1182 -0.0180 0.0744  -0.0015 4   DG  A N9    
70  C  C8    . DG  A 4  ? 0.2197 0.1431 0.1025 -0.0842 0.0126  -0.0122 4   DG  A C8    
71  N  N7    . DG  A 4  ? 0.2356 0.1568 0.1193 -0.0802 0.0254  0.0134  4   DG  A N7    
72  C  C5    . DG  A 4  ? 0.2089 0.0719 0.1302 -0.0296 0.0444  -0.0010 4   DG  A C5    
73  C  C6    . DG  A 4  ? 0.1521 0.0836 0.1242 0.0010  0.0059  -0.0110 4   DG  A C6    
74  O  O6    . DG  A 4  ? 0.1444 0.0963 0.1438 -0.0236 -0.0349 0.0262  4   DG  A O6    
75  N  N1    . DG  A 4  ? 0.1604 0.0668 0.1386 -0.0349 0.0243  0.0100  4   DG  A N1    
76  C  C2    . DG  A 4  ? 0.1935 0.1118 0.1357 0.0040  0.0041  -0.0113 4   DG  A C2    
77  N  N2    . DG  A 4  ? 0.1522 0.0947 0.1596 -0.0320 0.0413  0.0004  4   DG  A N2    
78  N  N3    . DG  A 4  ? 0.2666 0.1449 0.1361 -0.0303 0.0487  -0.0124 4   DG  A N3    
79  C  C4    . DG  A 4  ? 0.2199 0.1568 0.1264 -0.0125 0.0774  -0.0076 4   DG  A C4    
80  P  P     . DA  A 5  ? 0.4612 0.1701 0.5053 0.0573  0.2181  0.0417  5   DA  A P     
81  O  OP1   . DA  A 5  ? 0.3947 0.3653 0.6554 -0.0675 0.2064  0.0221  5   DA  A OP1   
82  O  OP2   . DA  A 5  ? 0.7645 0.3555 0.4331 0.1906  0.1865  0.0637  5   DA  A OP2   
83  O  "O5'" . DA  A 5  ? 0.3206 0.1048 0.4047 0.0681  0.0498  0.0537  5   DA  A "O5'" 
84  C  "C5'" . DA  A 5  ? 0.1425 0.1669 0.4008 -0.0321 0.0247  0.0319  5   DA  A "C5'" 
85  C  "C4'" . DA  A 5  ? 0.1553 0.2266 0.2225 -0.0351 0.0118  0.0324  5   DA  A "C4'" 
86  O  "O4'" . DA  A 5  ? 0.1460 0.2027 0.2256 -0.0163 0.0095  -0.0397 5   DA  A "O4'" 
87  C  "C3'" . DA  A 5  ? 0.2332 0.2297 0.2052 0.0299  -0.0212 0.0135  5   DA  A "C3'" 
88  O  "O3'" . DA  A 5  ? 0.2202 0.2001 0.3147 -0.0566 -0.0079 0.0395  5   DA  A "O3'" 
89  C  "C2'" . DA  A 5  ? 0.2263 0.1706 0.2304 -0.0004 -0.0425 -0.0048 5   DA  A "C2'" 
90  C  "C1'" . DA  A 5  ? 0.1936 0.1883 0.1231 -0.0217 -0.0409 0.0293  5   DA  A "C1'" 
91  N  N9    . DA  A 5  ? 0.1130 0.1330 0.1787 -0.0237 -0.0046 -0.0085 5   DA  A N9    
92  C  C8    . DA  A 5  ? 0.1586 0.1789 0.2441 -0.0503 0.0317  0.0408  5   DA  A C8    
93  N  N7    . DA  A 5  ? 0.1175 0.2285 0.1759 -0.0394 0.0406  -0.0382 5   DA  A N7    
94  C  C5    . DA  A 5  ? 0.1090 0.1069 0.1739 -0.0433 0.0220  -0.0264 5   DA  A C5    
95  C  C6    . DA  A 5  ? 0.1329 0.0660 0.1106 -0.0081 0.0095  -0.0310 5   DA  A C6    
96  N  N6    . DA  A 5  ? 0.1560 0.1233 0.1302 0.0141  0.0162  0.0017  5   DA  A N6    
97  N  N1    . DA  A 5  ? 0.1292 0.0990 0.0984 0.0041  0.0146  -0.0408 5   DA  A N1    
98  C  C2    . DA  A 5  ? 0.1447 0.1024 0.1523 0.0171  0.0388  0.0025  5   DA  A C2    
99  N  N3    . DA  A 5  ? 0.1029 0.1368 0.1630 -0.0415 0.0011  -0.0140 5   DA  A N3    
100 C  C4    . DA  A 5  ? 0.1270 0.1109 0.1334 -0.0318 0.0122  -0.0536 5   DA  A C4    
101 P  P     . DA  A 6  ? 0.1681 0.1888 0.3443 -0.0109 0.0171  0.0129  6   DA  A P     
102 O  OP1   . DA  A 6  ? 0.2538 0.3708 0.3603 0.0678  0.0487  0.0499  6   DA  A OP1   
103 O  OP2   . DA  A 6  ? 0.2331 0.2590 0.3406 -0.0333 0.0406  -0.0200 6   DA  A OP2   
104 O  "O5'" . DA  A 6  ? 0.1628 0.1708 0.2112 -0.0208 0.0101  0.0116  6   DA  A "O5'" 
105 C  "C5'" . DA  A 6  ? 0.1568 0.1614 0.1882 -0.0029 -0.0388 -0.0013 6   DA  A "C5'" 
106 C  "C4'" . DA  A 6  ? 0.1582 0.1373 0.1696 0.0080  -0.0271 0.0206  6   DA  A "C4'" 
107 O  "O4'" . DA  A 6  ? 0.1452 0.1509 0.1555 0.0270  -0.0440 -0.0061 6   DA  A "O4'" 
108 C  "C3'" . DA  A 6  ? 0.1720 0.1199 0.1391 0.0411  0.0138  0.0073  6   DA  A "C3'" 
109 O  "O3'" . DA  A 6  ? 0.1300 0.2193 0.1663 -0.0205 -0.0392 0.0672  6   DA  A "O3'" 
110 C  "C2'" . DA  A 6  ? 0.1446 0.1083 0.1566 -0.0194 -0.0100 0.0114  6   DA  A "C2'" 
111 C  "C1'" . DA  A 6  ? 0.1629 0.1338 0.0889 0.0061  0.0179  -0.0008 6   DA  A "C1'" 
112 N  N9    . DA  A 6  ? 0.1159 0.1026 0.1401 0.0357  -0.0014 0.0280  6   DA  A N9    
113 C  C8    . DA  A 6  ? 0.0915 0.1552 0.1495 0.0047  -0.0172 0.0242  6   DA  A C8    
114 N  N7    . DA  A 6  ? 0.1208 0.0781 0.1302 0.0258  -0.0201 -0.0338 6   DA  A N7    
115 C  C5    . DA  A 6  ? 0.1154 0.0840 0.0755 0.0114  -0.0063 -0.0204 6   DA  A C5    
116 C  C6    . DA  A 6  ? 0.1687 0.1034 0.0294 0.0442  0.0101  -0.0117 6   DA  A C6    
117 N  N6    . DA  A 6  ? 0.1793 0.0782 0.0895 0.0541  0.0263  0.0203  6   DA  A N6    
118 N  N1    . DA  A 6  ? 0.1410 0.0988 0.0966 0.0247  -0.0138 -0.0051 6   DA  A N1    
119 C  C2    . DA  A 6  ? 0.1509 0.0925 0.1083 0.0390  -0.0005 0.0035  6   DA  A C2    
120 N  N3    . DA  A 6  ? 0.1501 0.1183 0.1123 0.0132  -0.0004 0.0583  6   DA  A N3    
121 C  C4    . DA  A 6  ? 0.1228 0.0418 0.0917 0.0196  -0.0215 -0.0125 6   DA  A C4    
122 P  P     . DT  A 7  ? 0.1776 0.2272 0.2309 -0.0058 -0.0341 0.0163  7   DT  A P     
123 O  OP1   . DT  A 7  ? 0.1905 0.3147 0.2469 -0.0261 -0.0507 0.0500  7   DT  A OP1   
124 O  OP2   . DT  A 7  ? 0.1794 0.2070 0.3113 -0.0093 0.0279  -0.0010 7   DT  A OP2   
125 O  "O5'" . DT  A 7  ? 0.2074 0.1308 0.1595 -0.0009 -0.0401 0.0302  7   DT  A "O5'" 
126 C  "C5'" . DT  A 7  ? 0.1824 0.1660 0.1880 -0.0089 -0.0280 0.0275  7   DT  A "C5'" 
127 C  "C4'" . DT  A 7  ? 0.1234 0.1096 0.1674 -0.0219 0.0067  0.0198  7   DT  A "C4'" 
128 O  "O4'" . DT  A 7  ? 0.1065 0.1149 0.1095 0.0162  0.0263  -0.0230 7   DT  A "O4'" 
129 C  "C3'" . DT  A 7  ? 0.2003 0.1411 0.1696 0.0085  0.0033  -0.0412 7   DT  A "C3'" 
130 O  "O3'" . DT  A 7  ? 0.2002 0.2148 0.1721 0.0127  -0.0032 0.0400  7   DT  A "O3'" 
131 C  "C2'" . DT  A 7  ? 0.1988 0.1266 0.1815 0.0380  -0.0191 -0.0103 7   DT  A "C2'" 
132 C  "C1'" . DT  A 7  ? 0.1401 0.1430 0.1257 -0.0083 -0.0106 0.0245  7   DT  A "C1'" 
133 N  N1    . DT  A 7  ? 0.0946 0.1385 0.1140 0.0105  -0.0099 0.0065  7   DT  A N1    
134 C  C2    . DT  A 7  ? 0.1179 0.1235 0.0491 0.0343  0.0187  -0.0136 7   DT  A C2    
135 O  O2    . DT  A 7  ? 0.1013 0.1463 0.1210 0.0527  -0.0185 0.0332  7   DT  A O2    
136 N  N3    . DT  A 7  ? 0.1060 0.0819 0.0590 0.0181  0.0036  -0.0062 7   DT  A N3    
137 C  C4    . DT  A 7  ? 0.1223 0.1034 0.1039 0.0277  0.0262  -0.0135 7   DT  A C4    
138 O  O4    . DT  A 7  ? 0.1733 0.1265 0.0824 0.0423  0.0201  -0.0026 7   DT  A O4    
139 C  C5    . DT  A 7  ? 0.1000 0.1137 0.0866 0.0016  -0.0048 -0.0170 7   DT  A C5    
140 C  C7    . DT  A 7  ? 0.1009 0.1677 0.1766 0.0072  0.0137  -0.0093 7   DT  A C7    
141 C  C6    . DT  A 7  ? 0.0982 0.1414 0.0868 0.0191  -0.0060 -0.0008 7   DT  A C6    
142 P  P     . DT  A 8  ? 0.2604 0.2290 0.3272 -0.0120 -0.0748 0.0687  8   DT  A P     
143 O  OP1   . DT  A 8  ? 0.2866 0.3552 0.3397 -0.0722 -0.0684 0.1402  8   DT  A OP1   
144 O  OP2   . DT  A 8  ? 0.3037 0.1707 0.5568 -0.0364 -0.0189 -0.0172 8   DT  A OP2   
145 O  "O5'" . DT  A 8  ? 0.1776 0.2589 0.2658 -0.0072 -0.0553 0.0079  8   DT  A "O5'" 
146 C  "C5'" . DT  A 8  ? 0.2029 0.2002 0.1594 -0.0265 -0.0495 0.0359  8   DT  A "C5'" 
147 C  "C4'" . DT  A 8  ? 0.2047 0.1689 0.1446 -0.0060 -0.0253 0.0315  8   DT  A "C4'" 
148 O  "O4'" . DT  A 8  ? 0.1981 0.2091 0.1665 -0.0343 0.0087  -0.0324 8   DT  A "O4'" 
149 C  "C3'" . DT  A 8  ? 0.2433 0.0986 0.2082 -0.0106 0.0082  -0.0046 8   DT  A "C3'" 
150 O  "O3'" . DT  A 8  ? 0.2317 0.2677 0.1720 -0.0103 0.0449  0.0392  8   DT  A "O3'" 
151 C  "C2'" . DT  A 8  ? 0.2288 0.2320 0.1878 -0.0211 -0.0028 0.0150  8   DT  A "C2'" 
152 C  "C1'" . DT  A 8  ? 0.1413 0.2012 0.1652 0.0138  -0.0183 -0.0183 8   DT  A "C1'" 
153 N  N1    . DT  A 8  ? 0.1451 0.1282 0.1318 -0.0186 -0.0400 -0.0039 8   DT  A N1    
154 C  C2    . DT  A 8  ? 0.1429 0.1385 0.1115 0.0387  0.0209  -0.0068 8   DT  A C2    
155 O  O2    . DT  A 8  ? 0.1005 0.2357 0.1315 0.0496  0.0081  0.0054  8   DT  A O2    
156 N  N3    . DT  A 8  ? 0.1004 0.1106 0.0947 0.0170  -0.0112 -0.0308 8   DT  A N3    
157 C  C4    . DT  A 8  ? 0.1113 0.0691 0.0870 0.0161  0.0067  -0.0487 8   DT  A C4    
158 O  O4    . DT  A 8  ? 0.1124 0.1304 0.1199 0.0339  0.0141  -0.0053 8   DT  A O4    
159 C  C5    . DT  A 8  ? 0.1116 0.1185 0.0708 0.0392  -0.0266 -0.0301 8   DT  A C5    
160 C  C7    . DT  A 8  ? 0.1300 0.0708 0.1768 0.0235  -0.0418 -0.0251 8   DT  A C7    
161 C  C6    . DT  A 8  ? 0.1156 0.1841 0.0813 -0.0097 -0.0192 0.0151  8   DT  A C6    
162 P  P     . DC  A 9  ? 0.2227 0.4127 0.2342 -0.0148 -0.0206 0.0774  9   DC  A P     
163 O  OP1   . DC  A 9  ? 0.2301 0.4663 0.2731 -0.0556 0.0796  0.1725  9   DC  A OP1   
164 O  OP2   . DC  A 9  ? 0.1293 0.3396 0.3379 -0.0681 0.0234  0.1157  9   DC  A OP2   
165 O  "O5'" . DC  A 9  ? 0.1924 0.3082 0.2018 -0.0034 -0.0264 0.0365  9   DC  A "O5'" 
166 C  "C5'" . DC  A 9  ? 0.2205 0.3086 0.1937 -0.0014 0.0385  0.0354  9   DC  A "C5'" 
167 C  "C4'" . DC  A 9  ? 0.1714 0.1978 0.1675 0.0355  0.0533  -0.0048 9   DC  A "C4'" 
168 O  "O4'" . DC  A 9  ? 0.1570 0.2967 0.2261 0.0141  0.0597  -0.0256 9   DC  A "O4'" 
169 C  "C3'" . DC  A 9  ? 0.2025 0.2643 0.2473 -0.0205 0.0258  -0.0050 9   DC  A "C3'" 
170 O  "O3'" . DC  A 9  ? 0.1992 0.2817 0.3274 -0.0121 -0.0539 -0.0421 9   DC  A "O3'" 
171 C  "C2'" . DC  A 9  ? 0.1587 0.2045 0.2262 0.0263  -0.0522 0.0197  9   DC  A "C2'" 
172 C  "C1'" . DC  A 9  ? 0.1572 0.1884 0.2173 0.0414  0.0189  -0.0028 9   DC  A "C1'" 
173 N  N1    . DC  A 9  ? 0.0917 0.1646 0.0776 -0.0027 -0.0388 -0.0136 9   DC  A N1    
174 C  C2    . DC  A 9  ? 0.1044 0.1382 0.1590 0.0021  0.0086  -0.0109 9   DC  A C2    
175 O  O2    . DC  A 9  ? 0.1117 0.1936 0.1410 0.0387  -0.0118 -0.0056 9   DC  A O2    
176 N  N3    . DC  A 9  ? 0.1273 0.1424 0.1869 0.0270  -0.0176 -0.0452 9   DC  A N3    
177 C  C4    . DC  A 9  ? 0.1333 0.1316 0.0788 0.0114  0.0213  -0.0697 9   DC  A C4    
178 N  N4    . DC  A 9  ? 0.1146 0.1504 0.1314 0.0098  -0.0112 -0.0674 9   DC  A N4    
179 C  C5    . DC  A 9  ? 0.1616 0.1726 0.0827 0.0486  0.0370  -0.0351 9   DC  A C5    
180 C  C6    . DC  A 9  ? 0.1084 0.2140 0.0712 0.0250  -0.0093 0.0013  9   DC  A C6    
181 P  P     . DG  A 10 ? 0.1730 0.5028 0.1847 0.0107  -0.0029 -0.0433 10  DG  A P     
182 O  OP1   . DG  A 10 ? 0.2821 0.6740 0.3158 0.1906  -0.1209 -0.0787 10  DG  A OP1   
183 O  OP2   . DG  A 10 ? 0.1720 0.5625 0.2930 -0.0238 0.0733  -0.0075 10  DG  A OP2   
184 O  "O5'" . DG  A 10 ? 0.1322 0.3794 0.1675 -0.0070 0.0000  -0.0135 10  DG  A "O5'" 
185 C  "C5'" . DG  A 10 ? 0.1764 0.2544 0.1972 0.0711  0.0462  -0.0191 10  DG  A "C5'" 
186 C  "C4'" . DG  A 10 ? 0.1830 0.1335 0.1397 0.0591  -0.0212 0.0037  10  DG  A "C4'" 
187 O  "O4'" . DG  A 10 ? 0.1190 0.2570 0.1358 0.0837  0.0342  0.0009  10  DG  A "O4'" 
188 C  "C3'" . DG  A 10 ? 0.1703 0.2823 0.1443 0.0326  -0.0451 -0.0185 10  DG  A "C3'" 
189 O  "O3'" . DG  A 10 ? 0.1325 0.3172 0.1756 0.0066  0.0430  0.0544  10  DG  A "O3'" 
190 C  "C2'" . DG  A 10 ? 0.1473 0.2422 0.1759 -0.0111 -0.0105 -0.0177 10  DG  A "C2'" 
191 C  "C1'" . DG  A 10 ? 0.1285 0.1896 0.1581 0.0299  0.0336  0.0439  10  DG  A "C1'" 
192 N  N9    . DG  A 10 ? 0.1254 0.1023 0.1726 0.0136  0.0281  0.0046  10  DG  A N9    
193 C  C8    . DG  A 10 ? 0.1244 0.2085 0.1404 0.0287  0.0554  0.0262  10  DG  A C8    
194 N  N7    . DG  A 10 ? 0.1250 0.1384 0.1396 0.0103  0.0483  0.0112  10  DG  A N7    
195 C  C5    . DG  A 10 ? 0.1255 0.1038 0.0993 0.0312  0.0432  -0.0057 10  DG  A C5    
196 C  C6    . DG  A 10 ? 0.0936 0.1580 0.0782 -0.0012 0.0151  -0.0137 10  DG  A C6    
197 O  O6    . DG  A 10 ? 0.1513 0.2081 0.1205 0.0385  -0.0319 -0.0308 10  DG  A O6    
198 N  N1    . DG  A 10 ? 0.1621 0.1365 0.0833 0.0144  -0.0026 0.0142  10  DG  A N1    
199 C  C2    . DG  A 10 ? 0.0872 0.1623 0.1154 -0.0014 -0.0012 0.0335  10  DG  A C2    
200 N  N2    . DG  A 10 ? 0.1207 0.1048 0.0648 0.0174  -0.0124 0.0200  10  DG  A N2    
201 N  N3    . DG  A 10 ? 0.1113 0.1849 0.1054 0.0221  0.0272  0.0037  10  DG  A N3    
202 C  C4    . DG  A 10 ? 0.1100 0.0891 0.1083 -0.0073 -0.0018 -0.0139 10  DG  A C4    
203 P  P     . DC  A 11 ? 0.1934 0.2916 0.1833 0.0125  0.0015  0.0113  11  DC  A P     
204 O  OP1   . DC  A 11 ? 0.2151 0.4188 0.2950 0.1896  0.0580  0.0105  11  DC  A OP1   
205 O  OP2   . DC  A 11 ? 0.1637 0.3888 0.2394 -0.0478 0.0009  -0.0625 11  DC  A OP2   
206 O  "O5'" . DC  A 11 ? 0.1785 0.3555 0.1822 0.0311  -0.0170 0.0753  11  DC  A "O5'" 
207 C  "C5'" . DC  A 11 ? 0.1859 0.2766 0.1174 0.0427  -0.0152 0.0370  11  DC  A "C5'" 
208 C  "C4'" . DC  A 11 ? 0.1558 0.1987 0.2246 0.0438  0.0205  0.0014  11  DC  A "C4'" 
209 O  "O4'" . DC  A 11 ? 0.1629 0.1404 0.1827 -0.0216 0.0084  0.0524  11  DC  A "O4'" 
210 C  "C3'" . DC  A 11 ? 0.1358 0.2035 0.2288 0.0659  -0.0135 0.0199  11  DC  A "C3'" 
211 O  "O3'" . DC  A 11 ? 0.1990 0.1977 0.2200 0.0619  0.0116  0.0107  11  DC  A "O3'" 
212 C  "C2'" . DC  A 11 ? 0.1250 0.2108 0.2050 0.0404  -0.0080 0.0452  11  DC  A "C2'" 
213 C  "C1'" . DC  A 11 ? 0.1587 0.1885 0.1191 0.0231  -0.0103 0.0372  11  DC  A "C1'" 
214 N  N1    . DC  A 11 ? 0.1393 0.1488 0.0845 0.0306  0.0291  0.0023  11  DC  A N1    
215 C  C2    . DC  A 11 ? 0.1635 0.1426 0.1262 0.0469  0.0186  0.0200  11  DC  A C2    
216 O  O2    . DC  A 11 ? 0.1402 0.2262 0.1472 0.0344  0.0056  0.0088  11  DC  A O2    
217 N  N3    . DC  A 11 ? 0.1262 0.1670 0.0672 0.0054  -0.0059 0.0145  11  DC  A N3    
218 C  C4    . DC  A 11 ? 0.0998 0.1044 0.1111 -0.0029 -0.0108 -0.0121 11  DC  A C4    
219 N  N4    . DC  A 11 ? 0.1261 0.1180 0.1575 -0.0035 0.0220  0.0198  11  DC  A N4    
220 C  C5    . DC  A 11 ? 0.1272 0.1902 0.1224 0.0570  0.0401  0.0301  11  DC  A C5    
221 C  C6    . DC  A 11 ? 0.1218 0.1551 0.1207 -0.0042 0.0127  0.0083  11  DC  A C6    
222 P  P     . DG  A 12 ? 0.2817 0.2334 0.2070 0.0632  0.0347  0.0301  12  DG  A P     
223 O  OP1   . DG  A 12 ? 0.4722 0.2126 0.1904 0.0952  0.1339  0.0396  12  DG  A OP1   
224 O  OP2   . DG  A 12 ? 0.2217 0.2564 0.2726 0.1267  0.0231  -0.0097 12  DG  A OP2   
225 O  "O5'" . DG  A 12 ? 0.2483 0.1410 0.2045 -0.0042 0.0347  0.0519  12  DG  A "O5'" 
226 C  "C5'" . DG  A 12 ? 0.2210 0.1723 0.1935 -0.0191 -0.0167 -0.0073 12  DG  A "C5'" 
227 C  "C4'" . DG  A 12 ? 0.2116 0.1737 0.1236 0.0057  0.0164  0.0210  12  DG  A "C4'" 
228 O  "O4'" . DG  A 12 ? 0.1422 0.1747 0.1306 0.0095  -0.0154 0.0369  12  DG  A "O4'" 
229 C  "C3'" . DG  A 12 ? 0.1282 0.1759 0.1026 0.0402  0.0227  0.0300  12  DG  A "C3'" 
230 O  "O3'" . DG  A 12 ? 0.0769 0.2087 0.1278 -0.0081 0.0359  0.0273  12  DG  A "O3'" 
231 C  "C2'" . DG  A 12 ? 0.0600 0.1773 0.1706 -0.0518 0.0286  0.0312  12  DG  A "C2'" 
232 C  "C1'" . DG  A 12 ? 0.1161 0.1756 0.1413 -0.0139 0.0381  0.0193  12  DG  A "C1'" 
233 N  N9    . DG  A 12 ? 0.1177 0.1272 0.1336 0.0026  0.0126  0.0370  12  DG  A N9    
234 C  C8    . DG  A 12 ? 0.1174 0.1748 0.1121 -0.0208 0.0097  0.0333  12  DG  A C8    
235 N  N7    . DG  A 12 ? 0.1431 0.1241 0.1493 0.0003  0.0089  0.0516  12  DG  A N7    
236 C  C5    . DG  A 12 ? 0.1080 0.1351 0.1510 0.0086  0.0479  0.0016  12  DG  A C5    
237 C  C6    . DG  A 12 ? 0.0967 0.1448 0.1257 -0.0107 0.0121  -0.0231 12  DG  A C6    
238 O  O6    . DG  A 12 ? 0.0840 0.1868 0.1730 0.0215  0.0346  0.0145  12  DG  A O6    
239 N  N1    . DG  A 12 ? 0.1139 0.1624 0.1158 0.0180  0.0074  0.0032  12  DG  A N1    
240 C  C2    . DG  A 12 ? 0.0970 0.0970 0.0975 -0.0137 -0.0355 0.0059  12  DG  A C2    
241 N  N2    . DG  A 12 ? 0.0915 0.1382 0.0614 -0.0168 -0.0158 0.0150  12  DG  A N2    
242 N  N3    . DG  A 12 ? 0.1108 0.1099 0.0593 -0.0043 0.0023  0.0028  12  DG  A N3    
243 C  C4    . DG  A 12 ? 0.1093 0.1605 0.0588 0.0071  0.0123  0.0082  12  DG  A C4    
244 O  "O5'" . DC  B 1  ? 1.3195 0.5596 0.9798 -0.2382 -0.4144 0.4919  13  DC  B "O5'" 
245 C  "C5'" . DC  B 1  ? 0.7686 0.8521 0.7466 0.0279  -0.0868 0.2119  13  DC  B "C5'" 
246 C  "C4'" . DC  B 1  ? 0.3020 0.5942 0.7807 0.0686  -0.0711 0.1628  13  DC  B "C4'" 
247 O  "O4'" . DC  B 1  ? 0.4439 0.2441 0.4892 0.0485  -0.1048 0.0082  13  DC  B "O4'" 
248 C  "C3'" . DC  B 1  ? 0.2186 0.4595 0.3613 0.1437  -0.0462 0.0517  13  DC  B "C3'" 
249 O  "O3'" . DC  B 1  ? 0.3049 0.3689 0.3873 0.0265  0.0020  0.1305  13  DC  B "O3'" 
250 C  "C2'" . DC  B 1  ? 0.3705 0.3874 0.5875 0.1338  -0.0167 -0.0449 13  DC  B "C2'" 
251 C  "C1'" . DC  B 1  ? 0.3339 0.2899 0.2524 0.1468  0.0172  0.1405  13  DC  B "C1'" 
252 N  N1    . DC  B 1  ? 0.2768 0.2262 0.2510 0.0331  0.0544  0.0759  13  DC  B N1    
253 C  C2    . DC  B 1  ? 0.1716 0.1542 0.1906 0.0009  0.0380  -0.0049 13  DC  B C2    
254 O  O2    . DC  B 1  ? 0.2243 0.2570 0.1239 0.0552  0.0462  0.0737  13  DC  B O2    
255 N  N3    . DC  B 1  ? 0.1693 0.1445 0.1793 0.0123  0.0186  0.0246  13  DC  B N3    
256 C  C4    . DC  B 1  ? 0.2318 0.2262 0.1398 0.0285  0.0898  -0.0391 13  DC  B C4    
257 N  N4    . DC  B 1  ? 0.1736 0.2593 0.3459 0.0297  0.0216  0.0616  13  DC  B N4    
258 C  C5    . DC  B 1  ? 0.3169 0.2739 0.3547 0.0721  0.1939  0.0848  13  DC  B C5    
259 C  C6    . DC  B 1  ? 0.2785 0.2718 0.2792 0.0804  0.0894  0.0864  13  DC  B C6    
260 P  P     . DG  B 2  ? 0.3092 0.3796 0.4825 0.0944  0.0267  0.0972  14  DG  B P     
261 O  OP1   . DG  B 2  ? 0.7032 0.3460 0.7333 0.2116  0.0805  0.0376  14  DG  B OP1   
262 O  OP2   . DG  B 2  ? 0.4755 0.6007 0.5774 -0.2027 -0.2131 0.2331  14  DG  B OP2   
263 O  "O5'" . DG  B 2  ? 0.3165 0.3405 0.3221 0.0606  0.0080  0.0695  14  DG  B "O5'" 
264 C  "C5'" . DG  B 2  ? 0.1727 0.2423 0.2770 -0.0053 0.0137  -0.0120 14  DG  B "C5'" 
265 C  "C4'" . DG  B 2  ? 0.1100 0.2399 0.2089 0.0041  0.0421  -0.0409 14  DG  B "C4'" 
266 O  "O4'" . DG  B 2  ? 0.1223 0.1994 0.2246 0.0142  0.0292  -0.0660 14  DG  B "O4'" 
267 C  "C3'" . DG  B 2  ? 0.1952 0.2653 0.1059 0.0305  -0.0229 -0.0011 14  DG  B "C3'" 
268 O  "O3'" . DG  B 2  ? 0.2058 0.1277 0.3801 -0.0261 0.0197  -0.0052 14  DG  B "O3'" 
269 C  "C2'" . DG  B 2  ? 0.1407 0.2545 0.2050 0.0707  -0.0321 -0.0206 14  DG  B "C2'" 
270 C  "C1'" . DG  B 2  ? 0.1143 0.1715 0.1553 -0.0022 -0.0164 -0.0078 14  DG  B "C1'" 
271 N  N9    . DG  B 2  ? 0.1136 0.1646 0.1574 0.0288  -0.0154 0.0214  14  DG  B N9    
272 C  C8    . DG  B 2  ? 0.1567 0.2387 0.2022 -0.0064 -0.0108 0.0593  14  DG  B C8    
273 N  N7    . DG  B 2  ? 0.2396 0.1994 0.1595 0.0467  0.0335  0.0420  14  DG  B N7    
274 C  C5    . DG  B 2  ? 0.1149 0.1224 0.1360 0.0157  0.0263  -0.0238 14  DG  B C5    
275 C  C6    . DG  B 2  ? 0.0988 0.0944 0.1066 -0.0044 -0.0110 -0.0204 14  DG  B C6    
276 O  O6    . DG  B 2  ? 0.1418 0.1930 0.1172 0.0289  0.0206  0.0258  14  DG  B O6    
277 N  N1    . DG  B 2  ? 0.1131 0.1402 0.1345 0.0053  0.0212  0.0166  14  DG  B N1    
278 C  C2    . DG  B 2  ? 0.0525 0.1086 0.0912 -0.0209 -0.0247 -0.0352 14  DG  B C2    
279 N  N2    . DG  B 2  ? 0.1186 0.1266 0.1217 0.0113  0.0205  -0.0107 14  DG  B N2    
280 N  N3    . DG  B 2  ? 0.0916 0.1270 0.1280 0.0168  0.0177  0.0160  14  DG  B N3    
281 C  C4    . DG  B 2  ? 0.1450 0.1145 0.0936 0.0375  0.0203  -0.0101 14  DG  B C4    
282 P  P     . DC  B 3  ? 0.1814 0.2848 0.3819 0.0179  -0.0045 -0.0963 15  DC  B P     
283 O  OP1   . DC  B 3  ? 0.1231 0.3391 0.6200 -0.0490 0.0934  -0.0180 15  DC  B OP1   
284 O  OP2   . DC  B 3  ? 0.3047 0.3020 0.3241 0.0504  0.0115  -0.0438 15  DC  B OP2   
285 O  "O5'" . DC  B 3  ? 0.2294 0.2608 0.2009 0.0388  0.0030  -0.0218 15  DC  B "O5'" 
286 C  "C5'" . DC  B 3  ? 0.3146 0.2740 0.2432 0.0526  -0.0088 0.0014  15  DC  B "C5'" 
287 C  "C4'" . DC  B 3  ? 0.1259 0.2728 0.2194 -0.0288 -0.0192 -0.0159 15  DC  B "C4'" 
288 O  "O4'" . DC  B 3  ? 0.1650 0.2449 0.1045 -0.0104 -0.0223 -0.0394 15  DC  B "O4'" 
289 C  "C3'" . DC  B 3  ? 0.1765 0.2133 0.1697 0.0243  -0.0110 -0.0102 15  DC  B "C3'" 
290 O  "O3'" . DC  B 3  ? 0.1918 0.2240 0.2722 -0.0069 -0.0447 0.0415  15  DC  B "O3'" 
291 C  "C2'" . DC  B 3  ? 0.2330 0.3118 0.2163 0.0359  0.0523  -0.0083 15  DC  B "C2'" 
292 C  "C1'" . DC  B 3  ? 0.1012 0.3330 0.1649 0.0490  0.0263  -0.0279 15  DC  B "C1'" 
293 N  N1    . DC  B 3  ? 0.1261 0.1629 0.1786 0.0282  0.0163  -0.0172 15  DC  B N1    
294 C  C2    . DC  B 3  ? 0.1006 0.1554 0.1000 -0.0044 -0.0135 -0.0016 15  DC  B C2    
295 O  O2    . DC  B 3  ? 0.1239 0.1415 0.1590 0.0132  -0.0109 0.0015  15  DC  B O2    
296 N  N3    . DC  B 3  ? 0.1443 0.1241 0.0737 0.0318  0.0004  -0.0220 15  DC  B N3    
297 C  C4    . DC  B 3  ? 0.1422 0.1697 0.1463 0.0302  -0.0080 0.0323  15  DC  B C4    
298 N  N4    . DC  B 3  ? 0.1384 0.2250 0.1527 0.0529  0.0397  0.0096  15  DC  B N4    
299 C  C5    . DC  B 3  ? 0.1352 0.2427 0.0941 0.0090  -0.0101 0.0119  15  DC  B C5    
300 C  C6    . DC  B 3  ? 0.1461 0.1985 0.1758 -0.0170 0.0100  0.0403  15  DC  B C6    
301 P  P     . DG  B 4  ? 0.1970 0.2651 0.2563 -0.0251 -0.0057 -0.0015 16  DG  B P     
302 O  OP1   . DG  B 4  ? 0.1945 0.2766 0.3386 -0.0834 0.0486  0.0308  16  DG  B OP1   
303 O  OP2   . DG  B 4  ? 0.1935 0.2477 0.2814 0.0084  -0.0409 0.0108  16  DG  B OP2   
304 O  "O5'" . DG  B 4  ? 0.1774 0.3426 0.1270 -0.0236 0.0126  -0.0794 16  DG  B "O5'" 
305 C  "C5'" . DG  B 4  ? 0.2271 0.1862 0.1320 -0.0355 0.0255  -0.0233 16  DG  B "C5'" 
306 C  "C4'" . DG  B 4  ? 0.1613 0.2505 0.1589 -0.0419 0.0152  0.0204  16  DG  B "C4'" 
307 O  "O4'" . DG  B 4  ? 0.1594 0.2018 0.2012 -0.0833 0.0144  -0.0088 16  DG  B "O4'" 
308 C  "C3'" . DG  B 4  ? 0.2306 0.2300 0.2004 0.0129  0.0441  0.0122  16  DG  B "C3'" 
309 O  "O3'" . DG  B 4  ? 0.2566 0.2312 0.1999 0.0017  0.0042  0.0660  16  DG  B "O3'" 
310 C  "C2'" . DG  B 4  ? 0.1635 0.1945 0.2008 0.0216  0.0297  0.0098  16  DG  B "C2'" 
311 C  "C1'" . DG  B 4  ? 0.2130 0.1417 0.1883 0.0103  0.0022  0.0199  16  DG  B "C1'" 
312 N  N9    . DG  B 4  ? 0.1437 0.1146 0.1604 0.0153  0.0450  -0.0078 16  DG  B N9    
313 C  C8    . DG  B 4  ? 0.1460 0.1560 0.1534 0.0322  0.0407  -0.0166 16  DG  B C8    
314 N  N7    . DG  B 4  ? 0.1229 0.2233 0.1420 0.0186  0.0233  -0.0055 16  DG  B N7    
315 C  C5    . DG  B 4  ? 0.1188 0.1413 0.1004 -0.0010 0.0417  -0.0267 16  DG  B C5    
316 C  C6    . DG  B 4  ? 0.1191 0.1040 0.0767 0.0025  0.0179  -0.0236 16  DG  B C6    
317 O  O6    . DG  B 4  ? 0.1418 0.1285 0.1187 0.0205  0.0068  -0.0095 16  DG  B O6    
318 N  N1    . DG  B 4  ? 0.1089 0.1179 0.0987 -0.0201 0.0053  -0.0100 16  DG  B N1    
319 C  C2    . DG  B 4  ? 0.0788 0.1201 0.0895 -0.0065 -0.0061 -0.0288 16  DG  B C2    
320 N  N2    . DG  B 4  ? 0.0925 0.1323 0.1133 0.0165  0.0213  -0.0141 16  DG  B N2    
321 N  N3    . DG  B 4  ? 0.1459 0.1176 0.1079 -0.0097 0.0371  -0.0310 16  DG  B N3    
322 C  C4    . DG  B 4  ? 0.1555 0.1308 0.0985 0.0163  0.0488  -0.0308 16  DG  B C4    
323 P  P     . DA  B 5  ? 0.2247 0.2625 0.2640 -0.0210 -0.0069 0.0242  17  DA  B P     
324 O  OP1   . DA  B 5  ? 0.3165 0.2898 0.2191 -0.0486 0.0243  0.0652  17  DA  B OP1   
325 O  OP2   . DA  B 5  ? 0.1696 0.2327 0.2621 -0.0370 0.0527  0.0342  17  DA  B OP2   
326 O  "O5'" . DA  B 5  ? 0.2031 0.2080 0.2395 -0.0222 -0.0149 -0.0352 17  DA  B "O5'" 
327 C  "C5'" . DA  B 5  ? 0.2131 0.2221 0.1088 -0.0003 -0.0391 0.0244  17  DA  B "C5'" 
328 C  "C4'" . DA  B 5  ? 0.2098 0.2095 0.1516 -0.0468 -0.0092 0.0652  17  DA  B "C4'" 
329 O  "O4'" . DA  B 5  ? 0.2577 0.1740 0.1199 -0.0134 -0.0553 0.0203  17  DA  B "O4'" 
330 C  "C3'" . DA  B 5  ? 0.2073 0.2284 0.1580 -0.0089 0.0039  0.0390  17  DA  B "C3'" 
331 O  "O3'" . DA  B 5  ? 0.2443 0.2411 0.1779 0.0876  -0.0074 0.0567  17  DA  B "O3'" 
332 C  "C2'" . DA  B 5  ? 0.3127 0.2471 0.1103 -0.0137 0.0027  -0.0144 17  DA  B "C2'" 
333 C  "C1'" . DA  B 5  ? 0.1824 0.2602 0.0551 0.0608  -0.0384 0.0507  17  DA  B "C1'" 
334 N  N9    . DA  B 5  ? 0.1480 0.1207 0.1475 0.0531  -0.0203 0.0248  17  DA  B N9    
335 C  C8    . DA  B 5  ? 0.1282 0.1775 0.1264 -0.0010 -0.0193 0.0542  17  DA  B C8    
336 N  N7    . DA  B 5  ? 0.1342 0.1335 0.0585 0.0404  0.0285  0.0047  17  DA  B N7    
337 C  C5    . DA  B 5  ? 0.0989 0.0920 0.0695 0.0095  -0.0008 -0.0174 17  DA  B C5    
338 C  C6    . DA  B 5  ? 0.0902 0.0676 0.0933 -0.0114 -0.0134 -0.0180 17  DA  B C6    
339 N  N6    . DA  B 5  ? 0.1028 0.1404 0.0711 0.0123  -0.0079 -0.0027 17  DA  B N6    
340 N  N1    . DA  B 5  ? 0.0989 0.1969 0.1066 0.0103  0.0077  0.0122  17  DA  B N1    
341 C  C2    . DA  B 5  ? 0.1447 0.0819 0.1008 0.0389  0.0125  -0.0183 17  DA  B C2    
342 N  N3    . DA  B 5  ? 0.1196 0.1442 0.0711 0.0148  0.0017  -0.0071 17  DA  B N3    
343 C  C4    . DA  B 5  ? 0.1000 0.1089 0.0776 0.0048  -0.0027 -0.0315 17  DA  B C4    
344 P  P     . DA  B 6  ? 0.2260 0.2640 0.2131 0.0406  -0.0207 0.0149  18  DA  B P     
345 O  OP1   . DA  B 6  ? 0.1938 0.2298 0.2461 0.0260  -0.0028 0.0272  18  DA  B OP1   
346 O  OP2   . DA  B 6  ? 0.3006 0.2011 0.3146 0.0155  0.0175  0.0880  18  DA  B OP2   
347 O  "O5'" . DA  B 6  ? 0.2307 0.2329 0.1800 0.0701  -0.0094 -0.0122 18  DA  B "O5'" 
348 C  "C5'" . DA  B 6  ? 0.2196 0.2401 0.2419 0.0835  0.0170  0.0374  18  DA  B "C5'" 
349 C  "C4'" . DA  B 6  ? 0.2453 0.1735 0.2426 0.0798  -0.0561 0.0352  18  DA  B "C4'" 
350 O  "O4'" . DA  B 6  ? 0.2077 0.1754 0.1590 0.0678  -0.0106 -0.0146 18  DA  B "O4'" 
351 C  "C3'" . DA  B 6  ? 0.2799 0.2491 0.1459 0.0217  -0.0558 0.0316  18  DA  B "C3'" 
352 O  "O3'" . DA  B 6  ? 0.2472 0.3628 0.2308 0.1140  -0.0178 -0.0417 18  DA  B "O3'" 
353 C  "C2'" . DA  B 6  ? 0.1822 0.1799 0.1800 0.0385  0.0277  -0.0427 18  DA  B "C2'" 
354 C  "C1'" . DA  B 6  ? 0.1743 0.1469 0.1817 -0.0066 0.0025  -0.0177 18  DA  B "C1'" 
355 N  N9    . DA  B 6  ? 0.1902 0.0987 0.1155 0.0125  -0.0021 -0.0010 18  DA  B N9    
356 C  C8    . DA  B 6  ? 0.1755 0.1500 0.1835 -0.0095 -0.0085 0.0262  18  DA  B C8    
357 N  N7    . DA  B 6  ? 0.1982 0.1216 0.1377 0.0233  0.0149  -0.0086 18  DA  B N7    
358 C  C5    . DA  B 6  ? 0.1419 0.1393 0.0559 0.0351  -0.0149 -0.0272 18  DA  B C5    
359 C  C6    . DA  B 6  ? 0.1134 0.0870 0.1202 0.0044  -0.0046 -0.0006 18  DA  B C6    
360 N  N6    . DA  B 6  ? 0.1111 0.1159 0.1368 0.0200  0.0027  -0.0013 18  DA  B N6    
361 N  N1    . DA  B 6  ? 0.1357 0.1067 0.0765 0.0236  -0.0003 -0.0085 18  DA  B N1    
362 C  C2    . DA  B 6  ? 0.1336 0.0613 0.0726 0.0077  -0.0178 -0.0187 18  DA  B C2    
363 N  N3    . DA  B 6  ? 0.1660 0.1034 0.1476 0.0552  0.0028  0.0204  18  DA  B N3    
364 C  C4    . DA  B 6  ? 0.1556 0.0688 0.1470 0.0390  0.0222  -0.0168 18  DA  B C4    
365 P  P     . DT  B 7  ? 0.2711 0.3741 0.2318 0.0957  -0.0035 -0.0183 19  DT  B P     
366 O  OP1   . DT  B 7  ? 0.2263 0.4375 0.3179 0.1944  0.0026  -0.0303 19  DT  B OP1   
367 O  OP2   . DT  B 7  ? 0.4442 0.2844 0.2097 0.1238  0.0266  0.0088  19  DT  B OP2   
368 O  "O5'" . DT  B 7  ? 0.2979 0.2381 0.1621 0.0840  0.0714  -0.0377 19  DT  B "O5'" 
369 C  "C5'" . DT  B 7  ? 0.2433 0.2680 0.1709 0.0576  0.0136  0.0314  19  DT  B "C5'" 
370 C  "C4'" . DT  B 7  ? 0.2154 0.2485 0.2086 0.0620  0.0223  0.0705  19  DT  B "C4'" 
371 O  "O4'" . DT  B 7  ? 0.2192 0.2449 0.1687 0.0232  0.0011  -0.0394 19  DT  B "O4'" 
372 C  "C3'" . DT  B 7  ? 0.2805 0.2657 0.2428 0.0478  -0.0263 0.0569  19  DT  B "C3'" 
373 O  "O3'" . DT  B 7  ? 0.2734 0.5129 0.1711 0.0257  -0.0446 0.0930  19  DT  B "O3'" 
374 C  "C2'" . DT  B 7  ? 0.2834 0.1823 0.1956 0.0394  0.0022  0.0164  19  DT  B "C2'" 
375 C  "C1'" . DT  B 7  ? 0.2267 0.1891 0.1844 -0.0235 -0.0008 -0.0275 19  DT  B "C1'" 
376 N  N1    . DT  B 7  ? 0.1915 0.1227 0.1135 0.0788  -0.0129 0.0000  19  DT  B N1    
377 C  C2    . DT  B 7  ? 0.1068 0.0827 0.1171 -0.0005 -0.0389 -0.0191 19  DT  B C2    
378 O  O2    . DT  B 7  ? 0.2194 0.1918 0.1093 -0.0067 -0.0163 0.0312  19  DT  B O2    
379 N  N3    . DT  B 7  ? 0.1494 0.0845 0.1038 0.0259  0.0003  0.0215  19  DT  B N3    
380 C  C4    . DT  B 7  ? 0.1333 0.0921 0.0622 -0.0056 -0.0118 0.0000  19  DT  B C4    
381 O  O4    . DT  B 7  ? 0.1262 0.1374 0.1317 0.0121  -0.0012 -0.0117 19  DT  B O4    
382 C  C5    . DT  B 7  ? 0.1457 0.1080 0.1040 0.0243  0.0023  -0.0111 19  DT  B C5    
383 C  C7    . DT  B 7  ? 0.2353 0.1803 0.1331 0.0414  0.0148  0.0476  19  DT  B C7    
384 C  C6    . DT  B 7  ? 0.1480 0.1687 0.0770 0.0265  -0.0034 0.0054  19  DT  B C6    
385 P  P     . DT  B 8  ? 0.4023 0.6778 0.2199 0.2270  0.0253  0.0660  20  DT  B P     
386 O  OP1   . DT  B 8  ? 0.4251 1.0242 0.2829 0.3277  0.2211  0.2717  20  DT  B OP1   
387 O  OP2   . DT  B 8  ? 0.4584 0.6921 0.1884 0.4049  0.0532  0.0712  20  DT  B OP2   
388 O  "O5'" . DT  B 8  ? 0.3612 0.3500 0.1230 0.1589  0.0609  -0.0024 20  DT  B "O5'" 
389 C  "C5'" . DT  B 8  ? 0.2231 0.2910 0.1655 0.0281  -0.0186 0.0033  20  DT  B "C5'" 
390 C  "C4'" . DT  B 8  ? 0.1611 0.1555 0.1441 0.0003  0.0333  0.0156  20  DT  B "C4'" 
391 O  "O4'" . DT  B 8  ? 0.1678 0.2049 0.1189 -0.0030 0.0567  -0.0346 20  DT  B "O4'" 
392 C  "C3'" . DT  B 8  ? 0.2507 0.1987 0.1777 0.0132  -0.0083 -0.0127 20  DT  B "C3'" 
393 O  "O3'" . DT  B 8  ? 0.1838 0.2606 0.2201 -0.0360 -0.0263 0.0505  20  DT  B "O3'" 
394 C  "C2'" . DT  B 8  ? 0.2226 0.2387 0.1925 0.0025  0.0172  -0.0162 20  DT  B "C2'" 
395 C  "C1'" . DT  B 8  ? 0.1755 0.1139 0.2067 -0.0410 0.0224  0.0041  20  DT  B "C1'" 
396 N  N1    . DT  B 8  ? 0.1610 0.1347 0.0796 0.0020  0.0280  0.0048  20  DT  B N1    
397 C  C2    . DT  B 8  ? 0.1689 0.0529 0.1234 0.0108  0.0359  -0.0171 20  DT  B C2    
398 O  O2    . DT  B 8  ? 0.2175 0.0810 0.1650 0.0058  0.0150  0.0310  20  DT  B O2    
399 N  N3    . DT  B 8  ? 0.1767 0.0680 0.1135 0.0369  0.0560  -0.0041 20  DT  B N3    
400 C  C4    . DT  B 8  ? 0.1634 0.0514 0.0953 -0.0087 0.0249  -0.0150 20  DT  B C4    
401 O  O4    . DT  B 8  ? 0.2271 0.1001 0.1012 -0.0284 0.0458  0.0106  20  DT  B O4    
402 C  C5    . DT  B 8  ? 0.1691 0.1630 0.0871 0.0279  0.0306  0.0091  20  DT  B C5    
403 C  C7    . DT  B 8  ? 0.2234 0.1748 0.1177 0.0323  0.0117  0.0325  20  DT  B C7    
404 C  C6    . DT  B 8  ? 0.1849 0.1340 0.1028 0.0199  0.0241  0.0037  20  DT  B C6    
405 P  P     . DC  B 9  ? 0.2026 0.3164 0.2142 -0.0060 -0.0231 0.0689  21  DC  B P     
406 O  OP1   . DC  B 9  ? 0.3569 0.4352 0.3116 -0.1088 -0.1087 0.1968  21  DC  B OP1   
407 O  OP2   . DC  B 9  ? 0.1803 0.3886 0.2257 0.0615  0.0982  0.0846  21  DC  B OP2   
408 O  "O5'" . DC  B 9  ? 0.1812 0.2507 0.1414 0.0083  0.0203  0.0250  21  DC  B "O5'" 
409 C  "C5'" . DC  B 9  ? 0.2005 0.1285 0.1933 -0.0520 0.0163  0.0009  21  DC  B "C5'" 
410 C  "C4'" . DC  B 9  ? 0.1735 0.1606 0.2048 -0.0117 0.0080  0.0409  21  DC  B "C4'" 
411 O  "O4'" . DC  B 9  ? 0.2273 0.1745 0.1145 -0.0104 0.0127  0.0193  21  DC  B "O4'" 
412 C  "C3'" . DC  B 9  ? 0.0973 0.1876 0.2134 0.0352  0.0322  0.0004  21  DC  B "C3'" 
413 O  "O3'" . DC  B 9  ? 0.1270 0.1463 0.1827 -0.0067 0.0072  0.0363  21  DC  B "O3'" 
414 C  "C2'" . DC  B 9  ? 0.1297 0.2055 0.1731 -0.0074 0.0447  -0.0046 21  DC  B "C2'" 
415 C  "C1'" . DC  B 9  ? 0.1634 0.1181 0.1442 0.0379  0.0158  0.0259  21  DC  B "C1'" 
416 N  N1    . DC  B 9  ? 0.1328 0.1356 0.1176 -0.0022 0.0003  0.0351  21  DC  B N1    
417 C  C2    . DC  B 9  ? 0.1238 0.1134 0.1227 -0.0127 0.0011  0.0048  21  DC  B C2    
418 O  O2    . DC  B 9  ? 0.1501 0.1208 0.1432 0.0125  0.0274  0.0209  21  DC  B O2    
419 N  N3    . DC  B 9  ? 0.0936 0.0741 0.1642 -0.0393 0.0193  0.0072  21  DC  B N3    
420 C  C4    . DC  B 9  ? 0.1179 0.0295 0.1205 -0.0123 0.0034  -0.0158 21  DC  B C4    
421 N  N4    . DC  B 9  ? 0.1688 0.0994 0.1284 -0.0138 0.0158  0.0294  21  DC  B N4    
422 C  C5    . DC  B 9  ? 0.1331 0.1205 0.1207 -0.0038 0.0123  0.0213  21  DC  B C5    
423 C  C6    . DC  B 9  ? 0.1262 0.1318 0.1655 -0.0118 -0.0025 0.0456  21  DC  B C6    
424 P  P     . DG  B 10 ? 0.2036 0.1990 0.2072 -0.0023 -0.0162 0.0354  22  DG  B P     
425 O  OP1   . DG  B 10 ? 0.1990 0.1890 0.1851 -0.0064 0.0346  0.0331  22  DG  B OP1   
426 O  OP2   . DG  B 10 ? 0.1946 0.1964 0.1969 -0.0224 0.0187  0.0476  22  DG  B OP2   
427 O  "O5'" . DG  B 10 ? 0.2241 0.1616 0.1946 -0.0192 0.0549  0.0512  22  DG  B "O5'" 
428 C  "C5'" . DG  B 10 ? 0.1649 0.1590 0.2349 0.0199  0.0020  0.0128  22  DG  B "C5'" 
429 C  "C4'" . DG  B 10 ? 0.1591 0.1674 0.1568 -0.0223 -0.0026 0.0354  22  DG  B "C4'" 
430 O  "O4'" . DG  B 10 ? 0.1746 0.1440 0.1339 -0.0462 0.0207  0.0386  22  DG  B "O4'" 
431 C  "C3'" . DG  B 10 ? 0.1784 0.1955 0.1565 -0.0051 0.0032  0.0506  22  DG  B "C3'" 
432 O  "O3'" . DG  B 10 ? 0.2838 0.1980 0.1843 -0.0464 -0.0444 0.0380  22  DG  B "O3'" 
433 C  "C2'" . DG  B 10 ? 0.1472 0.1335 0.0738 -0.0143 0.0397  -0.0140 22  DG  B "C2'" 
434 C  "C1'" . DG  B 10 ? 0.1790 0.1641 0.1116 -0.0084 0.0424  0.0555  22  DG  B "C1'" 
435 N  N9    . DG  B 10 ? 0.1285 0.0931 0.1508 -0.0007 0.0466  0.0138  22  DG  B N9    
436 C  C8    . DG  B 10 ? 0.1179 0.2057 0.1133 -0.0108 0.0387  -0.0160 22  DG  B C8    
437 N  N7    . DG  B 10 ? 0.1353 0.1472 0.1479 0.0021  0.0437  -0.0109 22  DG  B N7    
438 C  C5    . DG  B 10 ? 0.1057 0.1724 0.1236 0.0008  0.0177  0.0005  22  DG  B C5    
439 C  C6    . DG  B 10 ? 0.0909 0.0827 0.1325 -0.0099 0.0055  -0.0332 22  DG  B C6    
440 O  O6    . DG  B 10 ? 0.0938 0.1488 0.1632 -0.0057 0.0234  0.0286  22  DG  B O6    
441 N  N1    . DG  B 10 ? 0.1086 0.0884 0.1233 -0.0023 0.0276  0.0095  22  DG  B N1    
442 C  C2    . DG  B 10 ? 0.1039 0.0894 0.0801 -0.0063 0.0233  0.0050  22  DG  B C2    
443 N  N2    . DG  B 10 ? 0.0926 0.1424 0.0713 0.0146  0.0161  0.0344  22  DG  B N2    
444 N  N3    . DG  B 10 ? 0.0856 0.1433 0.0575 0.0340  0.0041  0.0170  22  DG  B N3    
445 C  C4    . DG  B 10 ? 0.1106 0.1465 0.1632 0.0018  0.0409  0.0454  22  DG  B C4    
446 P  P     . DC  B 11 ? 0.2111 0.2674 0.2243 -0.0175 -0.0234 0.0140  23  DC  B P     
447 O  OP1   . DC  B 11 ? 0.2191 0.2533 0.2795 -0.0522 -0.0151 0.0856  23  DC  B OP1   
448 O  OP2   . DC  B 11 ? 0.2836 0.3529 0.2129 -0.0096 0.0629  0.0230  23  DC  B OP2   
449 O  "O5'" . DC  B 11 ? 0.1499 0.2666 0.1433 0.0046  -0.0619 0.0014  23  DC  B "O5'" 
450 C  "C5'" . DC  B 11 ? 0.1812 0.1722 0.1316 -0.0627 -0.0030 0.0339  23  DC  B "C5'" 
451 C  "C4'" . DC  B 11 ? 0.2403 0.0956 0.2129 -0.0072 -0.0100 0.0442  23  DC  B "C4'" 
452 O  "O4'" . DC  B 11 ? 0.1874 0.1568 0.1665 0.0129  -0.0107 -0.0203 23  DC  B "O4'" 
453 C  "C3'" . DC  B 11 ? 0.1746 0.1548 0.1649 -0.0109 -0.0288 0.0388  23  DC  B "C3'" 
454 O  "O3'" . DC  B 11 ? 0.1664 0.1845 0.2246 -0.0142 -0.0402 0.0057  23  DC  B "O3'" 
455 C  "C2'" . DC  B 11 ? 0.1297 0.1746 0.1782 -0.0141 -0.0134 -0.0063 23  DC  B "C2'" 
456 C  "C1'" . DC  B 11 ? 0.1406 0.1505 0.1662 -0.0032 0.0021  -0.0034 23  DC  B "C1'" 
457 N  N1    . DC  B 11 ? 0.1506 0.1263 0.2123 0.0075  -0.0074 0.0288  23  DC  B N1    
458 C  C2    . DC  B 11 ? 0.1469 0.1282 0.1564 -0.0266 -0.0031 -0.0018 23  DC  B C2    
459 O  O2    . DC  B 11 ? 0.1502 0.0984 0.1397 -0.0139 -0.0075 0.0069  23  DC  B O2    
460 N  N3    . DC  B 11 ? 0.1322 0.0987 0.1263 -0.0365 0.0165  -0.0197 23  DC  B N3    
461 C  C4    . DC  B 11 ? 0.1051 0.1539 0.1520 -0.0166 0.0169  0.0158  23  DC  B C4    
462 N  N4    . DC  B 11 ? 0.1210 0.0886 0.0988 0.0059  0.0234  0.0244  23  DC  B N4    
463 C  C5    . DC  B 11 ? 0.1712 0.1122 0.1814 -0.0248 0.0183  0.0204  23  DC  B C5    
464 C  C6    . DC  B 11 ? 0.1909 0.1299 0.1824 -0.0231 -0.0156 0.0287  23  DC  B C6    
465 P  P     . DG  B 12 ? 0.1935 0.2049 0.2719 0.0118  -0.0437 -0.0133 24  DG  B P     
466 O  OP1   . DG  B 12 ? 0.1753 0.2508 0.4892 -0.0207 -0.0607 0.0487  24  DG  B OP1   
467 O  OP2   . DG  B 12 ? 0.2897 0.2508 0.2459 -0.0174 -0.0559 0.0019  24  DG  B OP2   
468 O  "O5'" . DG  B 12 ? 0.2135 0.1459 0.1856 -0.0225 -0.0217 -0.0158 24  DG  B "O5'" 
469 C  "C5'" . DG  B 12 ? 0.0342 0.1958 0.2013 -0.0147 -0.0344 0.0022  24  DG  B "C5'" 
470 C  "C4'" . DG  B 12 ? 0.1250 0.1597 0.1309 0.0099  -0.0124 -0.0066 24  DG  B "C4'" 
471 O  "O4'" . DG  B 12 ? 0.1264 0.1188 0.1734 0.0078  -0.0070 -0.0079 24  DG  B "O4'" 
472 C  "C3'" . DG  B 12 ? 0.1666 0.1411 0.1393 0.0092  0.0032  0.0100  24  DG  B "C3'" 
473 O  "O3'" . DG  B 12 ? 0.2312 0.2244 0.2998 -0.0750 0.0521  -0.0509 24  DG  B "O3'" 
474 C  "C2'" . DG  B 12 ? 0.1268 0.1162 0.1412 0.0135  0.0194  -0.0237 24  DG  B "C2'" 
475 C  "C1'" . DG  B 12 ? 0.1032 0.1343 0.1019 0.0120  -0.0016 -0.0001 24  DG  B "C1'" 
476 N  N9    . DG  B 12 ? 0.0991 0.1071 0.1806 -0.0147 -0.0009 -0.0036 24  DG  B N9    
477 C  C8    . DG  B 12 ? 0.1694 0.1615 0.1795 -0.0080 -0.0099 0.0241  24  DG  B C8    
478 N  N7    . DG  B 12 ? 0.1760 0.1052 0.2073 0.0037  0.0157  -0.0085 24  DG  B N7    
479 C  C5    . DG  B 12 ? 0.1042 0.1440 0.1321 0.0069  0.0260  -0.0309 24  DG  B C5    
480 C  C6    . DG  B 12 ? 0.0979 0.1300 0.1774 -0.0215 0.0054  0.0067  24  DG  B C6    
481 O  O6    . DG  B 12 ? 0.1275 0.1646 0.1921 -0.0636 0.0184  0.0118  24  DG  B O6    
482 N  N1    . DG  B 12 ? 0.0714 0.1533 0.1496 -0.0286 0.0127  -0.0049 24  DG  B N1    
483 C  C2    . DG  B 12 ? 0.0737 0.0849 0.1317 -0.0281 0.0020  -0.0091 24  DG  B C2    
484 N  N2    . DG  B 12 ? 0.0971 0.1284 0.1450 0.0190  0.0058  -0.0030 24  DG  B N2    
485 N  N3    . DG  B 12 ? 0.0814 0.0945 0.1539 -0.0171 0.0027  -0.0198 24  DG  B N3    
486 C  C4    . DG  B 12 ? 0.0830 0.0804 0.1661 -0.0227 0.0022  -0.0111 24  DG  B C4    
487 SE SE    . SEY C .  ? 0.3185 0.3684 0.2892 0.1229  -0.0279 0.0329  101 SEY B SE    
488 C  C     . SEY C .  ? 0.1768 0.1220 0.0840 -0.0359 0.0376  0.0571  101 SEY B C     
489 N  N2    . SEY C .  ? 0.1175 0.1787 0.0560 0.0297  0.0505  -0.0044 101 SEY B N2    
490 N  N1    . SEY C .  ? 0.0751 0.1393 0.1002 -0.0552 0.0299  0.0217  101 SEY B N1    
491 SE SE    . SEY D .  ? 0.4135 0.3231 0.3108 0.0366  -0.0500 -0.0698 102 SEY B SE    
492 C  C     . SEY D .  ? 0.2977 0.1164 0.2387 0.0048  0.0459  -0.0644 102 SEY B C     
493 N  N2    . SEY D .  ? 0.4608 0.1819 0.1606 0.0349  -0.0272 -0.0646 102 SEY B N2    
494 N  N1    . SEY D .  ? 0.0550 0.1266 0.1315 0.0507  0.0326  0.0236  102 SEY B N1    
495 O  O     . HOH E .  ? 0.4130 0.3504 0.3615 -0.0338 -0.1659 0.0527  101 HOH A O     
496 O  O     . HOH E .  ? 0.4202 0.3021 0.3856 -0.0230 0.0222  -0.1383 102 HOH A O     
497 O  O     . HOH E .  ? 0.3944 0.5490 0.3356 -0.1780 0.0696  0.1477  103 HOH A O     
498 O  O     . HOH E .  ? 0.5514 0.5290 0.4065 -0.0049 0.2170  0.2844  104 HOH A O     
499 O  O     . HOH E .  ? 0.5438 0.2339 0.7729 0.1141  -0.0966 -0.0105 105 HOH A O     
500 O  O     . HOH E .  ? 0.4860 0.4559 0.3238 0.0418  -0.1386 0.0544  106 HOH A O     
501 O  O     . HOH E .  ? 0.1638 0.5834 0.5179 -0.1449 0.1900  0.0045  107 HOH A O     
502 O  O     . HOH E .  ? 0.2770 0.4589 0.4548 0.1526  0.1980  0.0439  108 HOH A O     
503 O  O     . HOH E .  ? 0.2071 0.2289 0.1745 0.0387  -0.0436 -0.0106 109 HOH A O     
504 O  O     . HOH E .  ? 0.5128 0.5126 0.2993 -0.2883 -0.0056 0.2535  110 HOH A O     
505 O  O     . HOH E .  ? 0.2644 0.2565 0.6158 0.0038  -0.0373 0.0920  111 HOH A O     
506 O  O     . HOH E .  ? 0.1669 0.2197 0.1513 0.1270  0.0469  -0.0085 112 HOH A O     
507 O  O     . HOH E .  ? 0.5315 0.6302 0.3304 -0.0002 0.2631  0.1112  113 HOH A O     
508 O  O     . HOH E .  ? 0.1841 0.3797 0.3236 -0.0050 -0.0615 0.0216  114 HOH A O     
509 O  O     . HOH E .  ? 0.2228 0.1957 0.3896 0.0839  -0.0240 -0.0265 115 HOH A O     
510 O  O     . HOH E .  ? 0.3632 0.3062 0.3558 -0.0270 0.1693  0.0427  116 HOH A O     
511 O  O     . HOH E .  ? 0.1757 0.2004 0.1615 0.0366  -0.0176 -0.0081 117 HOH A O     
512 O  O     . HOH E .  ? 0.1128 0.1865 0.1746 0.0888  -0.0106 -0.0068 118 HOH A O     
513 O  O     . HOH E .  ? 0.2345 0.6893 0.2592 0.1402  -0.0266 -0.1742 119 HOH A O     
514 O  O     . HOH E .  ? 0.1769 0.1407 0.1301 0.0536  0.0387  0.0389  120 HOH A O     
515 O  O     . HOH E .  ? 0.2513 0.2588 0.5620 0.0752  -0.0880 0.1130  121 HOH A O     
516 O  O     . HOH E .  ? 0.3000 0.1266 0.2567 0.0335  -0.0660 0.0239  122 HOH A O     
517 O  O     . HOH E .  ? 0.8341 0.6621 0.7399 0.0956  0.5415  0.2893  123 HOH A O     
518 O  O     . HOH E .  ? 0.4306 0.3746 0.6168 0.1670  -0.0171 0.1498  124 HOH A O     
519 O  O     . HOH E .  ? 0.4984 0.5087 0.4579 -0.1033 -0.1206 -0.1534 125 HOH A O     
520 O  O     . HOH E .  ? 0.4669 0.3549 0.4634 -0.1116 0.0518  0.1386  126 HOH A O     
521 O  O     . HOH E .  ? 0.3147 0.5138 0.9331 -0.0190 -0.0173 0.0498  127 HOH A O     
522 O  O     . HOH E .  ? 0.3134 0.3291 0.6370 0.0615  0.0582  -0.0126 128 HOH A O     
523 O  O     . HOH E .  ? 0.5654 0.1902 0.2220 0.0484  -0.0795 0.0380  129 HOH A O     
524 O  O     . HOH E .  ? 0.3346 0.3618 0.3766 -0.1034 0.0558  -0.0431 130 HOH A O     
525 O  O     . HOH E .  ? 0.3130 0.4657 0.3112 -0.0439 0.1256  -0.0087 131 HOH A O     
526 O  O     . HOH E .  ? 0.6018 0.1864 0.3919 0.1868  -0.1075 0.0750  132 HOH A O     
527 O  O     . HOH E .  ? 0.2163 0.3963 0.4557 0.0936  0.0055  -0.1278 133 HOH A O     
528 O  O     . HOH E .  ? 0.1542 0.1758 0.1947 -0.0267 0.1059  0.0875  134 HOH A O     
529 O  O     . HOH E .  ? 0.7292 0.6686 0.2588 -0.3582 -0.0490 -0.0744 135 HOH A O     
530 O  O     . HOH E .  ? 0.5653 0.2327 0.2535 0.1697  -0.0415 -0.0244 136 HOH A O     
531 O  O     . HOH E .  ? 0.8913 0.8336 1.1326 -0.2769 0.3330  0.2506  137 HOH A O     
532 O  O     . HOH E .  ? 0.2711 0.6694 0.5533 0.0542  -0.2156 -0.0983 138 HOH A O     
533 O  O     . HOH E .  ? 0.2501 0.7149 0.2549 0.0029  -0.0699 0.1289  139 HOH A O     
534 O  O     . HOH E .  ? 0.4019 0.6599 0.6060 0.2495  0.1703  0.0274  140 HOH A O     
535 O  O     . HOH E .  ? 0.2620 1.0322 0.3411 -0.0761 0.1805  0.0655  141 HOH A O     
536 O  O     . HOH E .  ? 0.4396 0.2845 0.5960 0.0041  0.1912  -0.1944 142 HOH A O     
537 O  O     . HOH E .  ? 0.2562 0.1439 0.2008 0.1159  0.0078  0.0245  143 HOH A O     
538 O  O     . HOH E .  ? 0.4529 0.1753 0.6424 0.0414  0.1372  0.1244  144 HOH A O     
539 O  O     . HOH E .  ? 0.2558 0.4021 0.4219 0.2031  0.0376  0.1815  145 HOH A O     
540 O  O     . HOH E .  ? 0.4167 0.4470 0.4161 0.2225  0.0989  -0.0431 146 HOH A O     
541 O  O     . HOH E .  ? 0.4361 0.4647 0.4501 0.0041  0.2237  0.0846  147 HOH A O     
542 O  O     . HOH E .  ? 0.3568 0.5533 0.4014 0.0088  -0.0121 -0.0002 148 HOH A O     
543 O  O     . HOH E .  ? 0.2719 0.2937 0.4389 0.0384  -0.0107 0.1022  149 HOH A O     
544 O  O     . HOH E .  ? 0.5120 0.6023 0.3747 -0.0463 -0.0523 0.0075  150 HOH A O     
545 O  O     . HOH E .  ? 0.3418 0.2297 0.2724 0.1610  0.0841  0.0679  151 HOH A O     
546 O  O     . HOH E .  ? 0.5271 0.4459 0.2383 0.0213  0.0691  0.1302  152 HOH A O     
547 O  O     . HOH E .  ? 0.6850 0.2772 0.4219 -0.0364 -0.0328 0.2067  153 HOH A O     
548 O  O     . HOH E .  ? 0.3656 0.2584 0.6189 -0.0212 0.0348  0.0581  154 HOH A O     
549 O  O     . HOH E .  ? 1.5411 0.8692 0.5059 0.4672  -0.0448 -0.0203 155 HOH A O     
550 O  O     . HOH F .  ? 0.3828 0.3991 0.7441 -0.1256 -0.1151 -0.2031 201 HOH B O     
551 O  O     . HOH F .  ? 0.3966 0.3148 0.3619 -0.0303 -0.0660 -0.0301 202 HOH B O     
552 O  O     . HOH F .  ? 0.2698 0.4455 0.3883 -0.0577 0.0544  -0.0939 203 HOH B O     
553 O  O     . HOH F .  ? 0.3271 0.2890 0.2308 -0.0030 0.0526  -0.0548 204 HOH B O     
554 O  O     . HOH F .  ? 0.2966 0.2697 0.5049 0.0811  0.1214  0.0202  205 HOH B O     
555 O  O     . HOH F .  ? 0.6438 0.3010 1.0239 0.0416  0.3137  -0.1384 206 HOH B O     
556 O  O     . HOH F .  ? 0.5000 0.5007 0.3723 -0.1514 0.0222  0.1706  207 HOH B O     
557 O  O     . HOH F .  ? 0.1284 0.3636 0.4123 -0.0543 0.0908  0.0419  208 HOH B O     
558 O  O     . HOH F .  ? 0.3006 0.4572 0.3639 -0.0512 0.1972  0.0842  209 HOH B O     
559 O  O     . HOH F .  ? 0.1166 0.3183 0.3569 0.0190  -0.0157 -0.0398 210 HOH B O     
560 O  O     . HOH F .  ? 0.1462 0.1406 0.1804 0.0229  0.0301  -0.0324 211 HOH B O     
561 O  O     . HOH F .  ? 0.4773 0.2257 0.3582 -0.0383 -0.0640 -0.0007 212 HOH B O     
562 O  O     . HOH F .  ? 0.2219 0.2692 0.5212 -0.0544 0.1497  0.0411  213 HOH B O     
563 O  O     . HOH F .  ? 0.2549 0.3731 0.1784 0.1504  0.0266  0.0079  214 HOH B O     
564 O  O     . HOH F .  ? 0.4780 0.3268 0.4150 0.0262  0.0020  0.2043  215 HOH B O     
565 O  O     . HOH F .  ? 0.2511 0.4605 0.3016 0.0489  0.0137  0.0596  216 HOH B O     
566 O  O     . HOH F .  ? 0.4646 0.3779 0.3447 -0.0389 0.1324  -0.1017 217 HOH B O     
567 O  O     . HOH F .  ? 0.3544 0.3045 0.4309 -0.1231 0.0905  0.0473  218 HOH B O     
568 O  O     . HOH F .  ? 0.5415 0.2630 0.3305 0.1907  0.0362  -0.0560 219 HOH B O     
569 O  O     . HOH F .  ? 0.9252 0.4352 0.3405 -0.1685 -0.3294 0.1132  220 HOH B O     
570 O  O     . HOH F .  ? 0.4506 0.4650 0.5283 -0.0331 0.1846  0.0497  221 HOH B O     
571 O  O     . HOH F .  ? 0.3490 0.2348 0.3574 -0.1004 0.0694  0.1154  222 HOH B O     
572 O  O     . HOH F .  ? 0.2374 0.2735 0.2089 0.0049  -0.0049 -0.0010 223 HOH B O     
573 O  O     . HOH F .  ? 0.2800 0.5209 0.3709 0.0979  -0.0770 0.0094  224 HOH B O     
574 O  O     . HOH F .  ? 0.5638 0.3930 0.2335 -0.0384 0.0616  0.0793  225 HOH B O     
575 O  O     . HOH F .  ? 0.2620 0.3548 0.2206 -0.0357 0.0931  -0.0560 226 HOH B O     
576 O  O     . HOH F .  ? 0.3355 0.2457 0.3281 -0.0143 -0.0128 0.0284  227 HOH B O     
577 O  O     . HOH F .  ? 0.3645 0.3495 0.2752 -0.0699 0.0881  -0.1477 228 HOH B O     
578 O  O     . HOH F .  ? 0.4324 0.2669 0.3782 0.1109  -0.0065 0.0227  229 HOH B O     
579 O  O     . HOH F .  ? 0.2852 0.4744 1.1719 0.1701  -0.0105 0.0894  230 HOH B O     
580 O  O     . HOH F .  ? 0.6539 0.4699 0.5650 0.1040  -0.2253 0.1862  231 HOH B O     
581 O  O     . HOH F .  ? 0.4570 0.3013 0.3721 0.1259  -0.0198 0.0480  232 HOH B O     
582 O  O     . HOH F .  ? 0.4223 0.3714 0.3485 0.2012  -0.0280 0.1716  233 HOH B O     
583 O  O     . HOH F .  ? 0.2688 0.1943 0.2930 0.0448  0.1606  -0.0115 234 HOH B O     
584 O  O     . HOH F .  ? 0.5570 0.2775 0.3991 -0.1018 0.0589  0.0049  235 HOH B O     
585 O  O     . HOH F .  ? 0.2202 0.2806 0.1225 0.0957  -0.0367 -0.0419 236 HOH B O     
586 O  O     . HOH F .  ? 0.8444 0.5300 0.2718 0.1259  -0.0545 0.1375  237 HOH B O     
587 O  O     . HOH F .  ? 0.2122 0.1741 0.1553 0.0502  0.0010  0.0051  238 HOH B O     
588 O  O     . HOH F .  ? 0.1633 0.3023 0.2313 -0.0279 0.0315  0.0193  239 HOH B O     
589 O  O     . HOH F .  ? 0.2791 1.2545 0.3257 0.1175  -0.1258 0.1871  240 HOH B O     
590 O  O     . HOH F .  ? 0.3205 0.2950 0.8489 -0.0590 -0.0138 0.1348  241 HOH B O     
591 O  O     . HOH F .  ? 0.2573 0.8155 0.7673 -0.1659 -0.0266 -0.0261 242 HOH B O     
592 O  O     . HOH F .  ? 0.7285 0.4987 0.3577 -0.2477 0.2175  -0.2216 243 HOH B O     
593 O  O     . HOH F .  ? 0.5401 0.4176 0.3715 0.0869  0.1350  0.0022  244 HOH B O     
594 O  O     . HOH F .  ? 0.4240 1.2708 0.4943 0.4629  -0.0646 -0.0489 245 HOH B O     
595 O  O     . HOH F .  ? 0.3898 0.2643 0.2482 0.0766  0.0624  0.0550  246 HOH B O     
596 O  O     . HOH F .  ? 0.3141 0.5769 0.4657 -0.1952 0.1363  -0.0829 247 HOH B O     
597 O  O     . HOH F .  ? 0.6127 0.4251 0.6252 -0.0498 0.3013  -0.1843 248 HOH B O     
598 O  O     . HOH F .  ? 0.4557 0.6285 0.3715 -0.0463 0.1298  0.3028  249 HOH B O     
599 O  O     . HOH F .  ? 0.2128 0.4293 0.3252 -0.0449 0.0288  0.0897  250 HOH B O     
600 O  O     . HOH F .  ? 0.4796 0.3100 0.6013 0.1677  0.0316  0.1049  251 HOH B O     
601 O  O     . HOH F .  ? 0.6917 0.5909 0.5017 -0.1250 0.1261  0.0731  252 HOH B O     
602 O  O     . HOH F .  ? 0.4152 0.3392 0.8784 0.0564  -0.2522 -0.0670 253 HOH B O     
603 O  O     . HOH F .  ? 0.4008 0.3717 0.4394 0.0190  -0.0375 0.2619  254 HOH B O     
604 O  O     . HOH F .  ? 0.5405 0.1791 0.6420 -0.0503 0.1967  -0.0098 255 HOH B O     
605 O  O     . HOH F .  ? 0.2656 0.2782 0.9460 0.0266  0.2577  0.1730  256 HOH B O     
# 
